data_6QMG
# 
_entry.id   6QMG 
# 
_audit_conform.dict_name       mmcif_pdbx.dic 
_audit_conform.dict_version    5.383 
_audit_conform.dict_location   http://mmcif.pdb.org/dictionaries/ascii/mmcif_pdbx.dic 
# 
loop_
_database_2.database_id 
_database_2.database_code 
_database_2.pdbx_database_accession 
_database_2.pdbx_DOI 
PDB   6QMG         pdb_00006qmg 10.2210/pdb6qmg/pdb 
WWPDB D_1292100443 ?            ?                   
# 
loop_
_pdbx_audit_revision_history.ordinal 
_pdbx_audit_revision_history.data_content_type 
_pdbx_audit_revision_history.major_revision 
_pdbx_audit_revision_history.minor_revision 
_pdbx_audit_revision_history.revision_date 
1 'Structure model' 1 0 2020-02-26 
2 'Structure model' 1 1 2024-01-24 
# 
_pdbx_audit_revision_details.ordinal             1 
_pdbx_audit_revision_details.revision_ordinal    1 
_pdbx_audit_revision_details.data_content_type   'Structure model' 
_pdbx_audit_revision_details.provider            repository 
_pdbx_audit_revision_details.type                'Initial release' 
_pdbx_audit_revision_details.description         ? 
_pdbx_audit_revision_details.details             ? 
# 
loop_
_pdbx_audit_revision_group.ordinal 
_pdbx_audit_revision_group.revision_ordinal 
_pdbx_audit_revision_group.data_content_type 
_pdbx_audit_revision_group.group 
1 2 'Structure model' 'Data collection'        
2 2 'Structure model' 'Database references'    
3 2 'Structure model' 'Refinement description' 
# 
loop_
_pdbx_audit_revision_category.ordinal 
_pdbx_audit_revision_category.revision_ordinal 
_pdbx_audit_revision_category.data_content_type 
_pdbx_audit_revision_category.category 
1 2 'Structure model' chem_comp_atom                
2 2 'Structure model' chem_comp_bond                
3 2 'Structure model' database_2                    
4 2 'Structure model' pdbx_initial_refinement_model 
5 2 'Structure model' refine                        
# 
loop_
_pdbx_audit_revision_item.ordinal 
_pdbx_audit_revision_item.revision_ordinal 
_pdbx_audit_revision_item.data_content_type 
_pdbx_audit_revision_item.item 
1 2 'Structure model' '_database_2.pdbx_DOI'                
2 2 'Structure model' '_database_2.pdbx_database_accession' 
3 2 'Structure model' '_refine.pdbx_diffrn_id'              
# 
_pdbx_database_PDB_obs_spr.id               SPRSDE 
_pdbx_database_PDB_obs_spr.date             2020-02-26 
_pdbx_database_PDB_obs_spr.pdb_id           6QMG 
_pdbx_database_PDB_obs_spr.replace_pdb_id   6G7V 
_pdbx_database_PDB_obs_spr.details          ? 
# 
_pdbx_database_status.status_code                     REL 
_pdbx_database_status.status_code_sf                  REL 
_pdbx_database_status.status_code_mr                  ? 
_pdbx_database_status.entry_id                        6QMG 
_pdbx_database_status.recvd_initial_deposition_date   2019-02-07 
_pdbx_database_status.SG_entry                        N 
_pdbx_database_status.deposit_site                    PDBE 
_pdbx_database_status.process_site                    PDBE 
_pdbx_database_status.status_code_cs                  ? 
_pdbx_database_status.methods_development_category    ? 
_pdbx_database_status.pdb_format_compatible           Y 
_pdbx_database_status.status_code_nmr_data            ? 
# 
loop_
_audit_author.name 
_audit_author.pdbx_ordinal 
_audit_author.identifier_ORCID 
'Blaszczyk, M.'  1 ? 
'Blundell, T.L.' 2 ? 
# 
_citation.abstract                  ? 
_citation.abstract_id_CAS           ? 
_citation.book_id_ISBN              ? 
_citation.book_publisher            ? 
_citation.book_publisher_city       ? 
_citation.book_title                ? 
_citation.coordinate_linkage        ? 
_citation.country                   ? 
_citation.database_id_Medline       ? 
_citation.details                   ? 
_citation.id                        primary 
_citation.journal_abbrev            'To Be Published' 
_citation.journal_id_ASTM           ? 
_citation.journal_id_CSD            0353 
_citation.journal_id_ISSN           ? 
_citation.journal_full              ? 
_citation.journal_issue             ? 
_citation.journal_volume            ? 
_citation.language                  ? 
_citation.page_first                ? 
_citation.page_last                 ? 
_citation.title                     
'Fragment linking applied to the discovery of Mycobacterium tuberculosis phosphopantetheine adenylyltransferase inhibitors' 
_citation.year                      ? 
_citation.database_id_CSD           ? 
_citation.pdbx_database_id_DOI      ? 
_citation.pdbx_database_id_PubMed   ? 
_citation.unpublished_flag          ? 
# 
loop_
_citation_author.citation_id 
_citation_author.name 
_citation_author.ordinal 
_citation_author.identifier_ORCID 
primary 'Blaszczyk, M.'  1 ? 
primary 'El Bakali, J.'  2 ? 
primary 'Boland, J.A.'   3 ? 
primary 'Spry, C.'       4 ? 
primary 'Dias, M.'       5 ? 
primary 'Blundell, T.L.' 6 ? 
primary 'Abel, C.'       7 ? 
# 
loop_
_entity.id 
_entity.type 
_entity.src_method 
_entity.pdbx_description 
_entity.formula_weight 
_entity.pdbx_number_of_molecules 
_entity.pdbx_ec 
_entity.pdbx_mutation 
_entity.pdbx_fragment 
_entity.details 
1 polymer     man 'Phosphopantetheine adenylyltransferase' 17792.385 1  2.7.7.3 ? ? ? 
2 non-polymer syn 'INDOLYLPROPIONIC ACID'                  189.211   1  ?       ? ? ? 
3 water       nat water                                    18.015    73 ?       ? ? ? 
# 
_entity_name_com.entity_id   1 
_entity_name_com.name        'Dephospho-CoA pyrophosphorylase,Pantetheine-phosphate adenylyltransferase,PPAT' 
# 
_entity_poly.entity_id                      1 
_entity_poly.type                           'polypeptide(L)' 
_entity_poly.nstd_linkage                   no 
_entity_poly.nstd_monomer                   no 
_entity_poly.pdbx_seq_one_letter_code       
;GSMTGAVCPGSFDPVTLGHVDIFERAAAQFDEVVVAILVNPAKTGMFDLDERIAMVKESTTHLPNLRVQVGHGLVVDFVR
SCGMTAIVKGLRTGTDFEYELQMAQMNKHIAGVDTFFVATAPRYSFVSSSLAKEVAMLGGDVSELLPEPVNRRLRDRLNT
ERT
;
_entity_poly.pdbx_seq_one_letter_code_can   
;GSMTGAVCPGSFDPVTLGHVDIFERAAAQFDEVVVAILVNPAKTGMFDLDERIAMVKESTTHLPNLRVQVGHGLVVDFVR
SCGMTAIVKGLRTGTDFEYELQMAQMNKHIAGVDTFFVATAPRYSFVSSSLAKEVAMLGGDVSELLPEPVNRRLRDRLNT
ERT
;
_entity_poly.pdbx_strand_id                 A 
_entity_poly.pdbx_target_identifier         ? 
# 
loop_
_pdbx_entity_nonpoly.entity_id 
_pdbx_entity_nonpoly.name 
_pdbx_entity_nonpoly.comp_id 
2 'INDOLYLPROPIONIC ACID' IOP 
3 water                   HOH 
# 
loop_
_entity_poly_seq.entity_id 
_entity_poly_seq.num 
_entity_poly_seq.mon_id 
_entity_poly_seq.hetero 
1 1   GLY n 
1 2   SER n 
1 3   MET n 
1 4   THR n 
1 5   GLY n 
1 6   ALA n 
1 7   VAL n 
1 8   CYS n 
1 9   PRO n 
1 10  GLY n 
1 11  SER n 
1 12  PHE n 
1 13  ASP n 
1 14  PRO n 
1 15  VAL n 
1 16  THR n 
1 17  LEU n 
1 18  GLY n 
1 19  HIS n 
1 20  VAL n 
1 21  ASP n 
1 22  ILE n 
1 23  PHE n 
1 24  GLU n 
1 25  ARG n 
1 26  ALA n 
1 27  ALA n 
1 28  ALA n 
1 29  GLN n 
1 30  PHE n 
1 31  ASP n 
1 32  GLU n 
1 33  VAL n 
1 34  VAL n 
1 35  VAL n 
1 36  ALA n 
1 37  ILE n 
1 38  LEU n 
1 39  VAL n 
1 40  ASN n 
1 41  PRO n 
1 42  ALA n 
1 43  LYS n 
1 44  THR n 
1 45  GLY n 
1 46  MET n 
1 47  PHE n 
1 48  ASP n 
1 49  LEU n 
1 50  ASP n 
1 51  GLU n 
1 52  ARG n 
1 53  ILE n 
1 54  ALA n 
1 55  MET n 
1 56  VAL n 
1 57  LYS n 
1 58  GLU n 
1 59  SER n 
1 60  THR n 
1 61  THR n 
1 62  HIS n 
1 63  LEU n 
1 64  PRO n 
1 65  ASN n 
1 66  LEU n 
1 67  ARG n 
1 68  VAL n 
1 69  GLN n 
1 70  VAL n 
1 71  GLY n 
1 72  HIS n 
1 73  GLY n 
1 74  LEU n 
1 75  VAL n 
1 76  VAL n 
1 77  ASP n 
1 78  PHE n 
1 79  VAL n 
1 80  ARG n 
1 81  SER n 
1 82  CYS n 
1 83  GLY n 
1 84  MET n 
1 85  THR n 
1 86  ALA n 
1 87  ILE n 
1 88  VAL n 
1 89  LYS n 
1 90  GLY n 
1 91  LEU n 
1 92  ARG n 
1 93  THR n 
1 94  GLY n 
1 95  THR n 
1 96  ASP n 
1 97  PHE n 
1 98  GLU n 
1 99  TYR n 
1 100 GLU n 
1 101 LEU n 
1 102 GLN n 
1 103 MET n 
1 104 ALA n 
1 105 GLN n 
1 106 MET n 
1 107 ASN n 
1 108 LYS n 
1 109 HIS n 
1 110 ILE n 
1 111 ALA n 
1 112 GLY n 
1 113 VAL n 
1 114 ASP n 
1 115 THR n 
1 116 PHE n 
1 117 PHE n 
1 118 VAL n 
1 119 ALA n 
1 120 THR n 
1 121 ALA n 
1 122 PRO n 
1 123 ARG n 
1 124 TYR n 
1 125 SER n 
1 126 PHE n 
1 127 VAL n 
1 128 SER n 
1 129 SER n 
1 130 SER n 
1 131 LEU n 
1 132 ALA n 
1 133 LYS n 
1 134 GLU n 
1 135 VAL n 
1 136 ALA n 
1 137 MET n 
1 138 LEU n 
1 139 GLY n 
1 140 GLY n 
1 141 ASP n 
1 142 VAL n 
1 143 SER n 
1 144 GLU n 
1 145 LEU n 
1 146 LEU n 
1 147 PRO n 
1 148 GLU n 
1 149 PRO n 
1 150 VAL n 
1 151 ASN n 
1 152 ARG n 
1 153 ARG n 
1 154 LEU n 
1 155 ARG n 
1 156 ASP n 
1 157 ARG n 
1 158 LEU n 
1 159 ASN n 
1 160 THR n 
1 161 GLU n 
1 162 ARG n 
1 163 THR n 
# 
_entity_src_gen.entity_id                          1 
_entity_src_gen.pdbx_src_id                        1 
_entity_src_gen.pdbx_alt_source_flag               sample 
_entity_src_gen.pdbx_seq_type                      'Biological sequence' 
_entity_src_gen.pdbx_beg_seq_num                   1 
_entity_src_gen.pdbx_end_seq_num                   163 
_entity_src_gen.gene_src_common_name               ? 
_entity_src_gen.gene_src_genus                     ? 
_entity_src_gen.pdbx_gene_src_gene                 'coaD, kdtB, Rv2965c, MTCY349.22, u0002e' 
_entity_src_gen.gene_src_species                   ? 
_entity_src_gen.gene_src_strain                    'ATCC 25618 / H37Rv' 
_entity_src_gen.gene_src_tissue                    ? 
_entity_src_gen.gene_src_tissue_fraction           ? 
_entity_src_gen.gene_src_details                   ? 
_entity_src_gen.pdbx_gene_src_fragment             ? 
_entity_src_gen.pdbx_gene_src_scientific_name      'Mycobacterium tuberculosis (strain ATCC 25618 / H37Rv)' 
_entity_src_gen.pdbx_gene_src_ncbi_taxonomy_id     83332 
_entity_src_gen.pdbx_gene_src_variant              ? 
_entity_src_gen.pdbx_gene_src_cell_line            ? 
_entity_src_gen.pdbx_gene_src_atcc                 ? 
_entity_src_gen.pdbx_gene_src_organ                ? 
_entity_src_gen.pdbx_gene_src_organelle            ? 
_entity_src_gen.pdbx_gene_src_cell                 ? 
_entity_src_gen.pdbx_gene_src_cellular_location    ? 
_entity_src_gen.host_org_common_name               ? 
_entity_src_gen.pdbx_host_org_scientific_name      'Escherichia coli BL21(DE3)' 
_entity_src_gen.pdbx_host_org_ncbi_taxonomy_id     469008 
_entity_src_gen.host_org_genus                     ? 
_entity_src_gen.pdbx_host_org_gene                 ? 
_entity_src_gen.pdbx_host_org_organ                ? 
_entity_src_gen.host_org_species                   ? 
_entity_src_gen.pdbx_host_org_tissue               ? 
_entity_src_gen.pdbx_host_org_tissue_fraction      ? 
_entity_src_gen.pdbx_host_org_strain               ? 
_entity_src_gen.pdbx_host_org_variant              ? 
_entity_src_gen.pdbx_host_org_cell_line            ? 
_entity_src_gen.pdbx_host_org_atcc                 ? 
_entity_src_gen.pdbx_host_org_culture_collection   ? 
_entity_src_gen.pdbx_host_org_cell                 ? 
_entity_src_gen.pdbx_host_org_organelle            ? 
_entity_src_gen.pdbx_host_org_cellular_location    ? 
_entity_src_gen.pdbx_host_org_vector_type          ? 
_entity_src_gen.pdbx_host_org_vector               ? 
_entity_src_gen.host_org_details                   ? 
_entity_src_gen.expression_system_id               ? 
_entity_src_gen.plasmid_name                       ? 
_entity_src_gen.plasmid_details                    ? 
_entity_src_gen.pdbx_description                   ? 
# 
loop_
_chem_comp.id 
_chem_comp.type 
_chem_comp.mon_nstd_flag 
_chem_comp.name 
_chem_comp.pdbx_synonyms 
_chem_comp.formula 
_chem_comp.formula_weight 
ALA 'L-peptide linking' y ALANINE                 ? 'C3 H7 N O2'     89.093  
ARG 'L-peptide linking' y ARGININE                ? 'C6 H15 N4 O2 1' 175.209 
ASN 'L-peptide linking' y ASPARAGINE              ? 'C4 H8 N2 O3'    132.118 
ASP 'L-peptide linking' y 'ASPARTIC ACID'         ? 'C4 H7 N O4'     133.103 
CYS 'L-peptide linking' y CYSTEINE                ? 'C3 H7 N O2 S'   121.158 
GLN 'L-peptide linking' y GLUTAMINE               ? 'C5 H10 N2 O3'   146.144 
GLU 'L-peptide linking' y 'GLUTAMIC ACID'         ? 'C5 H9 N O4'     147.129 
GLY 'peptide linking'   y GLYCINE                 ? 'C2 H5 N O2'     75.067  
HIS 'L-peptide linking' y HISTIDINE               ? 'C6 H10 N3 O2 1' 156.162 
HOH non-polymer         . WATER                   ? 'H2 O'           18.015  
ILE 'L-peptide linking' y ISOLEUCINE              ? 'C6 H13 N O2'    131.173 
IOP non-polymer         . 'INDOLYLPROPIONIC ACID' ? 'C11 H11 N O2'   189.211 
LEU 'L-peptide linking' y LEUCINE                 ? 'C6 H13 N O2'    131.173 
LYS 'L-peptide linking' y LYSINE                  ? 'C6 H15 N2 O2 1' 147.195 
MET 'L-peptide linking' y METHIONINE              ? 'C5 H11 N O2 S'  149.211 
PHE 'L-peptide linking' y PHENYLALANINE           ? 'C9 H11 N O2'    165.189 
PRO 'L-peptide linking' y PROLINE                 ? 'C5 H9 N O2'     115.130 
SER 'L-peptide linking' y SERINE                  ? 'C3 H7 N O3'     105.093 
THR 'L-peptide linking' y THREONINE               ? 'C4 H9 N O3'     119.119 
TYR 'L-peptide linking' y TYROSINE                ? 'C9 H11 N O3'    181.189 
VAL 'L-peptide linking' y VALINE                  ? 'C5 H11 N O2'    117.146 
# 
loop_
_pdbx_poly_seq_scheme.asym_id 
_pdbx_poly_seq_scheme.entity_id 
_pdbx_poly_seq_scheme.seq_id 
_pdbx_poly_seq_scheme.mon_id 
_pdbx_poly_seq_scheme.ndb_seq_num 
_pdbx_poly_seq_scheme.pdb_seq_num 
_pdbx_poly_seq_scheme.auth_seq_num 
_pdbx_poly_seq_scheme.pdb_mon_id 
_pdbx_poly_seq_scheme.auth_mon_id 
_pdbx_poly_seq_scheme.pdb_strand_id 
_pdbx_poly_seq_scheme.pdb_ins_code 
_pdbx_poly_seq_scheme.hetero 
A 1 1   GLY 1   -1  ?   ?   ?   A . n 
A 1 2   SER 2   0   ?   ?   ?   A . n 
A 1 3   MET 3   1   1   MET MET A . n 
A 1 4   THR 4   2   2   THR THR A . n 
A 1 5   GLY 5   3   3   GLY GLY A . n 
A 1 6   ALA 6   4   4   ALA ALA A . n 
A 1 7   VAL 7   5   5   VAL VAL A . n 
A 1 8   CYS 8   6   6   CYS CYS A . n 
A 1 9   PRO 9   7   7   PRO PRO A . n 
A 1 10  GLY 10  8   8   GLY GLY A . n 
A 1 11  SER 11  9   9   SER SER A . n 
A 1 12  PHE 12  10  10  PHE PHE A . n 
A 1 13  ASP 13  11  11  ASP ASP A . n 
A 1 14  PRO 14  12  12  PRO PRO A . n 
A 1 15  VAL 15  13  13  VAL VAL A . n 
A 1 16  THR 16  14  14  THR THR A . n 
A 1 17  LEU 17  15  15  LEU LEU A . n 
A 1 18  GLY 18  16  16  GLY GLY A . n 
A 1 19  HIS 19  17  17  HIS HIS A . n 
A 1 20  VAL 20  18  18  VAL VAL A . n 
A 1 21  ASP 21  19  19  ASP ASP A . n 
A 1 22  ILE 22  20  20  ILE ILE A . n 
A 1 23  PHE 23  21  21  PHE PHE A . n 
A 1 24  GLU 24  22  22  GLU GLU A . n 
A 1 25  ARG 25  23  23  ARG ARG A . n 
A 1 26  ALA 26  24  24  ALA ALA A . n 
A 1 27  ALA 27  25  25  ALA ALA A . n 
A 1 28  ALA 28  26  26  ALA ALA A . n 
A 1 29  GLN 29  27  27  GLN GLN A . n 
A 1 30  PHE 30  28  28  PHE PHE A . n 
A 1 31  ASP 31  29  29  ASP ASP A . n 
A 1 32  GLU 32  30  30  GLU GLU A . n 
A 1 33  VAL 33  31  31  VAL VAL A . n 
A 1 34  VAL 34  32  32  VAL VAL A . n 
A 1 35  VAL 35  33  33  VAL VAL A . n 
A 1 36  ALA 36  34  34  ALA ALA A . n 
A 1 37  ILE 37  35  35  ILE ILE A . n 
A 1 38  LEU 38  36  36  LEU LEU A . n 
A 1 39  VAL 39  37  37  VAL VAL A . n 
A 1 40  ASN 40  38  ?   ?   ?   A . n 
A 1 41  PRO 41  39  ?   ?   ?   A . n 
A 1 42  ALA 42  40  ?   ?   ?   A . n 
A 1 43  LYS 43  41  ?   ?   ?   A . n 
A 1 44  THR 44  42  ?   ?   ?   A . n 
A 1 45  GLY 45  43  43  GLY GLY A . n 
A 1 46  MET 46  44  44  MET MET A . n 
A 1 47  PHE 47  45  45  PHE PHE A . n 
A 1 48  ASP 48  46  46  ASP ASP A . n 
A 1 49  LEU 49  47  47  LEU LEU A . n 
A 1 50  ASP 50  48  48  ASP ASP A . n 
A 1 51  GLU 51  49  49  GLU GLU A . n 
A 1 52  ARG 52  50  50  ARG ARG A . n 
A 1 53  ILE 53  51  51  ILE ILE A . n 
A 1 54  ALA 54  52  52  ALA ALA A . n 
A 1 55  MET 55  53  53  MET MET A . n 
A 1 56  VAL 56  54  54  VAL VAL A . n 
A 1 57  LYS 57  55  55  LYS LYS A . n 
A 1 58  GLU 58  56  56  GLU GLU A . n 
A 1 59  SER 59  57  57  SER SER A . n 
A 1 60  THR 60  58  58  THR THR A . n 
A 1 61  THR 61  59  59  THR THR A . n 
A 1 62  HIS 62  60  60  HIS HIS A . n 
A 1 63  LEU 63  61  61  LEU LEU A . n 
A 1 64  PRO 64  62  62  PRO PRO A . n 
A 1 65  ASN 65  63  63  ASN ASN A . n 
A 1 66  LEU 66  64  64  LEU LEU A . n 
A 1 67  ARG 67  65  65  ARG ARG A . n 
A 1 68  VAL 68  66  66  VAL VAL A . n 
A 1 69  GLN 69  67  67  GLN GLN A . n 
A 1 70  VAL 70  68  68  VAL VAL A . n 
A 1 71  GLY 71  69  69  GLY GLY A . n 
A 1 72  HIS 72  70  70  HIS HIS A . n 
A 1 73  GLY 73  71  71  GLY GLY A . n 
A 1 74  LEU 74  72  72  LEU LEU A . n 
A 1 75  VAL 75  73  73  VAL VAL A . n 
A 1 76  VAL 76  74  74  VAL VAL A . n 
A 1 77  ASP 77  75  75  ASP ASP A . n 
A 1 78  PHE 78  76  76  PHE PHE A . n 
A 1 79  VAL 79  77  77  VAL VAL A . n 
A 1 80  ARG 80  78  78  ARG ARG A . n 
A 1 81  SER 81  79  79  SER SER A . n 
A 1 82  CYS 82  80  80  CYS CYS A . n 
A 1 83  GLY 83  81  81  GLY GLY A . n 
A 1 84  MET 84  82  82  MET MET A . n 
A 1 85  THR 85  83  83  THR THR A . n 
A 1 86  ALA 86  84  84  ALA ALA A . n 
A 1 87  ILE 87  85  85  ILE ILE A . n 
A 1 88  VAL 88  86  86  VAL VAL A . n 
A 1 89  LYS 89  87  87  LYS LYS A . n 
A 1 90  GLY 90  88  88  GLY GLY A . n 
A 1 91  LEU 91  89  89  LEU LEU A . n 
A 1 92  ARG 92  90  90  ARG ARG A . n 
A 1 93  THR 93  91  91  THR THR A . n 
A 1 94  GLY 94  92  92  GLY GLY A . n 
A 1 95  THR 95  93  93  THR THR A . n 
A 1 96  ASP 96  94  94  ASP ASP A . n 
A 1 97  PHE 97  95  95  PHE PHE A . n 
A 1 98  GLU 98  96  96  GLU GLU A . n 
A 1 99  TYR 99  97  97  TYR TYR A . n 
A 1 100 GLU 100 98  98  GLU GLU A . n 
A 1 101 LEU 101 99  99  LEU LEU A . n 
A 1 102 GLN 102 100 100 GLN GLN A . n 
A 1 103 MET 103 101 101 MET MET A . n 
A 1 104 ALA 104 102 102 ALA ALA A . n 
A 1 105 GLN 105 103 103 GLN GLN A . n 
A 1 106 MET 106 104 104 MET MET A . n 
A 1 107 ASN 107 105 105 ASN ASN A . n 
A 1 108 LYS 108 106 106 LYS LYS A . n 
A 1 109 HIS 109 107 107 HIS HIS A . n 
A 1 110 ILE 110 108 108 ILE ILE A . n 
A 1 111 ALA 111 109 109 ALA ALA A . n 
A 1 112 GLY 112 110 110 GLY GLY A . n 
A 1 113 VAL 113 111 111 VAL VAL A . n 
A 1 114 ASP 114 112 112 ASP ASP A . n 
A 1 115 THR 115 113 113 THR THR A . n 
A 1 116 PHE 116 114 114 PHE PHE A . n 
A 1 117 PHE 117 115 115 PHE PHE A . n 
A 1 118 VAL 118 116 116 VAL VAL A . n 
A 1 119 ALA 119 117 117 ALA ALA A . n 
A 1 120 THR 120 118 118 THR THR A . n 
A 1 121 ALA 121 119 119 ALA ALA A . n 
A 1 122 PRO 122 120 120 PRO PRO A . n 
A 1 123 ARG 123 121 121 ARG ARG A . n 
A 1 124 TYR 124 122 122 TYR TYR A . n 
A 1 125 SER 125 123 123 SER SER A . n 
A 1 126 PHE 126 124 124 PHE PHE A . n 
A 1 127 VAL 127 125 125 VAL VAL A . n 
A 1 128 SER 128 126 126 SER SER A . n 
A 1 129 SER 129 127 127 SER SER A . n 
A 1 130 SER 130 128 128 SER SER A . n 
A 1 131 LEU 131 129 129 LEU LEU A . n 
A 1 132 ALA 132 130 130 ALA ALA A . n 
A 1 133 LYS 133 131 131 LYS LYS A . n 
A 1 134 GLU 134 132 132 GLU GLU A . n 
A 1 135 VAL 135 133 133 VAL VAL A . n 
A 1 136 ALA 136 134 134 ALA ALA A . n 
A 1 137 MET 137 135 135 MET MET A . n 
A 1 138 LEU 138 136 136 LEU LEU A . n 
A 1 139 GLY 139 137 137 GLY GLY A . n 
A 1 140 GLY 140 138 138 GLY GLY A . n 
A 1 141 ASP 141 139 139 ASP ASP A . n 
A 1 142 VAL 142 140 140 VAL VAL A . n 
A 1 143 SER 143 141 141 SER SER A . n 
A 1 144 GLU 144 142 142 GLU GLU A . n 
A 1 145 LEU 145 143 143 LEU LEU A . n 
A 1 146 LEU 146 144 144 LEU LEU A . n 
A 1 147 PRO 147 145 145 PRO PRO A . n 
A 1 148 GLU 148 146 146 GLU GLU A . n 
A 1 149 PRO 149 147 147 PRO PRO A . n 
A 1 150 VAL 150 148 148 VAL VAL A . n 
A 1 151 ASN 151 149 149 ASN ASN A . n 
A 1 152 ARG 152 150 150 ARG ARG A . n 
A 1 153 ARG 153 151 151 ARG ARG A . n 
A 1 154 LEU 154 152 152 LEU LEU A . n 
A 1 155 ARG 155 153 153 ARG ARG A . n 
A 1 156 ASP 156 154 154 ASP ASP A . n 
A 1 157 ARG 157 155 155 ARG ARG A . n 
A 1 158 LEU 158 156 156 LEU LEU A . n 
A 1 159 ASN 159 157 157 ASN ASN A . n 
A 1 160 THR 160 158 ?   ?   ?   A . n 
A 1 161 GLU 161 159 ?   ?   ?   A . n 
A 1 162 ARG 162 160 ?   ?   ?   A . n 
A 1 163 THR 163 161 ?   ?   ?   A . n 
# 
loop_
_pdbx_nonpoly_scheme.asym_id 
_pdbx_nonpoly_scheme.entity_id 
_pdbx_nonpoly_scheme.mon_id 
_pdbx_nonpoly_scheme.ndb_seq_num 
_pdbx_nonpoly_scheme.pdb_seq_num 
_pdbx_nonpoly_scheme.auth_seq_num 
_pdbx_nonpoly_scheme.pdb_mon_id 
_pdbx_nonpoly_scheme.auth_mon_id 
_pdbx_nonpoly_scheme.pdb_strand_id 
_pdbx_nonpoly_scheme.pdb_ins_code 
B 2 IOP 1  201 201 IOP IOP A . 
C 3 HOH 1  301 301 HOH HOH A . 
C 3 HOH 2  302 302 HOH HOH A . 
C 3 HOH 3  303 303 HOH HOH A . 
C 3 HOH 4  304 304 HOH HOH A . 
C 3 HOH 5  305 305 HOH HOH A . 
C 3 HOH 6  306 306 HOH HOH A . 
C 3 HOH 7  307 307 HOH HOH A . 
C 3 HOH 8  308 308 HOH HOH A . 
C 3 HOH 9  309 309 HOH HOH A . 
C 3 HOH 10 310 310 HOH HOH A . 
C 3 HOH 11 311 311 HOH HOH A . 
C 3 HOH 12 312 312 HOH HOH A . 
C 3 HOH 13 313 313 HOH HOH A . 
C 3 HOH 14 314 314 HOH HOH A . 
C 3 HOH 15 315 315 HOH HOH A . 
C 3 HOH 16 316 316 HOH HOH A . 
C 3 HOH 17 317 317 HOH HOH A . 
C 3 HOH 18 318 318 HOH HOH A . 
C 3 HOH 19 319 319 HOH HOH A . 
C 3 HOH 20 320 320 HOH HOH A . 
C 3 HOH 21 321 321 HOH HOH A . 
C 3 HOH 22 322 322 HOH HOH A . 
C 3 HOH 23 323 323 HOH HOH A . 
C 3 HOH 24 324 324 HOH HOH A . 
C 3 HOH 25 325 325 HOH HOH A . 
C 3 HOH 26 326 326 HOH HOH A . 
C 3 HOH 27 327 327 HOH HOH A . 
C 3 HOH 28 328 328 HOH HOH A . 
C 3 HOH 29 329 329 HOH HOH A . 
C 3 HOH 30 330 330 HOH HOH A . 
C 3 HOH 31 331 331 HOH HOH A . 
C 3 HOH 32 332 332 HOH HOH A . 
C 3 HOH 33 333 333 HOH HOH A . 
C 3 HOH 34 334 334 HOH HOH A . 
C 3 HOH 35 335 335 HOH HOH A . 
C 3 HOH 36 336 336 HOH HOH A . 
C 3 HOH 37 337 337 HOH HOH A . 
C 3 HOH 38 338 338 HOH HOH A . 
C 3 HOH 39 339 339 HOH HOH A . 
C 3 HOH 40 340 340 HOH HOH A . 
C 3 HOH 41 341 341 HOH HOH A . 
C 3 HOH 42 342 342 HOH HOH A . 
C 3 HOH 43 343 343 HOH HOH A . 
C 3 HOH 44 344 344 HOH HOH A . 
C 3 HOH 45 345 345 HOH HOH A . 
C 3 HOH 46 346 346 HOH HOH A . 
C 3 HOH 47 347 347 HOH HOH A . 
C 3 HOH 48 348 348 HOH HOH A . 
C 3 HOH 49 349 349 HOH HOH A . 
C 3 HOH 50 350 350 HOH HOH A . 
C 3 HOH 51 351 351 HOH HOH A . 
C 3 HOH 52 352 352 HOH HOH A . 
C 3 HOH 53 353 353 HOH HOH A . 
C 3 HOH 54 354 354 HOH HOH A . 
C 3 HOH 55 355 355 HOH HOH A . 
C 3 HOH 56 356 356 HOH HOH A . 
C 3 HOH 57 357 357 HOH HOH A . 
C 3 HOH 58 358 358 HOH HOH A . 
C 3 HOH 59 359 359 HOH HOH A . 
C 3 HOH 60 360 360 HOH HOH A . 
C 3 HOH 61 361 361 HOH HOH A . 
C 3 HOH 62 362 362 HOH HOH A . 
C 3 HOH 63 363 363 HOH HOH A . 
C 3 HOH 64 364 364 HOH HOH A . 
C 3 HOH 65 365 365 HOH HOH A . 
C 3 HOH 66 366 366 HOH HOH A . 
C 3 HOH 67 367 367 HOH HOH A . 
C 3 HOH 68 368 368 HOH HOH A . 
C 3 HOH 69 369 369 HOH HOH A . 
C 3 HOH 70 370 370 HOH HOH A . 
C 3 HOH 71 371 371 HOH HOH A . 
C 3 HOH 72 372 372 HOH HOH A . 
C 3 HOH 73 373 373 HOH HOH A . 
# 
loop_
_software.citation_id 
_software.classification 
_software.compiler_name 
_software.compiler_version 
_software.contact_author 
_software.contact_author_email 
_software.date 
_software.description 
_software.dependencies 
_software.hardware 
_software.language 
_software.location 
_software.mods 
_software.name 
_software.os 
_software.os_version 
_software.type 
_software.version 
_software.pdbx_ordinal 
? refinement        ? ? ? ? ? ? ? ? ? ? ? PHENIX      ? ? ? .      1 
? 'data scaling'    ? ? ? ? ? ? ? ? ? ? ? SCALA       ? ? ? 3.3.20 2 
? 'data extraction' ? ? ? ? ? ? ? ? ? ? ? PDB_EXTRACT ? ? ? 3.24   3 
? 'data reduction'  ? ? ? ? ? ? ? ? ? ? ? XDS         ? ? ? .      4 
? phasing           ? ? ? ? ? ? ? ? ? ? ? PHASER      ? ? ? .      5 
# 
_cell.entry_id           6QMG 
_cell.length_a           98.094 
_cell.length_b           98.094 
_cell.length_c           113.090 
_cell.angle_alpha        90.00 
_cell.angle_beta         90.00 
_cell.angle_gamma        120.00 
_cell.Z_PDB              18 
_cell.pdbx_unique_axis   ? 
# 
_symmetry.entry_id                         6QMG 
_symmetry.space_group_name_H-M             'H 3 2' 
_symmetry.pdbx_full_space_group_name_H-M   ? 
_symmetry.cell_setting                     ? 
_symmetry.Int_Tables_number                155 
# 
_exptl.absorpt_coefficient_mu     ? 
_exptl.absorpt_correction_T_max   ? 
_exptl.absorpt_correction_T_min   ? 
_exptl.absorpt_correction_type    ? 
_exptl.absorpt_process_details    ? 
_exptl.entry_id                   6QMG 
_exptl.crystals_number            1 
_exptl.details                    ? 
_exptl.method                     'X-RAY DIFFRACTION' 
_exptl.method_details             ? 
# 
_exptl_crystal.colour                      ? 
_exptl_crystal.density_diffrn              ? 
_exptl_crystal.density_Matthews            2.94 
_exptl_crystal.density_method              ? 
_exptl_crystal.density_percent_sol         58.20 
_exptl_crystal.description                 cubes 
_exptl_crystal.F_000                       ? 
_exptl_crystal.id                          1 
_exptl_crystal.preparation                 ? 
_exptl_crystal.size_max                    ? 
_exptl_crystal.size_mid                    ? 
_exptl_crystal.size_min                    ? 
_exptl_crystal.size_rad                    ? 
_exptl_crystal.colour_lustre               ? 
_exptl_crystal.colour_modifier             ? 
_exptl_crystal.colour_primary              ? 
_exptl_crystal.density_meas                ? 
_exptl_crystal.density_meas_esd            ? 
_exptl_crystal.density_meas_gt             ? 
_exptl_crystal.density_meas_lt             ? 
_exptl_crystal.density_meas_temp           ? 
_exptl_crystal.density_meas_temp_esd       ? 
_exptl_crystal.density_meas_temp_gt        ? 
_exptl_crystal.density_meas_temp_lt        ? 
_exptl_crystal.pdbx_crystal_image_url      ? 
_exptl_crystal.pdbx_crystal_image_format   ? 
_exptl_crystal.pdbx_mosaicity              ? 
_exptl_crystal.pdbx_mosaicity_esd          ? 
# 
_exptl_crystal_grow.apparatus       ? 
_exptl_crystal_grow.atmosphere      ? 
_exptl_crystal_grow.crystal_id      1 
_exptl_crystal_grow.details         ? 
_exptl_crystal_grow.method          'VAPOR DIFFUSION, SITTING DROP' 
_exptl_crystal_grow.method_ref      ? 
_exptl_crystal_grow.pH              7.5 
_exptl_crystal_grow.pressure        ? 
_exptl_crystal_grow.pressure_esd    ? 
_exptl_crystal_grow.seeding         ? 
_exptl_crystal_grow.seeding_ref     ? 
_exptl_crystal_grow.temp            293 
_exptl_crystal_grow.temp_details    ? 
_exptl_crystal_grow.temp_esd        ? 
_exptl_crystal_grow.time            ? 
_exptl_crystal_grow.pdbx_details    'MPD, CoHexamine Chloride, Cacodylate/Tris' 
_exptl_crystal_grow.pdbx_pH_range   6.5-8.5 
# 
_diffrn.ambient_environment              ? 
_diffrn.ambient_temp                     100 
_diffrn.ambient_temp_details             ? 
_diffrn.ambient_temp_esd                 ? 
_diffrn.crystal_id                       1 
_diffrn.crystal_support                  ? 
_diffrn.crystal_treatment                ? 
_diffrn.details                          ? 
_diffrn.id                               1 
_diffrn.ambient_pressure                 ? 
_diffrn.ambient_pressure_esd             ? 
_diffrn.ambient_pressure_gt              ? 
_diffrn.ambient_pressure_lt              ? 
_diffrn.ambient_temp_gt                  ? 
_diffrn.ambient_temp_lt                  ? 
_diffrn.pdbx_serial_crystal_experiment   N 
# 
_diffrn_detector.details                      ? 
_diffrn_detector.detector                     PIXEL 
_diffrn_detector.diffrn_id                    1 
_diffrn_detector.type                         'DECTRIS PILATUS3 6M' 
_diffrn_detector.area_resol_mean              ? 
_diffrn_detector.dtime                        ? 
_diffrn_detector.pdbx_frames_total            ? 
_diffrn_detector.pdbx_collection_time_total   ? 
_diffrn_detector.pdbx_collection_date         2012-07-02 
_diffrn_detector.pdbx_frequency               ? 
# 
_diffrn_radiation.collimation                      ? 
_diffrn_radiation.diffrn_id                        1 
_diffrn_radiation.filter_edge                      ? 
_diffrn_radiation.inhomogeneity                    ? 
_diffrn_radiation.monochromator                    ? 
_diffrn_radiation.polarisn_norm                    ? 
_diffrn_radiation.polarisn_ratio                   ? 
_diffrn_radiation.probe                            ? 
_diffrn_radiation.type                             ? 
_diffrn_radiation.xray_symbol                      ? 
_diffrn_radiation.wavelength_id                    1 
_diffrn_radiation.pdbx_monochromatic_or_laue_m_l   M 
_diffrn_radiation.pdbx_wavelength_list             ? 
_diffrn_radiation.pdbx_wavelength                  ? 
_diffrn_radiation.pdbx_diffrn_protocol             'SINGLE WAVELENGTH' 
_diffrn_radiation.pdbx_analyzer                    ? 
_diffrn_radiation.pdbx_scattering_type             x-ray 
# 
_diffrn_radiation_wavelength.id           1 
_diffrn_radiation_wavelength.wavelength   0.98 
_diffrn_radiation_wavelength.wt           1.0 
# 
_diffrn_source.current                     ? 
_diffrn_source.details                     ? 
_diffrn_source.diffrn_id                   1 
_diffrn_source.power                       ? 
_diffrn_source.size                        ? 
_diffrn_source.source                      SYNCHROTRON 
_diffrn_source.target                      ? 
_diffrn_source.type                        'DIAMOND BEAMLINE I03' 
_diffrn_source.voltage                     ? 
_diffrn_source.take-off_angle              ? 
_diffrn_source.pdbx_wavelength_list        0.98 
_diffrn_source.pdbx_wavelength             ? 
_diffrn_source.pdbx_synchrotron_beamline   I03 
_diffrn_source.pdbx_synchrotron_site       Diamond 
# 
_reflns.B_iso_Wilson_estimate            29.04 
_reflns.entry_id                         6QMG 
_reflns.data_reduction_details           ? 
_reflns.data_reduction_method            ? 
_reflns.d_resolution_high                1.648 
_reflns.d_resolution_low                 67.923 
_reflns.details                          ? 
_reflns.limit_h_max                      ? 
_reflns.limit_h_min                      ? 
_reflns.limit_k_max                      ? 
_reflns.limit_k_min                      ? 
_reflns.limit_l_max                      ? 
_reflns.limit_l_min                      ? 
_reflns.number_all                       25454 
_reflns.number_obs                       25454 
_reflns.observed_criterion               ? 
_reflns.observed_criterion_F_max         ? 
_reflns.observed_criterion_F_min         ? 
_reflns.observed_criterion_I_max         ? 
_reflns.observed_criterion_I_min         ? 
_reflns.observed_criterion_sigma_F       ? 
_reflns.observed_criterion_sigma_I       ? 
_reflns.percent_possible_obs             100.000 
_reflns.R_free_details                   ? 
_reflns.Rmerge_F_all                     ? 
_reflns.Rmerge_F_obs                     ? 
_reflns.Friedel_coverage                 ? 
_reflns.number_gt                        ? 
_reflns.threshold_expression             ? 
_reflns.pdbx_redundancy                  19.700 
_reflns.pdbx_Rmerge_I_obs                ? 
_reflns.pdbx_Rmerge_I_all                ? 
_reflns.pdbx_Rsym_value                  0.067 
_reflns.pdbx_netI_over_av_sigmaI         5.100 
_reflns.pdbx_netI_over_sigmaI            26.400 
_reflns.pdbx_res_netI_over_av_sigmaI_2   ? 
_reflns.pdbx_res_netI_over_sigmaI_2      ? 
_reflns.pdbx_chi_squared                 ? 
_reflns.pdbx_scaling_rejects             ? 
_reflns.pdbx_d_res_high_opt              ? 
_reflns.pdbx_d_res_low_opt               ? 
_reflns.pdbx_d_res_opt_method            ? 
_reflns.phase_calculation_details        ? 
_reflns.pdbx_Rrim_I_all                  0.072 
_reflns.pdbx_Rpim_I_all                  0.016 
_reflns.pdbx_d_opt                       ? 
_reflns.pdbx_number_measured_all         501122 
_reflns.pdbx_diffrn_id                   1 
_reflns.pdbx_ordinal                     1 
_reflns.pdbx_CC_half                     ? 
_reflns.pdbx_R_split                     ? 
# 
loop_
_reflns_shell.d_res_high 
_reflns_shell.d_res_low 
_reflns_shell.meanI_over_sigI_all 
_reflns_shell.meanI_over_sigI_obs 
_reflns_shell.number_measured_all 
_reflns_shell.number_measured_obs 
_reflns_shell.number_possible 
_reflns_shell.number_unique_all 
_reflns_shell.number_unique_obs 
_reflns_shell.percent_possible_all 
_reflns_shell.percent_possible_obs 
_reflns_shell.Rmerge_F_all 
_reflns_shell.Rmerge_F_obs 
_reflns_shell.Rmerge_I_all 
_reflns_shell.Rmerge_I_obs 
_reflns_shell.meanI_over_sigI_gt 
_reflns_shell.meanI_over_uI_all 
_reflns_shell.meanI_over_uI_gt 
_reflns_shell.number_measured_gt 
_reflns_shell.number_unique_gt 
_reflns_shell.percent_possible_gt 
_reflns_shell.Rmerge_F_gt 
_reflns_shell.Rmerge_I_gt 
_reflns_shell.pdbx_redundancy 
_reflns_shell.pdbx_Rsym_value 
_reflns_shell.pdbx_chi_squared 
_reflns_shell.pdbx_netI_over_sigmaI_all 
_reflns_shell.pdbx_netI_over_sigmaI_obs 
_reflns_shell.pdbx_Rrim_I_all 
_reflns_shell.pdbx_Rpim_I_all 
_reflns_shell.pdbx_rejects 
_reflns_shell.pdbx_ordinal 
_reflns_shell.pdbx_diffrn_id 
_reflns_shell.pdbx_CC_half 
_reflns_shell.pdbx_R_split 
1.650 1.740  ? 0.500  ? ? ? ? 3690 100.000 ? ? ? ? 1.589 ? ? ? ? ? ? ? ? 19.700 1.589 ? ? ? 1.672 0.375 ? 1  1 ? ? 
1.740 1.840  ? 0.900  ? ? ? ? 3490 100.000 ? ? ? ? 0.824 ? ? ? ? ? ? ? ? 19.800 0.824 ? ? ? 0.865 0.194 ? 2  1 ? ? 
1.840 1.970  ? 1.600  ? ? ? ? 3262 100.000 ? ? ? ? 0.439 ? ? ? ? ? ? ? ? 20.500 0.439 ? ? ? 0.459 0.101 ? 3  1 ? ? 
1.970 2.130  ? 3.200  ? ? ? ? 3069 100.000 ? ? ? ? 0.216 ? ? ? ? ? ? ? ? 19.900 0.216 ? ? ? 0.226 0.050 ? 4  1 ? ? 
2.130 2.330  ? 5.900  ? ? ? ? 2803 100.000 ? ? ? ? 0.119 ? ? ? ? ? ? ? ? 20.100 0.119 ? ? ? 0.125 0.028 ? 5  1 ? ? 
2.330 2.610  ? 8.100  ? ? ? ? 2554 100.000 ? ? ? ? 0.086 ? ? ? ? ? ? ? ? 19.900 0.086 ? ? ? 0.091 0.020 ? 6  1 ? ? 
2.610 3.010  ? 10.700 ? ? ? ? 2269 100.000 ? ? ? ? 0.061 ? ? ? ? ? ? ? ? 19.500 0.061 ? ? ? 0.065 0.015 ? 7  1 ? ? 
3.010 3.690  ? 11.500 ? ? ? ? 1930 100.000 ? ? ? ? 0.051 ? ? ? ? ? ? ? ? 19.000 0.051 ? ? ? 0.055 0.013 ? 8  1 ? ? 
3.690 5.210  ? 12.200 ? ? ? ? 1516 100.000 ? ? ? ? 0.047 ? ? ? ? ? ? ? ? 18.500 0.047 ? ? ? 0.051 0.012 ? 9  1 ? ? 
5.210 67.923 ? 10.800 ? ? ? ? 871  100.000 ? ? ? ? 0.048 ? ? ? ? ? ? ? ? 17.100 0.048 ? ? ? 0.053 0.013 ? 10 1 ? ? 
# 
_refine.pdbx_refine_id                           'X-RAY DIFFRACTION' 
_refine.entry_id                                 6QMG 
_refine.pdbx_diffrn_id                           1 
_refine.pdbx_TLS_residual_ADP_flag               ? 
_refine.ls_number_reflns_obs                     25454 
_refine.ls_number_reflns_all                     ? 
_refine.pdbx_ls_sigma_I                          ? 
_refine.pdbx_ls_sigma_F                          1.350 
_refine.pdbx_data_cutoff_high_absF               ? 
_refine.pdbx_data_cutoff_low_absF                ? 
_refine.pdbx_data_cutoff_high_rms_absF           ? 
_refine.ls_d_res_low                             67.92 
_refine.ls_d_res_high                            1.65 
_refine.ls_percent_reflns_obs                    100.0 
_refine.ls_R_factor_obs                          0.213 
_refine.ls_R_factor_all                          ? 
_refine.ls_R_factor_R_work                       0.212 
_refine.ls_R_factor_R_free                       0.227 
_refine.ls_R_factor_R_free_error                 ? 
_refine.ls_R_factor_R_free_error_details         ? 
_refine.ls_percent_reflns_R_free                 5.090 
_refine.ls_number_reflns_R_free                  1295 
_refine.ls_number_parameters                     ? 
_refine.ls_number_restraints                     ? 
_refine.occupancy_min                            ? 
_refine.occupancy_max                            ? 
_refine.correlation_coeff_Fo_to_Fc               ? 
_refine.correlation_coeff_Fo_to_Fc_free          ? 
_refine.B_iso_mean                               35.50 
_refine.aniso_B[1][1]                            ? 
_refine.aniso_B[2][2]                            ? 
_refine.aniso_B[3][3]                            ? 
_refine.aniso_B[1][2]                            ? 
_refine.aniso_B[1][3]                            ? 
_refine.aniso_B[2][3]                            ? 
_refine.solvent_model_details                    ? 
_refine.solvent_model_param_ksol                 ? 
_refine.solvent_model_param_bsol                 ? 
_refine.pdbx_solvent_vdw_probe_radii             1.11 
_refine.pdbx_solvent_ion_probe_radii             ? 
_refine.pdbx_solvent_shrinkage_radii             0.90 
_refine.pdbx_ls_cross_valid_method               THROUGHOUT 
_refine.details                                  ? 
_refine.pdbx_starting_model                      1TFU 
_refine.pdbx_method_to_determine_struct          'MOLECULAR REPLACEMENT' 
_refine.pdbx_isotropic_thermal_model             ? 
_refine.pdbx_stereochemistry_target_values       ? 
_refine.pdbx_stereochem_target_val_spec_case     ? 
_refine.pdbx_R_Free_selection_details            ? 
_refine.pdbx_overall_ESU_R                       ? 
_refine.pdbx_overall_ESU_R_Free                  ? 
_refine.overall_SU_ML                            0.240 
_refine.pdbx_overall_phase_error                 26.060 
_refine.overall_SU_B                             ? 
_refine.overall_SU_R_Cruickshank_DPI             ? 
_refine.pdbx_overall_SU_R_free_Cruickshank_DPI   ? 
_refine.pdbx_overall_SU_R_Blow_DPI               ? 
_refine.pdbx_overall_SU_R_free_Blow_DPI          ? 
# 
_refine_hist.pdbx_refine_id                   'X-RAY DIFFRACTION' 
_refine_hist.cycle_id                         LAST 
_refine_hist.pdbx_number_atoms_protein        1164 
_refine_hist.pdbx_number_atoms_nucleic_acid   0 
_refine_hist.pdbx_number_atoms_ligand         14 
_refine_hist.number_atoms_solvent             73 
_refine_hist.number_atoms_total               1251 
_refine_hist.d_res_high                       1.65 
_refine_hist.d_res_low                        67.92 
# 
loop_
_refine_ls_restr.type 
_refine_ls_restr.dev_ideal 
_refine_ls_restr.dev_ideal_target 
_refine_ls_restr.weight 
_refine_ls_restr.number 
_refine_ls_restr.pdbx_refine_id 
_refine_ls_restr.pdbx_restraint_function 
f_bond_d           0.007  ? ? 1199 'X-RAY DIFFRACTION' ? 
f_angle_d          1.030  ? ? 1622 'X-RAY DIFFRACTION' ? 
f_dihedral_angle_d 14.989 ? ? 437  'X-RAY DIFFRACTION' ? 
f_chiral_restr     0.053  ? ? 188  'X-RAY DIFFRACTION' ? 
f_plane_restr      0.005  ? ? 211  'X-RAY DIFFRACTION' ? 
# 
loop_
_refine_ls_shell.pdbx_refine_id 
_refine_ls_shell.pdbx_total_number_of_bins_used 
_refine_ls_shell.d_res_high 
_refine_ls_shell.d_res_low 
_refine_ls_shell.number_reflns_R_work 
_refine_ls_shell.R_factor_R_work 
_refine_ls_shell.percent_reflns_obs 
_refine_ls_shell.R_factor_R_free 
_refine_ls_shell.R_factor_R_free_error 
_refine_ls_shell.percent_reflns_R_free 
_refine_ls_shell.number_reflns_R_free 
_refine_ls_shell.number_reflns_all 
_refine_ls_shell.R_factor_all 
'X-RAY DIFFRACTION' . 1.6482 1.7142  2694 0.3096 100.00 0.3688 . . 136 . . 
'X-RAY DIFFRACTION' . 1.7142 1.7922  2646 0.2928 100.00 0.3242 . . 136 . . 
'X-RAY DIFFRACTION' . 1.7922 1.8867  2662 0.2541 100.00 0.2925 . . 148 . . 
'X-RAY DIFFRACTION' . 1.8867 2.0049  2652 0.2449 100.00 0.2681 . . 137 . . 
'X-RAY DIFFRACTION' . 2.0049 2.1598  2652 0.2349 100.00 0.2784 . . 141 . . 
'X-RAY DIFFRACTION' . 2.1598 2.3771  2668 0.2174 100.00 0.2412 . . 158 . . 
'X-RAY DIFFRACTION' . 2.3771 2.7211  2687 0.2223 100.00 0.2324 . . 156 . . 
'X-RAY DIFFRACTION' . 2.7211 3.4283  2697 0.2063 100.00 0.2022 . . 142 . . 
'X-RAY DIFFRACTION' . 3.4283 67.9805 2801 0.1903 100.00 0.2000 . . 141 . . 
# 
_struct.entry_id                     6QMG 
_struct.title                        
;Phosphopantetheine adenylyltransferase from Mycobacterium tuberculosis in complex with 5-methyl-1-phenyl-1H-pyrazole-4-carboxylic acid at 1.8A resolution.
;
_struct.pdbx_model_details           ? 
_struct.pdbx_formula_weight          ? 
_struct.pdbx_formula_weight_method   ? 
_struct.pdbx_model_type_details      ? 
_struct.pdbx_CASP_flag               N 
# 
_struct_keywords.entry_id        6QMG 
_struct_keywords.text            'CoaD, PPAT, Transferase, Complex' 
_struct_keywords.pdbx_keywords   TRANSFERASE 
# 
loop_
_struct_asym.id 
_struct_asym.pdbx_blank_PDB_chainid_flag 
_struct_asym.pdbx_modified 
_struct_asym.entity_id 
_struct_asym.details 
A N N 1 ? 
B N N 2 ? 
C N N 3 ? 
# 
_struct_ref.id                         1 
_struct_ref.db_name                    UNP 
_struct_ref.db_code                    COAD_MYCTU 
_struct_ref.pdbx_db_accession          P9WPA5 
_struct_ref.pdbx_db_isoform            ? 
_struct_ref.entity_id                  1 
_struct_ref.pdbx_seq_one_letter_code   
;MTGAVCPGSFDPVTLGHVDIFERAAAQFDEVVVAILVNPAKTGMFDLDERIAMVKESTTHLPNLRVQVGHGLVVDFVRSC
GMTAIVKGLRTGTDFEYELQMAQMNKHIAGVDTFFVATAPRYSFVSSSLAKEVAMLGGDVSELLPEPVNRRLRDRLNTER
T
;
_struct_ref.pdbx_align_begin           1 
# 
_struct_ref_seq.align_id                      1 
_struct_ref_seq.ref_id                        1 
_struct_ref_seq.pdbx_PDB_id_code              6QMG 
_struct_ref_seq.pdbx_strand_id                A 
_struct_ref_seq.seq_align_beg                 3 
_struct_ref_seq.pdbx_seq_align_beg_ins_code   ? 
_struct_ref_seq.seq_align_end                 163 
_struct_ref_seq.pdbx_seq_align_end_ins_code   ? 
_struct_ref_seq.pdbx_db_accession             P9WPA5 
_struct_ref_seq.db_align_beg                  1 
_struct_ref_seq.pdbx_db_align_beg_ins_code    ? 
_struct_ref_seq.db_align_end                  161 
_struct_ref_seq.pdbx_db_align_end_ins_code    ? 
_struct_ref_seq.pdbx_auth_seq_align_beg       1 
_struct_ref_seq.pdbx_auth_seq_align_end       161 
# 
loop_
_struct_ref_seq_dif.align_id 
_struct_ref_seq_dif.pdbx_pdb_id_code 
_struct_ref_seq_dif.mon_id 
_struct_ref_seq_dif.pdbx_pdb_strand_id 
_struct_ref_seq_dif.seq_num 
_struct_ref_seq_dif.pdbx_pdb_ins_code 
_struct_ref_seq_dif.pdbx_seq_db_name 
_struct_ref_seq_dif.pdbx_seq_db_accession_code 
_struct_ref_seq_dif.db_mon_id 
_struct_ref_seq_dif.pdbx_seq_db_seq_num 
_struct_ref_seq_dif.details 
_struct_ref_seq_dif.pdbx_auth_seq_num 
_struct_ref_seq_dif.pdbx_ordinal 
1 6QMG GLY A 1 ? UNP P9WPA5 ? ? 'expression tag' -1 1 
1 6QMG SER A 2 ? UNP P9WPA5 ? ? 'expression tag' 0  2 
# 
_pdbx_struct_assembly.id                   1 
_pdbx_struct_assembly.details              author_and_software_defined_assembly 
_pdbx_struct_assembly.method_details       PISA 
_pdbx_struct_assembly.oligomeric_details   hexameric 
_pdbx_struct_assembly.oligomeric_count     6 
# 
loop_
_pdbx_struct_assembly_prop.biol_id 
_pdbx_struct_assembly_prop.type 
_pdbx_struct_assembly_prop.value 
_pdbx_struct_assembly_prop.details 
1 'ABSA (A^2)' 15830 ? 
1 MORE         -47   ? 
1 'SSA (A^2)'  34820 ? 
# 
_pdbx_struct_assembly_gen.assembly_id       1 
_pdbx_struct_assembly_gen.oper_expression   1,2,3,4,5,6 
_pdbx_struct_assembly_gen.asym_id_list      A,B,C 
# 
_pdbx_struct_assembly_auth_evidence.id                     1 
_pdbx_struct_assembly_auth_evidence.assembly_id            1 
_pdbx_struct_assembly_auth_evidence.experimental_support   'gel filtration' 
_pdbx_struct_assembly_auth_evidence.details                ? 
# 
loop_
_pdbx_struct_oper_list.id 
_pdbx_struct_oper_list.type 
_pdbx_struct_oper_list.name 
_pdbx_struct_oper_list.symmetry_operation 
_pdbx_struct_oper_list.matrix[1][1] 
_pdbx_struct_oper_list.matrix[1][2] 
_pdbx_struct_oper_list.matrix[1][3] 
_pdbx_struct_oper_list.vector[1] 
_pdbx_struct_oper_list.matrix[2][1] 
_pdbx_struct_oper_list.matrix[2][2] 
_pdbx_struct_oper_list.matrix[2][3] 
_pdbx_struct_oper_list.vector[2] 
_pdbx_struct_oper_list.matrix[3][1] 
_pdbx_struct_oper_list.matrix[3][2] 
_pdbx_struct_oper_list.matrix[3][3] 
_pdbx_struct_oper_list.vector[3] 
1 'identity operation'         1_555 x,y,z      1.0000000000  0.0000000000  0.0000000000  0.0000000000   0.0000000000  1.0000000000  0.0000000000  0.0000000000   0.0000000000  0.0000000000  1.0000000000  0.0000000000   
2 'crystal symmetry operation' 2_555 -y,x-y,z   -0.4037166313 0.2019834516  0.8923091207  -33.1601324694 0.5199253132  0.8531731177  0.0421105690  9.6540099040   -0.7527885164 0.4809348361  -0.4494564863 -4.1841550789  
3 'crystal symmetry operation' 3_555 -x+y,-x,z  -0.4037166313 0.5199253132  -0.7527885164 -21.5564449909 0.2019834516  0.8531731177  0.4809348361  0.4735622220   0.8923091207  0.0421105690  -0.4494564863 27.3019571555  
4 'crystal symmetry operation' 4_555 y,x,-z     0.1172014819  -0.1071968550 -0.9873057515 -14.7206417684 -0.1071968550 -0.9897143300 0.0947332001  -20.6709992621 -0.9873057515 0.0947332001  -0.1274871519 -14.4130191338 
5 'crystal symmetry operation' 5_555 x-y,-y,-z  0.6401818859  -0.5426144449 0.5438168047  -15.5108975601 -0.5426144449 -0.8204891553 -0.1799086163 -27.0674276928 0.5438168047  -0.1799086163 -0.8196927307 19.7741516391  
6 'crystal symmetry operation' 6_555 -x,-x+y,-z -0.9499501052 -0.0720974648 0.3039683424  -44.2532327732 -0.0720974648 -0.8961427500 -0.4378699889 -16.2425057002 0.3039683424  -0.4378699889 0.8460928552  3.4339962942 
# 
loop_
_struct_conf.conf_type_id 
_struct_conf.id 
_struct_conf.pdbx_PDB_helix_id 
_struct_conf.beg_label_comp_id 
_struct_conf.beg_label_asym_id 
_struct_conf.beg_label_seq_id 
_struct_conf.pdbx_beg_PDB_ins_code 
_struct_conf.end_label_comp_id 
_struct_conf.end_label_asym_id 
_struct_conf.end_label_seq_id 
_struct_conf.pdbx_end_PDB_ins_code 
_struct_conf.beg_auth_comp_id 
_struct_conf.beg_auth_asym_id 
_struct_conf.beg_auth_seq_id 
_struct_conf.end_auth_comp_id 
_struct_conf.end_auth_asym_id 
_struct_conf.end_auth_seq_id 
_struct_conf.pdbx_PDB_helix_class 
_struct_conf.details 
_struct_conf.pdbx_PDB_helix_length 
HELX_P HELX_P1 AA1 THR A 16  ? PHE A 30  ? THR A 14  PHE A 28  1 ? 15 
HELX_P HELX_P2 AA2 ASP A 48  ? THR A 60  ? ASP A 46  THR A 58  1 ? 13 
HELX_P HELX_P3 AA3 LEU A 74  ? CYS A 82  ? LEU A 72  CYS A 80  1 ? 9  
HELX_P HELX_P4 AA4 ASP A 96  ? GLY A 112 ? ASP A 94  GLY A 110 1 ? 17 
HELX_P HELX_P5 AA5 ALA A 121 ? SER A 125 ? ALA A 119 SER A 123 5 ? 5  
HELX_P HELX_P6 AA6 SER A 128 ? LEU A 138 ? SER A 126 LEU A 136 1 ? 11 
HELX_P HELX_P7 AA7 VAL A 142 ? LEU A 146 ? VAL A 140 LEU A 144 5 ? 5  
HELX_P HELX_P8 AA8 PRO A 147 ? ASN A 159 ? PRO A 145 ASN A 157 1 ? 13 
# 
_struct_conf_type.id          HELX_P 
_struct_conf_type.criteria    ? 
_struct_conf_type.reference   ? 
# 
_struct_mon_prot_cis.pdbx_id                1 
_struct_mon_prot_cis.label_comp_id          ASP 
_struct_mon_prot_cis.label_seq_id           13 
_struct_mon_prot_cis.label_asym_id          A 
_struct_mon_prot_cis.label_alt_id           . 
_struct_mon_prot_cis.pdbx_PDB_ins_code      ? 
_struct_mon_prot_cis.auth_comp_id           ASP 
_struct_mon_prot_cis.auth_seq_id            11 
_struct_mon_prot_cis.auth_asym_id           A 
_struct_mon_prot_cis.pdbx_label_comp_id_2   PRO 
_struct_mon_prot_cis.pdbx_label_seq_id_2    14 
_struct_mon_prot_cis.pdbx_label_asym_id_2   A 
_struct_mon_prot_cis.pdbx_PDB_ins_code_2    ? 
_struct_mon_prot_cis.pdbx_auth_comp_id_2    PRO 
_struct_mon_prot_cis.pdbx_auth_seq_id_2     12 
_struct_mon_prot_cis.pdbx_auth_asym_id_2    A 
_struct_mon_prot_cis.pdbx_PDB_model_num     1 
_struct_mon_prot_cis.pdbx_omega_angle       -0.25 
# 
_struct_sheet.id               AA1 
_struct_sheet.type             ? 
_struct_sheet.number_strands   5 
_struct_sheet.details          ? 
# 
loop_
_struct_sheet_order.sheet_id 
_struct_sheet_order.range_id_1 
_struct_sheet_order.range_id_2 
_struct_sheet_order.offset 
_struct_sheet_order.sense 
AA1 1 2 ? parallel 
AA1 2 3 ? parallel 
AA1 3 4 ? parallel 
AA1 4 5 ? parallel 
# 
loop_
_struct_sheet_range.sheet_id 
_struct_sheet_range.id 
_struct_sheet_range.beg_label_comp_id 
_struct_sheet_range.beg_label_asym_id 
_struct_sheet_range.beg_label_seq_id 
_struct_sheet_range.pdbx_beg_PDB_ins_code 
_struct_sheet_range.end_label_comp_id 
_struct_sheet_range.end_label_asym_id 
_struct_sheet_range.end_label_seq_id 
_struct_sheet_range.pdbx_end_PDB_ins_code 
_struct_sheet_range.beg_auth_comp_id 
_struct_sheet_range.beg_auth_asym_id 
_struct_sheet_range.beg_auth_seq_id 
_struct_sheet_range.end_auth_comp_id 
_struct_sheet_range.end_auth_asym_id 
_struct_sheet_range.end_auth_seq_id 
AA1 1 LEU A 66  ? GLY A 71  ? LEU A 64  GLY A 69  
AA1 2 GLU A 32  ? LEU A 38  ? GLU A 30  LEU A 36  
AA1 3 GLY A 5   ? GLY A 10  ? GLY A 3   GLY A 8   
AA1 4 ALA A 86  ? LEU A 91  ? ALA A 84  LEU A 89  
AA1 5 ASP A 114 ? ALA A 119 ? ASP A 112 ALA A 117 
# 
loop_
_pdbx_struct_sheet_hbond.sheet_id 
_pdbx_struct_sheet_hbond.range_id_1 
_pdbx_struct_sheet_hbond.range_id_2 
_pdbx_struct_sheet_hbond.range_1_label_atom_id 
_pdbx_struct_sheet_hbond.range_1_label_comp_id 
_pdbx_struct_sheet_hbond.range_1_label_asym_id 
_pdbx_struct_sheet_hbond.range_1_label_seq_id 
_pdbx_struct_sheet_hbond.range_1_PDB_ins_code 
_pdbx_struct_sheet_hbond.range_1_auth_atom_id 
_pdbx_struct_sheet_hbond.range_1_auth_comp_id 
_pdbx_struct_sheet_hbond.range_1_auth_asym_id 
_pdbx_struct_sheet_hbond.range_1_auth_seq_id 
_pdbx_struct_sheet_hbond.range_2_label_atom_id 
_pdbx_struct_sheet_hbond.range_2_label_comp_id 
_pdbx_struct_sheet_hbond.range_2_label_asym_id 
_pdbx_struct_sheet_hbond.range_2_label_seq_id 
_pdbx_struct_sheet_hbond.range_2_PDB_ins_code 
_pdbx_struct_sheet_hbond.range_2_auth_atom_id 
_pdbx_struct_sheet_hbond.range_2_auth_comp_id 
_pdbx_struct_sheet_hbond.range_2_auth_asym_id 
_pdbx_struct_sheet_hbond.range_2_auth_seq_id 
AA1 1 2 O ARG A 67 ? O ARG A 65 N VAL A 35  ? N VAL A 33  
AA1 2 3 O LEU A 38 ? O LEU A 36 N GLY A 10  ? N GLY A 8   
AA1 3 4 N VAL A 7  ? N VAL A 5  O VAL A 88  ? O VAL A 86  
AA1 4 5 N ILE A 87 ? N ILE A 85 O PHE A 116 ? O PHE A 114 
# 
_struct_site.id                   AC1 
_struct_site.pdbx_evidence_code   Software 
_struct_site.pdbx_auth_asym_id    A 
_struct_site.pdbx_auth_comp_id    IOP 
_struct_site.pdbx_auth_seq_id     201 
_struct_site.pdbx_auth_ins_code   ? 
_struct_site.pdbx_num_residues    10 
_struct_site.details              'binding site for residue IOP A 201' 
# 
loop_
_struct_site_gen.id 
_struct_site_gen.site_id 
_struct_site_gen.pdbx_num_res 
_struct_site_gen.label_comp_id 
_struct_site_gen.label_asym_id 
_struct_site_gen.label_seq_id 
_struct_site_gen.pdbx_auth_ins_code 
_struct_site_gen.auth_comp_id 
_struct_site_gen.auth_asym_id 
_struct_site_gen.auth_seq_id 
_struct_site_gen.label_atom_id 
_struct_site_gen.label_alt_id 
_struct_site_gen.symmetry 
_struct_site_gen.details 
1  AC1 10 CYS A 8  ? CYS A 6   . ? 1_555 ? 
2  AC1 10 PRO A 9  ? PRO A 7   . ? 1_555 ? 
3  AC1 10 HIS A 19 ? HIS A 17  . ? 1_555 ? 
4  AC1 10 ILE A 22 ? ILE A 20  . ? 1_555 ? 
5  AC1 10 GLY A 90 ? GLY A 88  . ? 1_555 ? 
6  AC1 10 ARG A 92 ? ARG A 90  . ? 1_555 ? 
7  AC1 10 HOH C .  ? HOH A 302 . ? 1_555 ? 
8  AC1 10 HOH C .  ? HOH A 306 . ? 1_555 ? 
9  AC1 10 HOH C .  ? HOH A 318 . ? 1_555 ? 
10 AC1 10 HOH C .  ? HOH A 329 . ? 1_555 ? 
# 
loop_
_pdbx_validate_close_contact.id 
_pdbx_validate_close_contact.PDB_model_num 
_pdbx_validate_close_contact.auth_atom_id_1 
_pdbx_validate_close_contact.auth_asym_id_1 
_pdbx_validate_close_contact.auth_comp_id_1 
_pdbx_validate_close_contact.auth_seq_id_1 
_pdbx_validate_close_contact.PDB_ins_code_1 
_pdbx_validate_close_contact.label_alt_id_1 
_pdbx_validate_close_contact.auth_atom_id_2 
_pdbx_validate_close_contact.auth_asym_id_2 
_pdbx_validate_close_contact.auth_comp_id_2 
_pdbx_validate_close_contact.auth_seq_id_2 
_pdbx_validate_close_contact.PDB_ins_code_2 
_pdbx_validate_close_contact.label_alt_id_2 
_pdbx_validate_close_contact.dist 
1 1 O  A VAL 37  ? ? O A HOH 301 ? ? 2.01 
2 1 O2 A IOP 201 ? ? O A HOH 302 ? ? 2.14 
# 
_pdbx_validate_torsion.id              1 
_pdbx_validate_torsion.PDB_model_num   1 
_pdbx_validate_torsion.auth_comp_id    THR 
_pdbx_validate_torsion.auth_asym_id    A 
_pdbx_validate_torsion.auth_seq_id     83 
_pdbx_validate_torsion.PDB_ins_code    ? 
_pdbx_validate_torsion.label_alt_id    ? 
_pdbx_validate_torsion.phi             -141.68 
_pdbx_validate_torsion.psi             17.75 
# 
loop_
_pdbx_struct_special_symmetry.id 
_pdbx_struct_special_symmetry.PDB_model_num 
_pdbx_struct_special_symmetry.auth_asym_id 
_pdbx_struct_special_symmetry.auth_comp_id 
_pdbx_struct_special_symmetry.auth_seq_id 
_pdbx_struct_special_symmetry.PDB_ins_code 
_pdbx_struct_special_symmetry.label_asym_id 
_pdbx_struct_special_symmetry.label_comp_id 
_pdbx_struct_special_symmetry.label_seq_id 
1 1 A HOH 323 ? C HOH . 
2 1 A HOH 360 ? C HOH . 
# 
loop_
_pdbx_unobs_or_zero_occ_residues.id 
_pdbx_unobs_or_zero_occ_residues.PDB_model_num 
_pdbx_unobs_or_zero_occ_residues.polymer_flag 
_pdbx_unobs_or_zero_occ_residues.occupancy_flag 
_pdbx_unobs_or_zero_occ_residues.auth_asym_id 
_pdbx_unobs_or_zero_occ_residues.auth_comp_id 
_pdbx_unobs_or_zero_occ_residues.auth_seq_id 
_pdbx_unobs_or_zero_occ_residues.PDB_ins_code 
_pdbx_unobs_or_zero_occ_residues.label_asym_id 
_pdbx_unobs_or_zero_occ_residues.label_comp_id 
_pdbx_unobs_or_zero_occ_residues.label_seq_id 
1  1 Y 1 A GLY -1  ? A GLY 1   
2  1 Y 1 A SER 0   ? A SER 2   
3  1 Y 1 A ASN 38  ? A ASN 40  
4  1 Y 1 A PRO 39  ? A PRO 41  
5  1 Y 1 A ALA 40  ? A ALA 42  
6  1 Y 1 A LYS 41  ? A LYS 43  
7  1 Y 1 A THR 42  ? A THR 44  
8  1 Y 1 A THR 158 ? A THR 160 
9  1 Y 1 A GLU 159 ? A GLU 161 
10 1 Y 1 A ARG 160 ? A ARG 162 
11 1 Y 1 A THR 161 ? A THR 163 
# 
loop_
_chem_comp_atom.comp_id 
_chem_comp_atom.atom_id 
_chem_comp_atom.type_symbol 
_chem_comp_atom.pdbx_aromatic_flag 
_chem_comp_atom.pdbx_stereo_config 
_chem_comp_atom.pdbx_ordinal 
ALA N      N N N 1   
ALA CA     C N S 2   
ALA C      C N N 3   
ALA O      O N N 4   
ALA CB     C N N 5   
ALA OXT    O N N 6   
ALA H      H N N 7   
ALA H2     H N N 8   
ALA HA     H N N 9   
ALA HB1    H N N 10  
ALA HB2    H N N 11  
ALA HB3    H N N 12  
ALA HXT    H N N 13  
ARG N      N N N 14  
ARG CA     C N S 15  
ARG C      C N N 16  
ARG O      O N N 17  
ARG CB     C N N 18  
ARG CG     C N N 19  
ARG CD     C N N 20  
ARG NE     N N N 21  
ARG CZ     C N N 22  
ARG NH1    N N N 23  
ARG NH2    N N N 24  
ARG OXT    O N N 25  
ARG H      H N N 26  
ARG H2     H N N 27  
ARG HA     H N N 28  
ARG HB2    H N N 29  
ARG HB3    H N N 30  
ARG HG2    H N N 31  
ARG HG3    H N N 32  
ARG HD2    H N N 33  
ARG HD3    H N N 34  
ARG HE     H N N 35  
ARG HH11   H N N 36  
ARG HH12   H N N 37  
ARG HH21   H N N 38  
ARG HH22   H N N 39  
ARG HXT    H N N 40  
ASN N      N N N 41  
ASN CA     C N S 42  
ASN C      C N N 43  
ASN O      O N N 44  
ASN CB     C N N 45  
ASN CG     C N N 46  
ASN OD1    O N N 47  
ASN ND2    N N N 48  
ASN OXT    O N N 49  
ASN H      H N N 50  
ASN H2     H N N 51  
ASN HA     H N N 52  
ASN HB2    H N N 53  
ASN HB3    H N N 54  
ASN HD21   H N N 55  
ASN HD22   H N N 56  
ASN HXT    H N N 57  
ASP N      N N N 58  
ASP CA     C N S 59  
ASP C      C N N 60  
ASP O      O N N 61  
ASP CB     C N N 62  
ASP CG     C N N 63  
ASP OD1    O N N 64  
ASP OD2    O N N 65  
ASP OXT    O N N 66  
ASP H      H N N 67  
ASP H2     H N N 68  
ASP HA     H N N 69  
ASP HB2    H N N 70  
ASP HB3    H N N 71  
ASP HD2    H N N 72  
ASP HXT    H N N 73  
CYS N      N N N 74  
CYS CA     C N R 75  
CYS C      C N N 76  
CYS O      O N N 77  
CYS CB     C N N 78  
CYS SG     S N N 79  
CYS OXT    O N N 80  
CYS H      H N N 81  
CYS H2     H N N 82  
CYS HA     H N N 83  
CYS HB2    H N N 84  
CYS HB3    H N N 85  
CYS HG     H N N 86  
CYS HXT    H N N 87  
GLN N      N N N 88  
GLN CA     C N S 89  
GLN C      C N N 90  
GLN O      O N N 91  
GLN CB     C N N 92  
GLN CG     C N N 93  
GLN CD     C N N 94  
GLN OE1    O N N 95  
GLN NE2    N N N 96  
GLN OXT    O N N 97  
GLN H      H N N 98  
GLN H2     H N N 99  
GLN HA     H N N 100 
GLN HB2    H N N 101 
GLN HB3    H N N 102 
GLN HG2    H N N 103 
GLN HG3    H N N 104 
GLN HE21   H N N 105 
GLN HE22   H N N 106 
GLN HXT    H N N 107 
GLU N      N N N 108 
GLU CA     C N S 109 
GLU C      C N N 110 
GLU O      O N N 111 
GLU CB     C N N 112 
GLU CG     C N N 113 
GLU CD     C N N 114 
GLU OE1    O N N 115 
GLU OE2    O N N 116 
GLU OXT    O N N 117 
GLU H      H N N 118 
GLU H2     H N N 119 
GLU HA     H N N 120 
GLU HB2    H N N 121 
GLU HB3    H N N 122 
GLU HG2    H N N 123 
GLU HG3    H N N 124 
GLU HE2    H N N 125 
GLU HXT    H N N 126 
GLY N      N N N 127 
GLY CA     C N N 128 
GLY C      C N N 129 
GLY O      O N N 130 
GLY OXT    O N N 131 
GLY H      H N N 132 
GLY H2     H N N 133 
GLY HA2    H N N 134 
GLY HA3    H N N 135 
GLY HXT    H N N 136 
HIS N      N N N 137 
HIS CA     C N S 138 
HIS C      C N N 139 
HIS O      O N N 140 
HIS CB     C N N 141 
HIS CG     C Y N 142 
HIS ND1    N Y N 143 
HIS CD2    C Y N 144 
HIS CE1    C Y N 145 
HIS NE2    N Y N 146 
HIS OXT    O N N 147 
HIS H      H N N 148 
HIS H2     H N N 149 
HIS HA     H N N 150 
HIS HB2    H N N 151 
HIS HB3    H N N 152 
HIS HD1    H N N 153 
HIS HD2    H N N 154 
HIS HE1    H N N 155 
HIS HE2    H N N 156 
HIS HXT    H N N 157 
HOH O      O N N 158 
HOH H1     H N N 159 
HOH H2     H N N 160 
ILE N      N N N 161 
ILE CA     C N S 162 
ILE C      C N N 163 
ILE O      O N N 164 
ILE CB     C N S 165 
ILE CG1    C N N 166 
ILE CG2    C N N 167 
ILE CD1    C N N 168 
ILE OXT    O N N 169 
ILE H      H N N 170 
ILE H2     H N N 171 
ILE HA     H N N 172 
ILE HB     H N N 173 
ILE HG12   H N N 174 
ILE HG13   H N N 175 
ILE HG21   H N N 176 
ILE HG22   H N N 177 
ILE HG23   H N N 178 
ILE HD11   H N N 179 
ILE HD12   H N N 180 
ILE HD13   H N N 181 
ILE HXT    H N N 182 
IOP "C1'"  C N N 183 
IOP O1     O N N 184 
IOP O2     O N N 185 
IOP "C2'"  C N N 186 
IOP "C3'"  C N N 187 
IOP N1     N Y N 188 
IOP C2     C Y N 189 
IOP C3     C Y N 190 
IOP C3A    C Y N 191 
IOP C4     C Y N 192 
IOP C5     C Y N 193 
IOP C6     C Y N 194 
IOP C7     C Y N 195 
IOP C7A    C Y N 196 
IOP HO2    H N N 197 
IOP "H2'1" H N N 198 
IOP "H2'2" H N N 199 
IOP "H3'1" H N N 200 
IOP "H3'2" H N N 201 
IOP HN1    H N N 202 
IOP H2     H N N 203 
IOP H4     H N N 204 
IOP H5     H N N 205 
IOP H6     H N N 206 
IOP H7     H N N 207 
LEU N      N N N 208 
LEU CA     C N S 209 
LEU C      C N N 210 
LEU O      O N N 211 
LEU CB     C N N 212 
LEU CG     C N N 213 
LEU CD1    C N N 214 
LEU CD2    C N N 215 
LEU OXT    O N N 216 
LEU H      H N N 217 
LEU H2     H N N 218 
LEU HA     H N N 219 
LEU HB2    H N N 220 
LEU HB3    H N N 221 
LEU HG     H N N 222 
LEU HD11   H N N 223 
LEU HD12   H N N 224 
LEU HD13   H N N 225 
LEU HD21   H N N 226 
LEU HD22   H N N 227 
LEU HD23   H N N 228 
LEU HXT    H N N 229 
LYS N      N N N 230 
LYS CA     C N S 231 
LYS C      C N N 232 
LYS O      O N N 233 
LYS CB     C N N 234 
LYS CG     C N N 235 
LYS CD     C N N 236 
LYS CE     C N N 237 
LYS NZ     N N N 238 
LYS OXT    O N N 239 
LYS H      H N N 240 
LYS H2     H N N 241 
LYS HA     H N N 242 
LYS HB2    H N N 243 
LYS HB3    H N N 244 
LYS HG2    H N N 245 
LYS HG3    H N N 246 
LYS HD2    H N N 247 
LYS HD3    H N N 248 
LYS HE2    H N N 249 
LYS HE3    H N N 250 
LYS HZ1    H N N 251 
LYS HZ2    H N N 252 
LYS HZ3    H N N 253 
LYS HXT    H N N 254 
MET N      N N N 255 
MET CA     C N S 256 
MET C      C N N 257 
MET O      O N N 258 
MET CB     C N N 259 
MET CG     C N N 260 
MET SD     S N N 261 
MET CE     C N N 262 
MET OXT    O N N 263 
MET H      H N N 264 
MET H2     H N N 265 
MET HA     H N N 266 
MET HB2    H N N 267 
MET HB3    H N N 268 
MET HG2    H N N 269 
MET HG3    H N N 270 
MET HE1    H N N 271 
MET HE2    H N N 272 
MET HE3    H N N 273 
MET HXT    H N N 274 
PHE N      N N N 275 
PHE CA     C N S 276 
PHE C      C N N 277 
PHE O      O N N 278 
PHE CB     C N N 279 
PHE CG     C Y N 280 
PHE CD1    C Y N 281 
PHE CD2    C Y N 282 
PHE CE1    C Y N 283 
PHE CE2    C Y N 284 
PHE CZ     C Y N 285 
PHE OXT    O N N 286 
PHE H      H N N 287 
PHE H2     H N N 288 
PHE HA     H N N 289 
PHE HB2    H N N 290 
PHE HB3    H N N 291 
PHE HD1    H N N 292 
PHE HD2    H N N 293 
PHE HE1    H N N 294 
PHE HE2    H N N 295 
PHE HZ     H N N 296 
PHE HXT    H N N 297 
PRO N      N N N 298 
PRO CA     C N S 299 
PRO C      C N N 300 
PRO O      O N N 301 
PRO CB     C N N 302 
PRO CG     C N N 303 
PRO CD     C N N 304 
PRO OXT    O N N 305 
PRO H      H N N 306 
PRO HA     H N N 307 
PRO HB2    H N N 308 
PRO HB3    H N N 309 
PRO HG2    H N N 310 
PRO HG3    H N N 311 
PRO HD2    H N N 312 
PRO HD3    H N N 313 
PRO HXT    H N N 314 
SER N      N N N 315 
SER CA     C N S 316 
SER C      C N N 317 
SER O      O N N 318 
SER CB     C N N 319 
SER OG     O N N 320 
SER OXT    O N N 321 
SER H      H N N 322 
SER H2     H N N 323 
SER HA     H N N 324 
SER HB2    H N N 325 
SER HB3    H N N 326 
SER HG     H N N 327 
SER HXT    H N N 328 
THR N      N N N 329 
THR CA     C N S 330 
THR C      C N N 331 
THR O      O N N 332 
THR CB     C N R 333 
THR OG1    O N N 334 
THR CG2    C N N 335 
THR OXT    O N N 336 
THR H      H N N 337 
THR H2     H N N 338 
THR HA     H N N 339 
THR HB     H N N 340 
THR HG1    H N N 341 
THR HG21   H N N 342 
THR HG22   H N N 343 
THR HG23   H N N 344 
THR HXT    H N N 345 
TYR N      N N N 346 
TYR CA     C N S 347 
TYR C      C N N 348 
TYR O      O N N 349 
TYR CB     C N N 350 
TYR CG     C Y N 351 
TYR CD1    C Y N 352 
TYR CD2    C Y N 353 
TYR CE1    C Y N 354 
TYR CE2    C Y N 355 
TYR CZ     C Y N 356 
TYR OH     O N N 357 
TYR OXT    O N N 358 
TYR H      H N N 359 
TYR H2     H N N 360 
TYR HA     H N N 361 
TYR HB2    H N N 362 
TYR HB3    H N N 363 
TYR HD1    H N N 364 
TYR HD2    H N N 365 
TYR HE1    H N N 366 
TYR HE2    H N N 367 
TYR HH     H N N 368 
TYR HXT    H N N 369 
VAL N      N N N 370 
VAL CA     C N S 371 
VAL C      C N N 372 
VAL O      O N N 373 
VAL CB     C N N 374 
VAL CG1    C N N 375 
VAL CG2    C N N 376 
VAL OXT    O N N 377 
VAL H      H N N 378 
VAL H2     H N N 379 
VAL HA     H N N 380 
VAL HB     H N N 381 
VAL HG11   H N N 382 
VAL HG12   H N N 383 
VAL HG13   H N N 384 
VAL HG21   H N N 385 
VAL HG22   H N N 386 
VAL HG23   H N N 387 
VAL HXT    H N N 388 
# 
loop_
_chem_comp_bond.comp_id 
_chem_comp_bond.atom_id_1 
_chem_comp_bond.atom_id_2 
_chem_comp_bond.value_order 
_chem_comp_bond.pdbx_aromatic_flag 
_chem_comp_bond.pdbx_stereo_config 
_chem_comp_bond.pdbx_ordinal 
ALA N     CA     sing N N 1   
ALA N     H      sing N N 2   
ALA N     H2     sing N N 3   
ALA CA    C      sing N N 4   
ALA CA    CB     sing N N 5   
ALA CA    HA     sing N N 6   
ALA C     O      doub N N 7   
ALA C     OXT    sing N N 8   
ALA CB    HB1    sing N N 9   
ALA CB    HB2    sing N N 10  
ALA CB    HB3    sing N N 11  
ALA OXT   HXT    sing N N 12  
ARG N     CA     sing N N 13  
ARG N     H      sing N N 14  
ARG N     H2     sing N N 15  
ARG CA    C      sing N N 16  
ARG CA    CB     sing N N 17  
ARG CA    HA     sing N N 18  
ARG C     O      doub N N 19  
ARG C     OXT    sing N N 20  
ARG CB    CG     sing N N 21  
ARG CB    HB2    sing N N 22  
ARG CB    HB3    sing N N 23  
ARG CG    CD     sing N N 24  
ARG CG    HG2    sing N N 25  
ARG CG    HG3    sing N N 26  
ARG CD    NE     sing N N 27  
ARG CD    HD2    sing N N 28  
ARG CD    HD3    sing N N 29  
ARG NE    CZ     sing N N 30  
ARG NE    HE     sing N N 31  
ARG CZ    NH1    sing N N 32  
ARG CZ    NH2    doub N N 33  
ARG NH1   HH11   sing N N 34  
ARG NH1   HH12   sing N N 35  
ARG NH2   HH21   sing N N 36  
ARG NH2   HH22   sing N N 37  
ARG OXT   HXT    sing N N 38  
ASN N     CA     sing N N 39  
ASN N     H      sing N N 40  
ASN N     H2     sing N N 41  
ASN CA    C      sing N N 42  
ASN CA    CB     sing N N 43  
ASN CA    HA     sing N N 44  
ASN C     O      doub N N 45  
ASN C     OXT    sing N N 46  
ASN CB    CG     sing N N 47  
ASN CB    HB2    sing N N 48  
ASN CB    HB3    sing N N 49  
ASN CG    OD1    doub N N 50  
ASN CG    ND2    sing N N 51  
ASN ND2   HD21   sing N N 52  
ASN ND2   HD22   sing N N 53  
ASN OXT   HXT    sing N N 54  
ASP N     CA     sing N N 55  
ASP N     H      sing N N 56  
ASP N     H2     sing N N 57  
ASP CA    C      sing N N 58  
ASP CA    CB     sing N N 59  
ASP CA    HA     sing N N 60  
ASP C     O      doub N N 61  
ASP C     OXT    sing N N 62  
ASP CB    CG     sing N N 63  
ASP CB    HB2    sing N N 64  
ASP CB    HB3    sing N N 65  
ASP CG    OD1    doub N N 66  
ASP CG    OD2    sing N N 67  
ASP OD2   HD2    sing N N 68  
ASP OXT   HXT    sing N N 69  
CYS N     CA     sing N N 70  
CYS N     H      sing N N 71  
CYS N     H2     sing N N 72  
CYS CA    C      sing N N 73  
CYS CA    CB     sing N N 74  
CYS CA    HA     sing N N 75  
CYS C     O      doub N N 76  
CYS C     OXT    sing N N 77  
CYS CB    SG     sing N N 78  
CYS CB    HB2    sing N N 79  
CYS CB    HB3    sing N N 80  
CYS SG    HG     sing N N 81  
CYS OXT   HXT    sing N N 82  
GLN N     CA     sing N N 83  
GLN N     H      sing N N 84  
GLN N     H2     sing N N 85  
GLN CA    C      sing N N 86  
GLN CA    CB     sing N N 87  
GLN CA    HA     sing N N 88  
GLN C     O      doub N N 89  
GLN C     OXT    sing N N 90  
GLN CB    CG     sing N N 91  
GLN CB    HB2    sing N N 92  
GLN CB    HB3    sing N N 93  
GLN CG    CD     sing N N 94  
GLN CG    HG2    sing N N 95  
GLN CG    HG3    sing N N 96  
GLN CD    OE1    doub N N 97  
GLN CD    NE2    sing N N 98  
GLN NE2   HE21   sing N N 99  
GLN NE2   HE22   sing N N 100 
GLN OXT   HXT    sing N N 101 
GLU N     CA     sing N N 102 
GLU N     H      sing N N 103 
GLU N     H2     sing N N 104 
GLU CA    C      sing N N 105 
GLU CA    CB     sing N N 106 
GLU CA    HA     sing N N 107 
GLU C     O      doub N N 108 
GLU C     OXT    sing N N 109 
GLU CB    CG     sing N N 110 
GLU CB    HB2    sing N N 111 
GLU CB    HB3    sing N N 112 
GLU CG    CD     sing N N 113 
GLU CG    HG2    sing N N 114 
GLU CG    HG3    sing N N 115 
GLU CD    OE1    doub N N 116 
GLU CD    OE2    sing N N 117 
GLU OE2   HE2    sing N N 118 
GLU OXT   HXT    sing N N 119 
GLY N     CA     sing N N 120 
GLY N     H      sing N N 121 
GLY N     H2     sing N N 122 
GLY CA    C      sing N N 123 
GLY CA    HA2    sing N N 124 
GLY CA    HA3    sing N N 125 
GLY C     O      doub N N 126 
GLY C     OXT    sing N N 127 
GLY OXT   HXT    sing N N 128 
HIS N     CA     sing N N 129 
HIS N     H      sing N N 130 
HIS N     H2     sing N N 131 
HIS CA    C      sing N N 132 
HIS CA    CB     sing N N 133 
HIS CA    HA     sing N N 134 
HIS C     O      doub N N 135 
HIS C     OXT    sing N N 136 
HIS CB    CG     sing N N 137 
HIS CB    HB2    sing N N 138 
HIS CB    HB3    sing N N 139 
HIS CG    ND1    sing Y N 140 
HIS CG    CD2    doub Y N 141 
HIS ND1   CE1    doub Y N 142 
HIS ND1   HD1    sing N N 143 
HIS CD2   NE2    sing Y N 144 
HIS CD2   HD2    sing N N 145 
HIS CE1   NE2    sing Y N 146 
HIS CE1   HE1    sing N N 147 
HIS NE2   HE2    sing N N 148 
HIS OXT   HXT    sing N N 149 
HOH O     H1     sing N N 150 
HOH O     H2     sing N N 151 
ILE N     CA     sing N N 152 
ILE N     H      sing N N 153 
ILE N     H2     sing N N 154 
ILE CA    C      sing N N 155 
ILE CA    CB     sing N N 156 
ILE CA    HA     sing N N 157 
ILE C     O      doub N N 158 
ILE C     OXT    sing N N 159 
ILE CB    CG1    sing N N 160 
ILE CB    CG2    sing N N 161 
ILE CB    HB     sing N N 162 
ILE CG1   CD1    sing N N 163 
ILE CG1   HG12   sing N N 164 
ILE CG1   HG13   sing N N 165 
ILE CG2   HG21   sing N N 166 
ILE CG2   HG22   sing N N 167 
ILE CG2   HG23   sing N N 168 
ILE CD1   HD11   sing N N 169 
ILE CD1   HD12   sing N N 170 
ILE CD1   HD13   sing N N 171 
ILE OXT   HXT    sing N N 172 
IOP "C1'" O1     doub N N 173 
IOP "C1'" O2     sing N N 174 
IOP "C1'" "C2'"  sing N N 175 
IOP O2    HO2    sing N N 176 
IOP "C2'" "C3'"  sing N N 177 
IOP "C2'" "H2'1" sing N N 178 
IOP "C2'" "H2'2" sing N N 179 
IOP "C3'" C3     sing N N 180 
IOP "C3'" "H3'1" sing N N 181 
IOP "C3'" "H3'2" sing N N 182 
IOP N1    C2     sing Y N 183 
IOP N1    C7A    sing Y N 184 
IOP N1    HN1    sing N N 185 
IOP C2    C3     doub Y N 186 
IOP C2    H2     sing N N 187 
IOP C3    C3A    sing Y N 188 
IOP C3A   C4     doub Y N 189 
IOP C3A   C7A    sing Y N 190 
IOP C4    C5     sing Y N 191 
IOP C4    H4     sing N N 192 
IOP C5    C6     doub Y N 193 
IOP C5    H5     sing N N 194 
IOP C6    C7     sing Y N 195 
IOP C6    H6     sing N N 196 
IOP C7    C7A    doub Y N 197 
IOP C7    H7     sing N N 198 
LEU N     CA     sing N N 199 
LEU N     H      sing N N 200 
LEU N     H2     sing N N 201 
LEU CA    C      sing N N 202 
LEU CA    CB     sing N N 203 
LEU CA    HA     sing N N 204 
LEU C     O      doub N N 205 
LEU C     OXT    sing N N 206 
LEU CB    CG     sing N N 207 
LEU CB    HB2    sing N N 208 
LEU CB    HB3    sing N N 209 
LEU CG    CD1    sing N N 210 
LEU CG    CD2    sing N N 211 
LEU CG    HG     sing N N 212 
LEU CD1   HD11   sing N N 213 
LEU CD1   HD12   sing N N 214 
LEU CD1   HD13   sing N N 215 
LEU CD2   HD21   sing N N 216 
LEU CD2   HD22   sing N N 217 
LEU CD2   HD23   sing N N 218 
LEU OXT   HXT    sing N N 219 
LYS N     CA     sing N N 220 
LYS N     H      sing N N 221 
LYS N     H2     sing N N 222 
LYS CA    C      sing N N 223 
LYS CA    CB     sing N N 224 
LYS CA    HA     sing N N 225 
LYS C     O      doub N N 226 
LYS C     OXT    sing N N 227 
LYS CB    CG     sing N N 228 
LYS CB    HB2    sing N N 229 
LYS CB    HB3    sing N N 230 
LYS CG    CD     sing N N 231 
LYS CG    HG2    sing N N 232 
LYS CG    HG3    sing N N 233 
LYS CD    CE     sing N N 234 
LYS CD    HD2    sing N N 235 
LYS CD    HD3    sing N N 236 
LYS CE    NZ     sing N N 237 
LYS CE    HE2    sing N N 238 
LYS CE    HE3    sing N N 239 
LYS NZ    HZ1    sing N N 240 
LYS NZ    HZ2    sing N N 241 
LYS NZ    HZ3    sing N N 242 
LYS OXT   HXT    sing N N 243 
MET N     CA     sing N N 244 
MET N     H      sing N N 245 
MET N     H2     sing N N 246 
MET CA    C      sing N N 247 
MET CA    CB     sing N N 248 
MET CA    HA     sing N N 249 
MET C     O      doub N N 250 
MET C     OXT    sing N N 251 
MET CB    CG     sing N N 252 
MET CB    HB2    sing N N 253 
MET CB    HB3    sing N N 254 
MET CG    SD     sing N N 255 
MET CG    HG2    sing N N 256 
MET CG    HG3    sing N N 257 
MET SD    CE     sing N N 258 
MET CE    HE1    sing N N 259 
MET CE    HE2    sing N N 260 
MET CE    HE3    sing N N 261 
MET OXT   HXT    sing N N 262 
PHE N     CA     sing N N 263 
PHE N     H      sing N N 264 
PHE N     H2     sing N N 265 
PHE CA    C      sing N N 266 
PHE CA    CB     sing N N 267 
PHE CA    HA     sing N N 268 
PHE C     O      doub N N 269 
PHE C     OXT    sing N N 270 
PHE CB    CG     sing N N 271 
PHE CB    HB2    sing N N 272 
PHE CB    HB3    sing N N 273 
PHE CG    CD1    doub Y N 274 
PHE CG    CD2    sing Y N 275 
PHE CD1   CE1    sing Y N 276 
PHE CD1   HD1    sing N N 277 
PHE CD2   CE2    doub Y N 278 
PHE CD2   HD2    sing N N 279 
PHE CE1   CZ     doub Y N 280 
PHE CE1   HE1    sing N N 281 
PHE CE2   CZ     sing Y N 282 
PHE CE2   HE2    sing N N 283 
PHE CZ    HZ     sing N N 284 
PHE OXT   HXT    sing N N 285 
PRO N     CA     sing N N 286 
PRO N     CD     sing N N 287 
PRO N     H      sing N N 288 
PRO CA    C      sing N N 289 
PRO CA    CB     sing N N 290 
PRO CA    HA     sing N N 291 
PRO C     O      doub N N 292 
PRO C     OXT    sing N N 293 
PRO CB    CG     sing N N 294 
PRO CB    HB2    sing N N 295 
PRO CB    HB3    sing N N 296 
PRO CG    CD     sing N N 297 
PRO CG    HG2    sing N N 298 
PRO CG    HG3    sing N N 299 
PRO CD    HD2    sing N N 300 
PRO CD    HD3    sing N N 301 
PRO OXT   HXT    sing N N 302 
SER N     CA     sing N N 303 
SER N     H      sing N N 304 
SER N     H2     sing N N 305 
SER CA    C      sing N N 306 
SER CA    CB     sing N N 307 
SER CA    HA     sing N N 308 
SER C     O      doub N N 309 
SER C     OXT    sing N N 310 
SER CB    OG     sing N N 311 
SER CB    HB2    sing N N 312 
SER CB    HB3    sing N N 313 
SER OG    HG     sing N N 314 
SER OXT   HXT    sing N N 315 
THR N     CA     sing N N 316 
THR N     H      sing N N 317 
THR N     H2     sing N N 318 
THR CA    C      sing N N 319 
THR CA    CB     sing N N 320 
THR CA    HA     sing N N 321 
THR C     O      doub N N 322 
THR C     OXT    sing N N 323 
THR CB    OG1    sing N N 324 
THR CB    CG2    sing N N 325 
THR CB    HB     sing N N 326 
THR OG1   HG1    sing N N 327 
THR CG2   HG21   sing N N 328 
THR CG2   HG22   sing N N 329 
THR CG2   HG23   sing N N 330 
THR OXT   HXT    sing N N 331 
TYR N     CA     sing N N 332 
TYR N     H      sing N N 333 
TYR N     H2     sing N N 334 
TYR CA    C      sing N N 335 
TYR CA    CB     sing N N 336 
TYR CA    HA     sing N N 337 
TYR C     O      doub N N 338 
TYR C     OXT    sing N N 339 
TYR CB    CG     sing N N 340 
TYR CB    HB2    sing N N 341 
TYR CB    HB3    sing N N 342 
TYR CG    CD1    doub Y N 343 
TYR CG    CD2    sing Y N 344 
TYR CD1   CE1    sing Y N 345 
TYR CD1   HD1    sing N N 346 
TYR CD2   CE2    doub Y N 347 
TYR CD2   HD2    sing N N 348 
TYR CE1   CZ     doub Y N 349 
TYR CE1   HE1    sing N N 350 
TYR CE2   CZ     sing Y N 351 
TYR CE2   HE2    sing N N 352 
TYR CZ    OH     sing N N 353 
TYR OH    HH     sing N N 354 
TYR OXT   HXT    sing N N 355 
VAL N     CA     sing N N 356 
VAL N     H      sing N N 357 
VAL N     H2     sing N N 358 
VAL CA    C      sing N N 359 
VAL CA    CB     sing N N 360 
VAL CA    HA     sing N N 361 
VAL C     O      doub N N 362 
VAL C     OXT    sing N N 363 
VAL CB    CG1    sing N N 364 
VAL CB    CG2    sing N N 365 
VAL CB    HB     sing N N 366 
VAL CG1   HG11   sing N N 367 
VAL CG1   HG12   sing N N 368 
VAL CG1   HG13   sing N N 369 
VAL CG2   HG21   sing N N 370 
VAL CG2   HG22   sing N N 371 
VAL CG2   HG23   sing N N 372 
VAL OXT   HXT    sing N N 373 
# 
_pdbx_audit_support.funding_organization   'Bill & Melinda Gates Foundation' 
_pdbx_audit_support.country                'United States' 
_pdbx_audit_support.grant_number           ? 
_pdbx_audit_support.ordinal                1 
# 
_pdbx_initial_refinement_model.id               1 
_pdbx_initial_refinement_model.entity_id_list   ? 
_pdbx_initial_refinement_model.type             'experimental model' 
_pdbx_initial_refinement_model.source_name      PDB 
_pdbx_initial_refinement_model.accession_code   1TFU 
_pdbx_initial_refinement_model.details          ? 
# 
_atom_sites.entry_id                    6QMG 
_atom_sites.fract_transf_matrix[1][1]   -0.01123385 
_atom_sites.fract_transf_matrix[1][2]   0.00252335 
_atom_sites.fract_transf_matrix[1][3]   0.00244866 
_atom_sites.fract_transf_matrix[2][1]   -0.00400422 
_atom_sites.fract_transf_matrix[2][2]   -0.00106130 
_atom_sites.fract_transf_matrix[2][3]   0.01101800 
_atom_sites.fract_transf_matrix[3][1]   0.00224042 
_atom_sites.fract_transf_matrix[3][2]   0.00839906 
_atom_sites.fract_transf_matrix[3][3]   0.00162325 
_atom_sites.fract_transf_vector[1]      -0.232280 
_atom_sites.fract_transf_vector[2]      -0.154354 
_atom_sites.fract_transf_vector[3]      0.114997 
# 
loop_
_atom_type.symbol 
C 
H 
N 
O 
S 
# 
loop_
_atom_site.group_PDB 
_atom_site.id 
_atom_site.type_symbol 
_atom_site.label_atom_id 
_atom_site.label_alt_id 
_atom_site.label_comp_id 
_atom_site.label_asym_id 
_atom_site.label_entity_id 
_atom_site.label_seq_id 
_atom_site.pdbx_PDB_ins_code 
_atom_site.Cartn_x 
_atom_site.Cartn_y 
_atom_site.Cartn_z 
_atom_site.occupancy 
_atom_site.B_iso_or_equiv 
_atom_site.pdbx_formal_charge 
_atom_site.auth_seq_id 
_atom_site.auth_comp_id 
_atom_site.auth_asym_id 
_atom_site.auth_atom_id 
_atom_site.pdbx_PDB_model_num 
ATOM   1    N N      . MET A 1 3   ? 4.470   -7.052  -21.644 1.00 52.83 ?  1   MET A N      1 
ATOM   2    C CA     . MET A 1 3   ? 4.902   -6.536  -20.346 1.00 53.71 ?  1   MET A CA     1 
ATOM   3    C C      . MET A 1 3   ? 3.699   -6.259  -19.445 1.00 51.27 ?  1   MET A C      1 
ATOM   4    O O      . MET A 1 3   ? 2.850   -5.422  -19.757 1.00 50.24 ?  1   MET A O      1 
ATOM   5    C CB     . MET A 1 3   ? 5.729   -5.264  -20.519 1.00 56.38 ?  1   MET A CB     1 
ATOM   6    C CG     . MET A 1 3   ? 6.599   -4.918  -19.319 1.00 59.35 ?  1   MET A CG     1 
ATOM   7    S SD     . MET A 1 3   ? 8.014   -6.034  -19.145 1.00 75.88 ?  1   MET A SD     1 
ATOM   8    C CE     . MET A 1 3   ? 9.005   -5.157  -17.936 1.00 61.77 ?  1   MET A CE     1 
ATOM   9    N N      . THR A 1 4   ? 3.627   -6.969  -18.327 1.00 44.51 ?  2   THR A N      1 
ATOM   10   C CA     . THR A 1 4   ? 2.495   -6.817  -17.420 1.00 46.58 ?  2   THR A CA     1 
ATOM   11   C C      . THR A 1 4   ? 2.885   -5.951  -16.227 1.00 44.78 ?  2   THR A C      1 
ATOM   12   O O      . THR A 1 4   ? 4.056   -5.871  -15.858 1.00 42.34 ?  2   THR A O      1 
ATOM   13   C CB     . THR A 1 4   ? 1.987   -8.180  -16.933 1.00 44.89 ?  2   THR A CB     1 
ATOM   14   O OG1    . THR A 1 4   ? 2.969   -8.782  -16.084 1.00 44.58 ?  2   THR A OG1    1 
ATOM   15   C CG2    . THR A 1 4   ? 1.746   -9.096  -18.118 1.00 46.68 ?  2   THR A CG2    1 
ATOM   16   N N      . GLY A 1 5   ? 1.901   -5.303  -15.614 1.00 38.46 ?  3   GLY A N      1 
ATOM   17   C CA     . GLY A 1 5   ? 2.210   -4.389  -14.538 1.00 37.10 ?  3   GLY A CA     1 
ATOM   18   C C      . GLY A 1 5   ? 1.029   -4.146  -13.630 1.00 35.54 ?  3   GLY A C      1 
ATOM   19   O O      . GLY A 1 5   ? -0.103  -4.012  -14.095 1.00 37.77 ?  3   GLY A O      1 
ATOM   20   N N      . ALA A 1 6   ? 1.297   -4.094  -12.332 1.00 30.07 ?  4   ALA A N      1 
ATOM   21   C CA     . ALA A 1 6   ? 0.252   -3.788  -11.362 1.00 29.99 ?  4   ALA A CA     1 
ATOM   22   C C      . ALA A 1 6   ? 0.600   -2.525  -10.586 1.00 30.64 ?  4   ALA A C      1 
ATOM   23   O O      . ALA A 1 6   ? 1.756   -2.282  -10.246 1.00 31.21 ?  4   ALA A O      1 
ATOM   24   C CB     . ALA A 1 6   ? 0.050   -4.955  -10.407 1.00 32.71 ?  4   ALA A CB     1 
ATOM   25   N N      . VAL A 1 7   ? -0.416  -1.722  -10.305 1.00 23.40 ?  5   VAL A N      1 
ATOM   26   C CA     . VAL A 1 7   ? -0.271  -0.572  -9.437  1.00 25.43 ?  5   VAL A CA     1 
ATOM   27   C C      . VAL A 1 7   ? -0.902  -0.919  -8.086  1.00 28.35 ?  5   VAL A C      1 
ATOM   28   O O      . VAL A 1 7   ? -2.024  -1.430  -8.044  1.00 25.69 ?  5   VAL A O      1 
ATOM   29   C CB     . VAL A 1 7   ? -0.937  0.656   -10.034 1.00 29.14 ?  5   VAL A CB     1 
ATOM   30   C CG1    . VAL A 1 7   ? -0.944  1.773   -9.027  1.00 28.17 ?  5   VAL A CG1    1 
ATOM   31   C CG2    . VAL A 1 7   ? -0.233  1.071   -11.327 1.00 28.73 ?  5   VAL A CG2    1 
ATOM   32   N N      . CYS A 1 8   ? -0.177  -0.640  -7.006  1.00 22.33 ?  6   CYS A N      1 
ATOM   33   C CA     . CYS A 1 8   ? -0.695  -0.780  -5.641  1.00 25.41 ?  6   CYS A CA     1 
ATOM   34   C C      . CYS A 1 8   ? -0.843  0.606   -5.034  1.00 28.49 ?  6   CYS A C      1 
ATOM   35   O O      . CYS A 1 8   ? 0.148   1.181   -4.560  1.00 29.31 ?  6   CYS A O      1 
ATOM   36   C CB     . CYS A 1 8   ? 0.248   -1.630  -4.777  1.00 28.30 ?  6   CYS A CB     1 
ATOM   37   S SG     . CYS A 1 8   ? 0.448   -3.340  -5.289  1.00 28.72 ?  6   CYS A SG     1 
ATOM   38   N N      . PRO A 1 9   ? -2.056  1.169   -5.062  1.00 27.85 ?  7   PRO A N      1 
ATOM   39   C CA     . PRO A 1 9   ? -2.255  2.552   -4.633  1.00 27.17 ?  7   PRO A CA     1 
ATOM   40   C C      . PRO A 1 9   ? -2.615  2.683   -3.162  1.00 32.21 ?  7   PRO A C      1 
ATOM   41   O O      . PRO A 1 9   ? -3.256  1.799   -2.602  1.00 29.56 ?  7   PRO A O      1 
ATOM   42   C CB     . PRO A 1 9   ? -3.424  3.001   -5.507  1.00 30.65 ?  7   PRO A CB     1 
ATOM   43   C CG     . PRO A 1 9   ? -4.289  1.759   -5.525  1.00 28.34 ?  7   PRO A CG     1 
ATOM   44   C CD     . PRO A 1 9   ? -3.311  0.594   -5.597  1.00 24.59 ?  7   PRO A CD     1 
ATOM   45   N N      . GLY A 1 10  ? -2.219  3.785   -2.538  1.00 30.86 ?  8   GLY A N      1 
ATOM   46   C CA     . GLY A 1 10  ? -2.614  4.014   -1.163  1.00 33.38 ?  8   GLY A CA     1 
ATOM   47   C C      . GLY A 1 10  ? -1.928  5.227   -0.582  1.00 34.11 ?  8   GLY A C      1 
ATOM   48   O O      . GLY A 1 10  ? -1.114  5.857   -1.249  1.00 35.78 ?  8   GLY A O      1 
ATOM   49   N N      . SER A 1 11  ? -2.256  5.550   0.661   1.00 34.10 ?  9   SER A N      1 
ATOM   50   C CA     . SER A 1 11  ? -1.644  6.698   1.318   1.00 36.48 ?  9   SER A CA     1 
ATOM   51   C C      . SER A 1 11  ? -0.370  6.259   2.052   1.00 37.87 ?  9   SER A C      1 
ATOM   52   O O      . SER A 1 11  ? 0.569   7.038   2.194   1.00 36.71 ?  9   SER A O      1 
ATOM   53   C CB     . SER A 1 11  ? -2.638  7.358   2.274   1.00 36.82 ?  9   SER A CB     1 
ATOM   54   O OG     . SER A 1 11  ? -3.226  6.400   3.131   1.00 41.06 ?  9   SER A OG     1 
ATOM   55   N N      . PHE A 1 12  ? -0.353  5.006   2.493   1.00 33.41 ?  10  PHE A N      1 
ATOM   56   C CA     . PHE A 1 12  ? 0.802   4.390   3.159   1.00 31.36 ?  10  PHE A CA     1 
ATOM   57   C C      . PHE A 1 12  ? 1.406   5.300   4.224   1.00 34.43 ?  10  PHE A C      1 
ATOM   58   O O      . PHE A 1 12  ? 2.577   5.677   4.149   1.00 32.08 ?  10  PHE A O      1 
ATOM   59   C CB     . PHE A 1 12  ? 1.852   3.993   2.125   1.00 32.78 ?  10  PHE A CB     1 
ATOM   60   C CG     . PHE A 1 12  ? 1.309   3.109   1.038   1.00 32.20 ?  10  PHE A CG     1 
ATOM   61   C CD1    . PHE A 1 12  ? 0.963   1.793   1.313   1.00 33.10 ?  10  PHE A CD1    1 
ATOM   62   C CD2    . PHE A 1 12  ? 1.107   3.603   -0.243  1.00 30.57 ?  10  PHE A CD2    1 
ATOM   63   C CE1    . PHE A 1 12  ? 0.438   0.969   0.322   1.00 33.44 ?  10  PHE A CE1    1 
ATOM   64   C CE2    . PHE A 1 12  ? 0.586   2.794   -1.244  1.00 31.08 ?  10  PHE A CE2    1 
ATOM   65   C CZ     . PHE A 1 12  ? 0.254   1.473   -0.963  1.00 30.38 ?  10  PHE A CZ     1 
ATOM   66   N N      . ASP A 1 13  ? 0.580   5.614   5.223   1.00 33.49 ?  11  ASP A N      1 
ATOM   67   C CA     . ASP A 1 13  ? 0.911   6.576   6.273   1.00 35.31 ?  11  ASP A CA     1 
ATOM   68   C C      . ASP A 1 13  ? 0.791   5.977   7.683   1.00 30.35 ?  11  ASP A C      1 
ATOM   69   O O      . ASP A 1 13  ? -0.100  6.343   8.437   1.00 33.03 ?  11  ASP A O      1 
ATOM   70   C CB     . ASP A 1 13  ? -0.004  7.798   6.158   1.00 35.90 ?  11  ASP A CB     1 
ATOM   71   C CG     . ASP A 1 13  ? 0.331   8.881   7.183   1.00 40.78 ?  11  ASP A CG     1 
ATOM   72   O OD1    . ASP A 1 13  ? 1.535   9.135   7.393   1.00 39.45 ?  11  ASP A OD1    1 
ATOM   73   O OD2    . ASP A 1 13  ? -0.604  9.465   7.775   1.00 38.54 ?  11  ASP A OD2    1 
ATOM   74   N N      . PRO A 1 14  ? 1.701   5.066   8.056   1.00 29.92 ?  12  PRO A N      1 
ATOM   75   C CA     . PRO A 1 14  ? 2.838   4.517   7.313   1.00 30.56 ?  12  PRO A CA     1 
ATOM   76   C C      . PRO A 1 14  ? 2.525   3.195   6.615   1.00 29.91 ?  12  PRO A C      1 
ATOM   77   O O      . PRO A 1 14  ? 1.469   2.608   6.867   1.00 28.15 ?  12  PRO A O      1 
ATOM   78   C CB     . PRO A 1 14  ? 3.860   4.286   8.415   1.00 30.64 ?  12  PRO A CB     1 
ATOM   79   C CG     . PRO A 1 14  ? 3.007   3.827   9.559   1.00 29.64 ?  12  PRO A CG     1 
ATOM   80   C CD     . PRO A 1 14  ? 1.717   4.613   9.461   1.00 31.89 ?  12  PRO A CD     1 
ATOM   81   N N      . VAL A 1 15  ? 3.438   2.729   5.770   1.00 30.00 ?  13  VAL A N      1 
ATOM   82   C CA     . VAL A 1 15  ? 3.347   1.377   5.222   1.00 31.18 ?  13  VAL A CA     1 
ATOM   83   C C      . VAL A 1 15  ? 3.408   0.344   6.357   1.00 30.00 ?  13  VAL A C      1 
ATOM   84   O O      . VAL A 1 15  ? 4.145   0.511   7.332   1.00 27.74 ?  13  VAL A O      1 
ATOM   85   C CB     . VAL A 1 15  ? 4.444   1.136   4.161   1.00 28.63 ?  13  VAL A CB     1 
ATOM   86   C CG1    . VAL A 1 15  ? 5.852   1.263   4.774   1.00 25.60 ?  13  VAL A CG1    1 
ATOM   87   C CG2    . VAL A 1 15  ? 4.280   -0.217  3.501   1.00 27.52 ?  13  VAL A CG2    1 
ATOM   88   N N      . THR A 1 16  ? 2.612   -0.718  6.250   1.00 25.25 ?  14  THR A N      1 
ATOM   89   C CA     . THR A 1 16  ? 2.607   -1.786  7.243   1.00 25.80 ?  14  THR A CA     1 
ATOM   90   C C      . THR A 1 16  ? 3.111   -3.088  6.649   1.00 25.09 ?  14  THR A C      1 
ATOM   91   O O      . THR A 1 16  ? 3.322   -3.176  5.437   1.00 25.23 ?  14  THR A O      1 
ATOM   92   C CB     . THR A 1 16  ? 1.198   -2.050  7.787   1.00 25.63 ?  14  THR A CB     1 
ATOM   93   O OG1    . THR A 1 16  ? 0.461   -2.751  6.775   1.00 24.80 ?  14  THR A OG1    1 
ATOM   94   C CG2    . THR A 1 16  ? 0.492   -0.736  8.117   1.00 26.09 ?  14  THR A CG2    1 
ATOM   95   N N      . LEU A 1 17  ? 3.280   -4.121  7.470   1.00 23.80 ?  15  LEU A N      1 
ATOM   96   C CA     . LEU A 1 17  ? 3.704   -5.403  6.912   1.00 24.03 ?  15  LEU A CA     1 
ATOM   97   C C      . LEU A 1 17  ? 2.550   -6.064  6.151   1.00 24.26 ?  15  LEU A C      1 
ATOM   98   O O      . LEU A 1 17  ? 2.771   -6.947  5.338   1.00 25.94 ?  15  LEU A O      1 
ATOM   99   C CB     . LEU A 1 17  ? 4.243   -6.339  7.999   1.00 26.89 ?  15  LEU A CB     1 
ATOM   100  C CG     . LEU A 1 17  ? 5.636   -5.969  8.531   1.00 26.94 ?  15  LEU A CG     1 
ATOM   101  C CD1    . LEU A 1 17  ? 6.013   -6.922  9.656   1.00 27.80 ?  15  LEU A CD1    1 
ATOM   102  C CD2    . LEU A 1 17  ? 6.690   -5.992  7.432   1.00 29.53 ?  15  LEU A CD2    1 
ATOM   103  N N      . GLY A 1 18  ? 1.325   -5.637  6.429   1.00 23.78 ?  16  GLY A N      1 
ATOM   104  C CA     . GLY A 1 18  ? 0.203   -6.043  5.585   1.00 25.20 ?  16  GLY A CA     1 
ATOM   105  C C      . GLY A 1 18  ? 0.383   -5.534  4.162   1.00 25.94 ?  16  GLY A C      1 
ATOM   106  O O      . GLY A 1 18  ? 0.172   -6.270  3.196   1.00 25.23 ?  16  GLY A O      1 
ATOM   107  N N      . HIS A 1 19  ? 0.777   -4.271  4.030   1.00 22.25 ?  17  HIS A N      1 
ATOM   108  C CA     . HIS A 1 19  ? 1.047   -3.701  2.706   1.00 23.95 ?  17  HIS A CA     1 
ATOM   109  C C      . HIS A 1 19  ? 2.195   -4.446  2.047   1.00 23.48 ?  17  HIS A C      1 
ATOM   110  O O      . HIS A 1 19  ? 2.106   -4.807  0.883   1.00 22.42 ?  17  HIS A O      1 
ATOM   111  C CB     . HIS A 1 19  ? 1.384   -2.211  2.788   1.00 24.89 ?  17  HIS A CB     1 
ATOM   112  C CG     . HIS A 1 19  ? 0.272   -1.368  3.313   1.00 27.04 ?  17  HIS A CG     1 
ATOM   113  N ND1    . HIS A 1 19  ? 0.455   -0.416  4.293   1.00 26.55 ?  17  HIS A ND1    1 
ATOM   114  C CD2    . HIS A 1 19  ? -1.043  -1.318  2.987   1.00 30.72 ?  17  HIS A CD2    1 
ATOM   115  C CE1    . HIS A 1 19  ? -0.698  0.169   4.561   1.00 31.33 ?  17  HIS A CE1    1 
ATOM   116  N NE2    . HIS A 1 19  ? -1.627  -0.363  3.781   1.00 31.03 ?  17  HIS A NE2    1 
ATOM   117  N N      . VAL A 1 20  ? 3.284   -4.671  2.788   1.00 23.80 ?  18  VAL A N      1 
ATOM   118  C CA     . VAL A 1 20  ? 4.462   -5.292  2.176   1.00 26.43 ?  18  VAL A CA     1 
ATOM   119  C C      . VAL A 1 20  ? 4.147   -6.714  1.699   1.00 25.53 ?  18  VAL A C      1 
ATOM   120  O O      . VAL A 1 20  ? 4.626   -7.141  0.656   1.00 27.74 ?  18  VAL A O      1 
ATOM   121  C CB     . VAL A 1 20  ? 5.645   -5.272  3.145   1.00 26.43 ?  18  VAL A CB     1 
ATOM   122  C CG1    . VAL A 1 20  ? 6.832   -6.045  2.540   1.00 30.21 ?  18  VAL A CG1    1 
ATOM   123  C CG2    . VAL A 1 20  ? 6.013   -3.825  3.461   1.00 28.28 ?  18  VAL A CG2    1 
ATOM   124  N N      . ASP A 1 21  ? 3.283   -7.415  2.433   1.00 25.45 ?  19  ASP A N      1 
ATOM   125  C CA     . ASP A 1 21  ? 2.854   -8.752  2.062   1.00 25.42 ?  19  ASP A CA     1 
ATOM   126  C C      . ASP A 1 21  ? 2.191   -8.693  0.678   1.00 24.87 ?  19  ASP A C      1 
ATOM   127  O O      . ASP A 1 21  ? 2.505   -9.495  -0.201  1.00 26.74 ?  19  ASP A O      1 
ATOM   128  C CB     . ASP A 1 21  ? 1.899   -9.325  3.121   1.00 27.71 ?  19  ASP A CB     1 
ATOM   129  C CG     . ASP A 1 21  ? 1.380   -10.713 2.764   1.00 31.44 ?  19  ASP A CG     1 
ATOM   130  O OD1    . ASP A 1 21  ? 2.133   -11.524 2.191   1.00 33.58 ?  19  ASP A OD1    1 
ATOM   131  O OD2    . ASP A 1 21  ? 0.203   -10.995 3.068   1.00 29.73 ?  19  ASP A OD2    1 
ATOM   132  N N      . ILE A 1 22  ? 1.312   -7.713  0.479   1.00 23.69 ?  20  ILE A N      1 
ATOM   133  C CA     . ILE A 1 22  ? 0.644   -7.562  -0.818  1.00 23.61 ?  20  ILE A CA     1 
ATOM   134  C C      . ILE A 1 22  ? 1.660   -7.179  -1.904  1.00 24.40 ?  20  ILE A C      1 
ATOM   135  O O      . ILE A 1 22  ? 1.628   -7.722  -3.028  1.00 25.39 ?  20  ILE A O      1 
ATOM   136  C CB     . ILE A 1 22  ? -0.499  -6.536  -0.742  1.00 23.46 ?  20  ILE A CB     1 
ATOM   137  C CG1    . ILE A 1 22  ? -1.527  -6.976  0.319   1.00 26.56 ?  20  ILE A CG1    1 
ATOM   138  C CG2    . ILE A 1 22  ? -1.160  -6.375  -2.124  1.00 26.98 ?  20  ILE A CG2    1 
ATOM   139  C CD1    . ILE A 1 22  ? -1.926  -8.444  0.202   1.00 26.56 ?  20  ILE A CD1    1 
ATOM   140  N N      . PHE A 1 23  ? 2.561   -6.249  -1.585  1.00 24.61 ?  21  PHE A N      1 
ATOM   141  C CA     . PHE A 1 23  ? 3.585   -5.859  -2.572  1.00 25.32 ?  21  PHE A CA     1 
ATOM   142  C C      . PHE A 1 23  ? 4.339   -7.096  -3.055  1.00 26.78 ?  21  PHE A C      1 
ATOM   143  O O      . PHE A 1 23  ? 4.614   -7.231  -4.256  1.00 27.51 ?  21  PHE A O      1 
ATOM   144  C CB     . PHE A 1 23  ? 4.612   -4.865  -2.011  1.00 27.36 ?  21  PHE A CB     1 
ATOM   145  C CG     . PHE A 1 23  ? 4.045   -3.558  -1.544  1.00 25.90 ?  21  PHE A CG     1 
ATOM   146  C CD1    . PHE A 1 23  ? 2.794   -3.107  -1.961  1.00 25.75 ?  21  PHE A CD1    1 
ATOM   147  C CD2    . PHE A 1 23  ? 4.774   -2.772  -0.659  1.00 23.97 ?  21  PHE A CD2    1 
ATOM   148  C CE1    . PHE A 1 23  ? 2.294   -1.891  -1.512  1.00 27.61 ?  21  PHE A CE1    1 
ATOM   149  C CE2    . PHE A 1 23  ? 4.286   -1.563  -0.216  1.00 24.98 ?  21  PHE A CE2    1 
ATOM   150  C CZ     . PHE A 1 23  ? 3.037   -1.118  -0.627  1.00 27.73 ?  21  PHE A CZ     1 
ATOM   151  N N      . GLU A 1 24  ? 4.686   -7.978  -2.118  1.00 28.37 ?  22  GLU A N      1 
ATOM   152  C CA     . GLU A 1 24  ? 5.475   -9.173  -2.433  1.00 28.09 ?  22  GLU A CA     1 
ATOM   153  C C      . GLU A 1 24  ? 4.699   -10.102 -3.349  1.00 31.34 ?  22  GLU A C      1 
ATOM   154  O O      . GLU A 1 24  ? 5.254   -10.660 -4.292  1.00 30.66 ?  22  GLU A O      1 
ATOM   155  C CB     . GLU A 1 24  ? 5.882   -9.927  -1.164  1.00 31.25 ?  22  GLU A CB     1 
ATOM   156  C CG     . GLU A 1 24  ? 6.859   -9.156  -0.287  1.00 31.61 ?  22  GLU A CG     1 
ATOM   157  C CD     . GLU A 1 24  ? 7.170   -9.853  1.027   1.00 36.30 ?  22  GLU A CD     1 
ATOM   158  O OE1    . GLU A 1 24  ? 8.186   -9.477  1.651   1.00 35.30 ?  22  GLU A OE1    1 
ATOM   159  O OE2    . GLU A 1 24  ? 6.407   -10.758 1.453   1.00 34.57 ?  22  GLU A OE2    1 
ATOM   160  N N      . ARG A 1 25  ? 3.412   -10.271 -3.075  1.00 27.65 ?  23  ARG A N      1 
ATOM   161  C CA     . ARG A 1 25  ? 2.603   -11.147 -3.903  1.00 29.17 ?  23  ARG A CA     1 
ATOM   162  C C      . ARG A 1 25  ? 2.378   -10.548 -5.290  1.00 29.42 ?  23  ARG A C      1 
ATOM   163  O O      . ARG A 1 25  ? 2.368   -11.282 -6.279  1.00 30.03 ?  23  ARG A O      1 
ATOM   164  C CB     . ARG A 1 25  ? 1.286   -11.448 -3.194  1.00 30.96 ?  23  ARG A CB     1 
ATOM   165  C CG     . ARG A 1 25  ? 1.563   -12.131 -1.856  1.00 29.25 ?  23  ARG A CG     1 
ATOM   166  C CD     . ARG A 1 25  ? 0.457   -11.908 -0.854  1.00 37.54 ?  23  ARG A CD     1 
ATOM   167  N NE     . ARG A 1 25  ? -0.432  -13.046 -0.881  1.00 43.48 ?  23  ARG A NE     1 
ATOM   168  C CZ     . ARG A 1 25  ? -0.902  -13.686 0.181   1.00 34.27 ?  23  ARG A CZ     1 
ATOM   169  N NH1    . ARG A 1 25  ? -0.603  -13.309 1.424   1.00 36.64 ?  23  ARG A NH1    1 
ATOM   170  N NH2    . ARG A 1 25  ? -1.703  -14.709 -0.024  1.00 33.74 ?  23  ARG A NH2    1 
ATOM   171  N N      . ALA A 1 26  ? 2.212   -9.230  -5.377  1.00 25.23 ?  24  ALA A N      1 
ATOM   172  C CA     . ALA A 1 26  ? 2.079   -8.592  -6.684  1.00 25.84 ?  24  ALA A CA     1 
ATOM   173  C C      . ALA A 1 26  ? 3.381   -8.732  -7.442  1.00 29.45 ?  24  ALA A C      1 
ATOM   174  O O      . ALA A 1 26  ? 3.368   -9.058  -8.624  1.00 30.45 ?  24  ALA A O      1 
ATOM   175  C CB     . ALA A 1 26  ? 1.693   -7.127  -6.561  1.00 26.48 ?  24  ALA A CB     1 
ATOM   176  N N      . ALA A 1 27  ? 4.497   -8.510  -6.756  1.00 27.64 ?  25  ALA A N      1 
ATOM   177  C CA     . ALA A 1 27  ? 5.804   -8.499  -7.432  1.00 28.96 ?  25  ALA A CA     1 
ATOM   178  C C      . ALA A 1 27  ? 6.128   -9.863  -8.013  1.00 34.78 ?  25  ALA A C      1 
ATOM   179  O O      . ALA A 1 27  ? 6.891   -9.973  -8.976  1.00 35.33 ?  25  ALA A O      1 
ATOM   180  C CB     . ALA A 1 27  ? 6.897   -8.059  -6.470  1.00 28.17 ?  25  ALA A CB     1 
ATOM   181  N N      . ALA A 1 28  ? 5.570   -10.905 -7.418  1.00 32.75 ?  26  ALA A N      1 
ATOM   182  C CA     . ALA A 1 28  ? 5.838   -12.265 -7.871  1.00 35.73 ?  26  ALA A CA     1 
ATOM   183  C C      . ALA A 1 28  ? 4.961   -12.676 -9.058  1.00 39.08 ?  26  ALA A C      1 
ATOM   184  O O      . ALA A 1 28  ? 5.248   -13.665 -9.728  1.00 38.61 ?  26  ALA A O      1 
ATOM   185  C CB     . ALA A 1 28  ? 5.655   -13.244 -6.720  1.00 37.96 ?  26  ALA A CB     1 
ATOM   186  N N      . GLN A 1 29  ? 3.892   -11.926 -9.321  1.00 35.69 ?  27  GLN A N      1 
ATOM   187  C CA     . GLN A 1 29  ? 2.957   -12.292 -10.387 1.00 36.42 ?  27  GLN A CA     1 
ATOM   188  C C      . GLN A 1 29  ? 2.938   -11.321 -11.568 1.00 37.75 ?  27  GLN A C      1 
ATOM   189  O O      . GLN A 1 29  ? 2.364   -11.637 -12.609 1.00 40.86 ?  27  GLN A O      1 
ATOM   190  C CB     . GLN A 1 29  ? 1.528   -12.414 -9.823  1.00 33.43 ?  27  GLN A CB     1 
ATOM   191  C CG     . GLN A 1 29  ? 1.403   -13.314 -8.605  1.00 35.00 ?  27  GLN A CG     1 
ATOM   192  C CD     . GLN A 1 29  ? 1.660   -14.767 -8.931  1.00 35.44 ?  27  GLN A CD     1 
ATOM   193  O OE1    . GLN A 1 29  ? 1.683   -15.156 -10.104 1.00 41.05 ?  27  GLN A OE1    1 
ATOM   194  N NE2    . GLN A 1 29  ? 1.850   -15.580 -7.898  1.00 39.06 ?  27  GLN A NE2    1 
ATOM   195  N N      . PHE A 1 30  ? 3.525   -10.136 -11.409 1.00 36.52 ?  28  PHE A N      1 
ATOM   196  C CA     . PHE A 1 30  ? 3.568   -9.146  -12.489 1.00 36.66 ?  28  PHE A CA     1 
ATOM   197  C C      . PHE A 1 30  ? 5.007   -8.767  -12.831 1.00 39.54 ?  28  PHE A C      1 
ATOM   198  O O      . PHE A 1 30  ? 5.891   -8.855  -11.985 1.00 36.76 ?  28  PHE A O      1 
ATOM   199  C CB     . PHE A 1 30  ? 2.794   -7.882  -12.115 1.00 37.62 ?  28  PHE A CB     1 
ATOM   200  C CG     . PHE A 1 30  ? 1.315   -8.093  -11.970 1.00 34.18 ?  28  PHE A CG     1 
ATOM   201  C CD1    . PHE A 1 30  ? 0.788   -8.617  -10.801 1.00 34.71 ?  28  PHE A CD1    1 
ATOM   202  C CD2    . PHE A 1 30  ? 0.449   -7.751  -13.004 1.00 37.78 ?  28  PHE A CD2    1 
ATOM   203  C CE1    . PHE A 1 30  ? -0.575  -8.811  -10.668 1.00 33.84 ?  28  PHE A CE1    1 
ATOM   204  C CE2    . PHE A 1 30  ? -0.919  -7.940  -12.875 1.00 35.34 ?  28  PHE A CE2    1 
ATOM   205  C CZ     . PHE A 1 30  ? -1.431  -8.469  -11.697 1.00 34.01 ?  28  PHE A CZ     1 
ATOM   206  N N      . ASP A 1 31  ? 5.241   -8.319  -14.060 1.00 40.13 ?  29  ASP A N      1 
ATOM   207  C CA     . ASP A 1 31  ? 6.599   -7.949  -14.459 1.00 40.90 ?  29  ASP A CA     1 
ATOM   208  C C      . ASP A 1 31  ? 7.083   -6.734  -13.678 1.00 39.91 ?  29  ASP A C      1 
ATOM   209  O O      . ASP A 1 31  ? 8.215   -6.714  -13.199 1.00 38.71 ?  29  ASP A O      1 
ATOM   210  C CB     . ASP A 1 31  ? 6.667   -7.691  -15.965 1.00 43.69 ?  29  ASP A CB     1 
ATOM   211  C CG     . ASP A 1 31  ? 6.555   -8.974  -16.774 1.00 45.59 ?  29  ASP A CG     1 
ATOM   212  O OD1    . ASP A 1 31  ? 7.166   -9.985  -16.367 1.00 48.96 ?  29  ASP A OD1    1 
ATOM   213  O OD2    . ASP A 1 31  ? 5.850   -8.976  -17.804 1.00 51.80 ?  29  ASP A OD2    1 
ATOM   214  N N      . GLU A 1 32  ? 6.215   -5.737  -13.533 1.00 36.40 ?  30  GLU A N      1 
ATOM   215  C CA     . GLU A 1 32  ? 6.537   -4.535  -12.773 1.00 34.01 ?  30  GLU A CA     1 
ATOM   216  C C      . GLU A 1 32  ? 5.434   -4.238  -11.750 1.00 38.42 ?  30  GLU A C      1 
ATOM   217  O O      . GLU A 1 32  ? 4.258   -4.431  -12.033 1.00 35.27 ?  30  GLU A O      1 
ATOM   218  C CB     . GLU A 1 32  ? 6.721   -3.330  -13.699 1.00 41.44 ?  30  GLU A CB     1 
ATOM   219  C CG     . GLU A 1 32  ? 7.268   -2.085  -12.996 1.00 46.38 ?  30  GLU A CG     1 
ATOM   220  C CD     . GLU A 1 32  ? 7.334   -0.855  -13.905 1.00 52.68 ?  30  GLU A CD     1 
ATOM   221  O OE1    . GLU A 1 32  ? 6.957   -0.962  -15.094 1.00 54.04 ?  30  GLU A OE1    1 
ATOM   222  O OE2    . GLU A 1 32  ? 7.761   0.223   -13.427 1.00 51.92 ?  30  GLU A OE2    1 
ATOM   223  N N      . VAL A 1 33  ? 5.820   -3.766  -10.572 1.00 33.83 ?  31  VAL A N      1 
ATOM   224  C CA     . VAL A 1 33  ? 4.848   -3.258  -9.607  1.00 32.02 ?  31  VAL A CA     1 
ATOM   225  C C      . VAL A 1 33  ? 5.184   -1.809  -9.290  1.00 32.93 ?  31  VAL A C      1 
ATOM   226  O O      . VAL A 1 33  ? 6.336   -1.474  -9.007  1.00 33.90 ?  31  VAL A O      1 
ATOM   227  C CB     . VAL A 1 33  ? 4.818   -4.103  -8.319  1.00 30.88 ?  31  VAL A CB     1 
ATOM   228  C CG1    . VAL A 1 33  ? 3.912   -3.448  -7.280  1.00 30.98 ?  31  VAL A CG1    1 
ATOM   229  C CG2    . VAL A 1 33  ? 4.361   -5.524  -8.608  1.00 34.27 ?  31  VAL A CG2    1 
ATOM   230  N N      . VAL A 1 34  ? 4.184   -0.943  -9.353  1.00 28.37 ?  32  VAL A N      1 
ATOM   231  C CA     . VAL A 1 34  ? 4.378   0.446   -8.974  1.00 28.58 ?  32  VAL A CA     1 
ATOM   232  C C      . VAL A 1 34  ? 3.556   0.716   -7.726  1.00 32.49 ?  32  VAL A C      1 
ATOM   233  O O      . VAL A 1 34  ? 2.330   0.591   -7.754  1.00 30.50 ?  32  VAL A O      1 
ATOM   234  C CB     . VAL A 1 34  ? 3.985   1.418   -10.079 1.00 32.40 ?  32  VAL A CB     1 
ATOM   235  C CG1    . VAL A 1 34  ? 4.139   2.858   -9.589  1.00 33.34 ?  32  VAL A CG1    1 
ATOM   236  C CG2    . VAL A 1 34  ? 4.821   1.189   -11.329 1.00 36.01 ?  32  VAL A CG2    1 
ATOM   237  N N      . VAL A 1 35  ? 4.228   1.092   -6.643  1.00 28.28 ?  33  VAL A N      1 
ATOM   238  C CA     . VAL A 1 35  ? 3.528   1.545   -5.447  1.00 29.34 ?  33  VAL A CA     1 
ATOM   239  C C      . VAL A 1 35  ? 3.254   3.032   -5.611  1.00 35.58 ?  33  VAL A C      1 
ATOM   240  O O      . VAL A 1 35  ? 4.177   3.854   -5.658  1.00 35.12 ?  33  VAL A O      1 
ATOM   241  C CB     . VAL A 1 35  ? 4.320   1.250   -4.164  1.00 29.92 ?  33  VAL A CB     1 
ATOM   242  C CG1    . VAL A 1 35  ? 3.558   1.742   -2.932  1.00 31.08 ?  33  VAL A CG1    1 
ATOM   243  C CG2    . VAL A 1 35  ? 4.617   -0.235  -4.060  1.00 28.86 ?  33  VAL A CG2    1 
ATOM   244  N N      . ALA A 1 36  ? 1.978   3.377   -5.724  1.00 30.00 ?  34  ALA A N      1 
ATOM   245  C CA     . ALA A 1 36  ? 1.580   4.764   -5.904  1.00 34.20 ?  34  ALA A CA     1 
ATOM   246  C C      . ALA A 1 36  ? 1.136   5.361   -4.584  1.00 37.92 ?  34  ALA A C      1 
ATOM   247  O O      . ALA A 1 36  ? 0.105   4.973   -4.022  1.00 32.11 ?  34  ALA A O      1 
ATOM   248  C CB     . ALA A 1 36  ? 0.468   4.882   -6.945  1.00 33.58 ?  34  ALA A CB     1 
ATOM   249  N N      . ILE A 1 37  ? 1.923   6.310   -4.088  1.00 37.93 ?  35  ILE A N      1 
ATOM   250  C CA     . ILE A 1 37  ? 1.601   6.969   -2.839  1.00 38.39 ?  35  ILE A CA     1 
ATOM   251  C C      . ILE A 1 37  ? 0.697   8.146   -3.138  1.00 41.68 ?  35  ILE A C      1 
ATOM   252  O O      . ILE A 1 37  ? 1.101   9.103   -3.798  1.00 42.99 ?  35  ILE A O      1 
ATOM   253  C CB     . ILE A 1 37  ? 2.863   7.386   -2.094  1.00 40.80 ?  35  ILE A CB     1 
ATOM   254  C CG1    . ILE A 1 37  ? 3.761   6.165   -1.908  1.00 36.31 ?  35  ILE A CG1    1 
ATOM   255  C CG2    . ILE A 1 37  ? 2.495   7.995   -0.762  1.00 40.55 ?  35  ILE A CG2    1 
ATOM   256  C CD1    . ILE A 1 37  ? 5.029   6.421   -1.108  1.00 40.19 ?  35  ILE A CD1    1 
ATOM   257  N N      . LEU A 1 38  ? -0.535  8.054   -2.649  1.00 41.82 ?  36  LEU A N      1 
ATOM   258  C CA     . LEU A 1 38  ? -1.593  8.977   -3.024  1.00 46.19 ?  36  LEU A CA     1 
ATOM   259  C C      . LEU A 1 38  ? -1.761  10.079  -1.989  1.00 53.98 ?  36  LEU A C      1 
ATOM   260  O O      . LEU A 1 38  ? -2.210  9.839   -0.867  1.00 56.41 ?  36  LEU A O      1 
ATOM   261  C CB     . LEU A 1 38  ? -2.916  8.224   -3.221  1.00 48.61 ?  36  LEU A CB     1 
ATOM   262  C CG     . LEU A 1 38  ? -3.226  7.672   -4.623  1.00 47.86 ?  36  LEU A CG     1 
ATOM   263  C CD1    . LEU A 1 38  ? -3.200  8.781   -5.661  1.00 50.15 ?  36  LEU A CD1    1 
ATOM   264  C CD2    . LEU A 1 38  ? -2.282  6.553   -5.024  1.00 43.85 ?  36  LEU A CD2    1 
ATOM   265  N N      . VAL A 1 39  ? -1.385  11.290  -2.387  1.00 59.15 ?  37  VAL A N      1 
ATOM   266  C CA     . VAL A 1 39  ? -1.470  12.464  -1.531  1.00 60.64 ?  37  VAL A CA     1 
ATOM   267  C C      . VAL A 1 39  ? -2.891  12.646  -1.007  1.00 61.59 ?  37  VAL A C      1 
ATOM   268  O O      . VAL A 1 39  ? -3.183  13.605  -0.293  1.00 63.22 ?  37  VAL A O      1 
ATOM   269  C CB     . VAL A 1 39  ? -1.002  13.714  -2.292  1.00 59.81 ?  37  VAL A CB     1 
ATOM   270  C CG1    . VAL A 1 39  ? 0.390   13.486  -2.869  1.00 57.41 ?  37  VAL A CG1    1 
ATOM   271  C CG2    . VAL A 1 39  ? -1.993  14.056  -3.399  1.00 60.39 ?  37  VAL A CG2    1 
ATOM   272  N N      . GLY A 1 45  ? -2.199  13.889  7.529   1.00 53.27 ?  43  GLY A N      1 
ATOM   273  C CA     . GLY A 1 45  ? -1.435  12.671  7.740   1.00 51.46 ?  43  GLY A CA     1 
ATOM   274  C C      . GLY A 1 45  ? -0.390  12.822  8.829   1.00 49.57 ?  43  GLY A C      1 
ATOM   275  O O      . GLY A 1 45  ? -0.174  13.924  9.331   1.00 54.17 ?  43  GLY A O      1 
ATOM   276  N N      . MET A 1 46  ? 0.260   11.722  9.199   1.00 46.12 ?  44  MET A N      1 
ATOM   277  C CA     . MET A 1 46  ? 1.285   11.759  10.241  1.00 44.57 ?  44  MET A CA     1 
ATOM   278  C C      . MET A 1 46  ? 2.687   11.944  9.673   1.00 46.35 ?  44  MET A C      1 
ATOM   279  O O      . MET A 1 46  ? 3.496   12.693  10.223  1.00 43.91 ?  44  MET A O      1 
ATOM   280  C CB     . MET A 1 46  ? 1.253   10.486  11.084  1.00 44.02 ?  44  MET A CB     1 
ATOM   281  C CG     . MET A 1 46  ? 2.509   10.301  11.924  1.00 43.13 ?  44  MET A CG     1 
ATOM   282  S SD     . MET A 1 46  ? 2.436   8.893   13.051  1.00 44.18 ?  44  MET A SD     1 
ATOM   283  C CE     . MET A 1 46  ? 1.102   9.421   14.128  1.00 42.46 ?  44  MET A CE     1 
ATOM   284  N N      . PHE A 1 47  ? 2.980   11.243  8.585   1.00 44.82 ?  45  PHE A N      1 
ATOM   285  C CA     . PHE A 1 47  ? 4.272   11.374  7.925   1.00 42.41 ?  45  PHE A CA     1 
ATOM   286  C C      . PHE A 1 47  ? 4.110   12.135  6.619   1.00 47.11 ?  45  PHE A C      1 
ATOM   287  O O      . PHE A 1 47  ? 3.096   12.001  5.932   1.00 43.34 ?  45  PHE A O      1 
ATOM   288  C CB     . PHE A 1 47  ? 4.900   10.001  7.669   1.00 40.79 ?  45  PHE A CB     1 
ATOM   289  C CG     . PHE A 1 47  ? 5.152   9.208   8.920   1.00 44.11 ?  45  PHE A CG     1 
ATOM   290  C CD1    . PHE A 1 47  ? 6.361   9.323   9.599   1.00 43.64 ?  45  PHE A CD1    1 
ATOM   291  C CD2    . PHE A 1 47  ? 4.186   8.345   9.417   1.00 38.14 ?  45  PHE A CD2    1 
ATOM   292  C CE1    . PHE A 1 47  ? 6.600   8.592   10.747  1.00 42.61 ?  45  PHE A CE1    1 
ATOM   293  C CE2    . PHE A 1 47  ? 4.425   7.608   10.569  1.00 39.13 ?  45  PHE A CE2    1 
ATOM   294  C CZ     . PHE A 1 47  ? 5.633   7.736   11.232  1.00 41.59 ?  45  PHE A CZ     1 
ATOM   295  N N      . ASP A 1 48  ? 5.104   12.949  6.281   1.00 46.33 ?  46  ASP A N      1 
ATOM   296  C CA     . ASP A 1 48  ? 5.035   13.717  5.054   1.00 45.39 ?  46  ASP A CA     1 
ATOM   297  C C      . ASP A 1 48  ? 5.390   12.827  3.879   1.00 43.86 ?  46  ASP A C      1 
ATOM   298  O O      . ASP A 1 48  ? 5.944   11.739  4.054   1.00 44.20 ?  46  ASP A O      1 
ATOM   299  C CB     . ASP A 1 48  ? 5.969   14.928  5.104   1.00 48.38 ?  46  ASP A CB     1 
ATOM   300  C CG     . ASP A 1 48  ? 7.424   14.531  5.125   1.00 51.62 ?  46  ASP A CG     1 
ATOM   301  O OD1    . ASP A 1 48  ? 7.950   14.148  4.060   1.00 53.63 ?  46  ASP A OD1    1 
ATOM   302  O OD2    . ASP A 1 48  ? 8.044   14.599  6.209   1.00 60.39 ?  46  ASP A OD2    1 
ATOM   303  N N      . LEU A 1 49  ? 5.083   13.311  2.685   1.00 45.30 ?  47  LEU A N      1 
ATOM   304  C CA     . LEU A 1 49  ? 5.256   12.541  1.463   1.00 45.48 ?  47  LEU A CA     1 
ATOM   305  C C      . LEU A 1 49  ? 6.644   11.922  1.331   1.00 43.78 ?  47  LEU A C      1 
ATOM   306  O O      . LEU A 1 49  ? 6.779   10.768  0.928   1.00 40.28 ?  47  LEU A O      1 
ATOM   307  C CB     . LEU A 1 49  ? 4.965   13.427  0.253   1.00 46.42 ?  47  LEU A CB     1 
ATOM   308  C CG     . LEU A 1 49  ? 4.901   12.712  -1.093  1.00 47.89 ?  47  LEU A CG     1 
ATOM   309  C CD1    . LEU A 1 49  ? 4.022   11.472  -0.972  1.00 48.94 ?  47  LEU A CD1    1 
ATOM   310  C CD2    . LEU A 1 49  ? 4.370   13.655  -2.159  1.00 48.67 ?  47  LEU A CD2    1 
ATOM   311  N N      . ASP A 1 50  ? 7.686   12.675  1.663   1.00 45.68 ?  48  ASP A N      1 
ATOM   312  C CA     . ASP A 1 50  ? 9.032   12.154  1.461   1.00 43.83 ?  48  ASP A CA     1 
ATOM   313  C C      . ASP A 1 50  ? 9.370   11.022  2.432   1.00 41.65 ?  48  ASP A C      1 
ATOM   314  O O      . ASP A 1 50  ? 10.089  10.089  2.074   1.00 40.67 ?  48  ASP A O      1 
ATOM   315  C CB     . ASP A 1 50  ? 10.064  13.271  1.583   1.00 53.69 ?  48  ASP A CB     1 
ATOM   316  C CG     . ASP A 1 50  ? 11.267  13.032  0.700   1.00 63.41 ?  48  ASP A CG     1 
ATOM   317  O OD1    . ASP A 1 50  ? 11.586  11.845  0.446   1.00 61.09 ?  48  ASP A OD1    1 
ATOM   318  O OD2    . ASP A 1 50  ? 11.882  14.026  0.250   1.00 63.35 ?  48  ASP A OD2    1 
ATOM   319  N N      . GLU A 1 51  ? 8.860   11.111  3.655   1.00 40.90 ?  49  GLU A N      1 
ATOM   320  C CA     . GLU A 1 51  ? 9.043   10.049  4.641   1.00 41.53 ?  49  GLU A CA     1 
ATOM   321  C C      . GLU A 1 51  ? 8.307   8.784   4.205   1.00 37.26 ?  49  GLU A C      1 
ATOM   322  O O      . GLU A 1 51  ? 8.819   7.669   4.343   1.00 36.14 ?  49  GLU A O      1 
ATOM   323  C CB     . GLU A 1 51  ? 8.543   10.495  6.019   1.00 44.15 ?  49  GLU A CB     1 
ATOM   324  C CG     . GLU A 1 51  ? 9.417   11.539  6.708   1.00 49.76 ?  49  GLU A CG     1 
ATOM   325  C CD     . GLU A 1 51  ? 8.817   12.034  8.018   1.00 51.83 ?  49  GLU A CD     1 
ATOM   326  O OE1    . GLU A 1 51  ? 9.483   11.901  9.068   1.00 58.88 ?  49  GLU A OE1    1 
ATOM   327  O OE2    . GLU A 1 51  ? 7.682   12.563  7.999   1.00 51.56 ?  49  GLU A OE2    1 
ATOM   328  N N      . ARG A 1 52  ? 7.100   8.969   3.685   1.00 39.52 ?  50  ARG A N      1 
ATOM   329  C CA     . ARG A 1 52  ? 6.295   7.842   3.229   1.00 36.36 ?  50  ARG A CA     1 
ATOM   330  C C      . ARG A 1 52  ? 7.014   7.116   2.101   1.00 34.76 ?  50  ARG A C      1 
ATOM   331  O O      . ARG A 1 52  ? 7.115   5.890   2.104   1.00 35.58 ?  50  ARG A O      1 
ATOM   332  C CB     . ARG A 1 52  ? 4.909   8.308   2.769   1.00 36.62 ?  50  ARG A CB     1 
ATOM   333  C CG     . ARG A 1 52  ? 4.096   9.019   3.836   1.00 38.76 ?  50  ARG A CG     1 
ATOM   334  C CD     . ARG A 1 52  ? 2.681   9.288   3.350   1.00 40.84 ?  50  ARG A CD     1 
ATOM   335  N NE     . ARG A 1 52  ? 2.008   10.296  4.158   1.00 43.87 ?  50  ARG A NE     1 
ATOM   336  C CZ     . ARG A 1 52  ? 0.725   10.623  4.031   1.00 48.94 ?  50  ARG A CZ     1 
ATOM   337  N NH1    . ARG A 1 52  ? 0.194   11.563  4.809   1.00 48.73 ?  50  ARG A NH1    1 
ATOM   338  N NH2    . ARG A 1 52  ? -0.029  10.006  3.129   1.00 46.21 ?  50  ARG A NH2    1 
ATOM   339  N N      . ILE A 1 53  ? 7.531   7.879   1.143   1.00 36.30 ?  51  ILE A N      1 
ATOM   340  C CA     . ILE A 1 53  ? 8.293   7.299   0.051   1.00 36.10 ?  51  ILE A CA     1 
ATOM   341  C C      . ILE A 1 53  ? 9.484   6.525   0.596   1.00 35.43 ?  51  ILE A C      1 
ATOM   342  O O      . ILE A 1 53  ? 9.704   5.361   0.258   1.00 36.00 ?  51  ILE A O      1 
ATOM   343  C CB     . ILE A 1 53  ? 8.765   8.381   -0.930  1.00 39.37 ?  51  ILE A CB     1 
ATOM   344  C CG1    . ILE A 1 53  ? 7.572   9.105   -1.540  1.00 42.74 ?  51  ILE A CG1    1 
ATOM   345  C CG2    . ILE A 1 53  ? 9.631   7.760   -2.009  1.00 41.05 ?  51  ILE A CG2    1 
ATOM   346  C CD1    . ILE A 1 53  ? 7.952   10.299  -2.385  1.00 43.94 ?  51  ILE A CD1    1 
ATOM   347  N N      . ALA A 1 54  ? 10.260  7.182   1.447   1.00 38.05 ?  52  ALA A N      1 
ATOM   348  C CA     . ALA A 1 54  ? 11.437  6.558   2.032   1.00 37.16 ?  52  ALA A CA     1 
ATOM   349  C C      . ALA A 1 54  ? 11.088  5.265   2.756   1.00 34.41 ?  52  ALA A C      1 
ATOM   350  O O      . ALA A 1 54  ? 11.773  4.256   2.615   1.00 34.47 ?  52  ALA A O      1 
ATOM   351  C CB     . ALA A 1 54  ? 12.130  7.527   2.991   1.00 38.94 ?  52  ALA A CB     1 
ATOM   352  N N      . MET A 1 55  ? 10.015  5.291   3.532   1.00 37.01 ?  53  MET A N      1 
ATOM   353  C CA     . MET A 1 55  ? 9.644   4.101   4.277   1.00 34.86 ?  53  MET A CA     1 
ATOM   354  C C      . MET A 1 55  ? 9.265   2.958   3.341   1.00 33.56 ?  53  MET A C      1 
ATOM   355  O O      . MET A 1 55  ? 9.658   1.828   3.579   1.00 33.26 ?  53  MET A O      1 
ATOM   356  C CB     . MET A 1 55  ? 8.522   4.420   5.261   1.00 37.20 ?  53  MET A CB     1 
ATOM   357  C CG     . MET A 1 55  ? 9.038   5.198   6.468   1.00 36.58 ?  53  MET A CG     1 
ATOM   358  S SD     . MET A 1 55  ? 7.797   5.497   7.732   1.00 38.46 ?  53  MET A SD     1 
ATOM   359  C CE     . MET A 1 55  ? 6.740   6.633   6.854   1.00 37.19 ?  53  MET A CE     1 
ATOM   360  N N      . VAL A 1 56  ? 8.538   3.236   2.259   1.00 33.25 ?  54  VAL A N      1 
ATOM   361  C CA     . VAL A 1 56  ? 8.234   2.162   1.320   1.00 32.98 ?  54  VAL A CA     1 
ATOM   362  C C      . VAL A 1 56  ? 9.511   1.636   0.657   1.00 32.42 ?  54  VAL A C      1 
ATOM   363  O O      . VAL A 1 56  ? 9.744   0.429   0.620   1.00 30.25 ?  54  VAL A O      1 
ATOM   364  C CB     . VAL A 1 56  ? 7.208   2.596   0.253   1.00 31.47 ?  54  VAL A CB     1 
ATOM   365  C CG1    . VAL A 1 56  ? 7.034   1.489   -0.758  1.00 32.66 ?  54  VAL A CG1    1 
ATOM   366  C CG2    . VAL A 1 56  ? 5.867   2.952   0.905   1.00 33.18 ?  54  VAL A CG2    1 
ATOM   367  N N      . LYS A 1 57  ? 10.348  2.535   0.140   1.00 36.12 ?  55  LYS A N      1 
ATOM   368  C CA     . LYS A 1 57  ? 11.594  2.100   -0.493  1.00 36.59 ?  55  LYS A CA     1 
ATOM   369  C C      . LYS A 1 57  ? 12.430  1.231   0.446   1.00 34.39 ?  55  LYS A C      1 
ATOM   370  O O      . LYS A 1 57  ? 12.889  0.149   0.074   1.00 35.17 ?  55  LYS A O      1 
ATOM   371  C CB     . LYS A 1 57  ? 12.430  3.303   -0.944  1.00 39.73 ?  55  LYS A CB     1 
ATOM   372  C CG     . LYS A 1 57  ? 11.846  4.118   -2.082  1.00 43.03 ?  55  LYS A CG     1 
ATOM   373  C CD     . LYS A 1 57  ? 12.965  4.620   -2.988  1.00 44.67 ?  55  LYS A CD     1 
ATOM   374  C CE     . LYS A 1 57  ? 12.475  5.687   -3.939  1.00 48.84 ?  55  LYS A CE     1 
ATOM   375  N NZ     . LYS A 1 57  ? 12.222  6.948   -3.201  1.00 55.63 ?  55  LYS A NZ     1 
ATOM   376  N N      . GLU A 1 58  ? 12.636  1.710   1.666   1.00 35.93 ?  56  GLU A N      1 
ATOM   377  C CA     . GLU A 1 58  ? 13.475  0.997   2.619   1.00 35.55 ?  56  GLU A CA     1 
ATOM   378  C C      . GLU A 1 58  ? 12.904  -0.365  2.971   1.00 37.42 ?  56  GLU A C      1 
ATOM   379  O O      . GLU A 1 58  ? 13.641  -1.279  3.345   1.00 36.67 ?  56  GLU A O      1 
ATOM   380  C CB     . GLU A 1 58  ? 13.665  1.828   3.891   1.00 40.16 ?  56  GLU A CB     1 
ATOM   381  C CG     . GLU A 1 58  ? 14.454  3.114   3.662   1.00 41.83 ?  56  GLU A CG     1 
ATOM   382  C CD     . GLU A 1 58  ? 14.585  3.948   4.917   1.00 44.85 ?  56  GLU A CD     1 
ATOM   383  O OE1    . GLU A 1 58  ? 14.462  3.377   6.019   1.00 46.35 ?  56  GLU A OE1    1 
ATOM   384  O OE2    . GLU A 1 58  ? 14.803  5.175   4.799   1.00 48.45 ?  56  GLU A OE2    1 
ATOM   385  N N      . SER A 1 59  ? 11.589  -0.507  2.847   1.00 35.01 ?  57  SER A N      1 
ATOM   386  C CA     . SER A 1 59  ? 10.947  -1.767  3.199   1.00 35.88 ?  57  SER A CA     1 
ATOM   387  C C      . SER A 1 59  ? 10.794  -2.710  2.014   1.00 34.82 ?  57  SER A C      1 
ATOM   388  O O      . SER A 1 59  ? 10.324  -3.823  2.186   1.00 35.02 ?  57  SER A O      1 
ATOM   389  C CB     . SER A 1 59  ? 9.572   -1.502  3.813   1.00 34.24 ?  57  SER A CB     1 
ATOM   390  O OG     . SER A 1 59  ? 9.662   -0.596  4.896   1.00 35.86 ?  57  SER A OG     1 
ATOM   391  N N      . THR A 1 60  ? 11.211  -2.285  0.821   1.00 32.30 ?  58  THR A N      1 
ATOM   392  C CA     . THR A 1 60  ? 11.019  -3.103  -0.363  1.00 34.33 ?  58  THR A CA     1 
ATOM   393  C C      . THR A 1 60  ? 12.302  -3.317  -1.168  1.00 37.53 ?  58  THR A C      1 
ATOM   394  O O      . THR A 1 60  ? 12.250  -3.517  -2.380  1.00 35.73 ?  58  THR A O      1 
ATOM   395  C CB     . THR A 1 60  ? 9.960   -2.486  -1.305  1.00 31.09 ?  58  THR A CB     1 
ATOM   396  O OG1    . THR A 1 60  ? 10.295  -1.123  -1.608  1.00 32.01 ?  58  THR A OG1    1 
ATOM   397  C CG2    . THR A 1 60  ? 8.564   -2.528  -0.648  1.00 30.98 ?  58  THR A CG2    1 
ATOM   398  N N      . THR A 1 61  ? 13.449  -3.293  -0.497  1.00 37.91 ?  59  THR A N      1 
ATOM   399  C CA     . THR A 1 61  ? 14.715  -3.442  -1.209  1.00 39.39 ?  59  THR A CA     1 
ATOM   400  C C      . THR A 1 61  ? 14.871  -4.851  -1.774  1.00 39.03 ?  59  THR A C      1 
ATOM   401  O O      . THR A 1 61  ? 15.655  -5.087  -2.701  1.00 40.21 ?  59  THR A O      1 
ATOM   402  C CB     . THR A 1 61  ? 15.904  -3.120  -0.290  1.00 36.37 ?  59  THR A CB     1 
ATOM   403  O OG1    . THR A 1 61  ? 15.848  -3.971  0.859   1.00 42.45 ?  59  THR A OG1    1 
ATOM   404  C CG2    . THR A 1 61  ? 15.831  -1.672  0.160   1.00 38.66 ?  59  THR A CG2    1 
ATOM   405  N N      . HIS A 1 62  ? 14.113  -5.791  -1.226  1.00 36.42 ?  60  HIS A N      1 
ATOM   406  C CA     . HIS A 1 62  ? 14.153  -7.159  -1.703  1.00 34.58 ?  60  HIS A CA     1 
ATOM   407  C C      . HIS A 1 62  ? 13.272  -7.398  -2.921  1.00 35.92 ?  60  HIS A C      1 
ATOM   408  O O      . HIS A 1 62  ? 13.166  -8.529  -3.377  1.00 35.80 ?  60  HIS A O      1 
ATOM   409  C CB     . HIS A 1 62  ? 13.746  -8.121  -0.586  1.00 37.76 ?  60  HIS A CB     1 
ATOM   410  C CG     . HIS A 1 62  ? 12.375  -7.867  -0.034  1.00 37.31 ?  60  HIS A CG     1 
ATOM   411  N ND1    . HIS A 1 62  ? 11.969  -6.629  0.407   1.00 37.50 ?  60  HIS A ND1    1 
ATOM   412  C CD2    . HIS A 1 62  ? 11.331  -8.705  0.173   1.00 37.74 ?  60  HIS A CD2    1 
ATOM   413  C CE1    . HIS A 1 62  ? 10.723  -6.708  0.845   1.00 38.42 ?  60  HIS A CE1    1 
ATOM   414  N NE2    . HIS A 1 62  ? 10.316  -7.957  0.723   1.00 35.76 ?  60  HIS A NE2    1 
ATOM   415  N N      . LEU A 1 63  ? 12.646  -6.345  -3.440  1.00 36.40 ?  61  LEU A N      1 
ATOM   416  C CA     . LEU A 1 63  ? 11.762  -6.475  -4.604  1.00 34.64 ?  61  LEU A CA     1 
ATOM   417  C C      . LEU A 1 63  ? 12.256  -5.645  -5.787  1.00 34.92 ?  61  LEU A C      1 
ATOM   418  O O      . LEU A 1 63  ? 11.819  -4.515  -5.992  1.00 35.63 ?  61  LEU A O      1 
ATOM   419  C CB     . LEU A 1 63  ? 10.329  -6.057  -4.235  1.00 35.76 ?  61  LEU A CB     1 
ATOM   420  C CG     . LEU A 1 63  ? 9.714   -6.816  -3.063  1.00 33.54 ?  61  LEU A CG     1 
ATOM   421  C CD1    . LEU A 1 63  ? 8.357   -6.213  -2.688  1.00 34.34 ?  61  LEU A CD1    1 
ATOM   422  C CD2    . LEU A 1 63  ? 9.572   -8.298  -3.411  1.00 34.74 ?  61  LEU A CD2    1 
ATOM   423  N N      . PRO A 1 64  ? 13.169  -6.216  -6.582  1.00 38.88 ?  62  PRO A N      1 
ATOM   424  C CA     . PRO A 1 64  ? 13.846  -5.449  -7.630  1.00 39.94 ?  62  PRO A CA     1 
ATOM   425  C C      . PRO A 1 64  ? 12.926  -4.962  -8.748  1.00 40.00 ?  62  PRO A C      1 
ATOM   426  O O      . PRO A 1 64  ? 13.283  -4.011  -9.435  1.00 41.21 ?  62  PRO A O      1 
ATOM   427  C CB     . PRO A 1 64  ? 14.892  -6.439  -8.173  1.00 39.55 ?  62  PRO A CB     1 
ATOM   428  C CG     . PRO A 1 64  ? 14.375  -7.794  -7.815  1.00 42.56 ?  62  PRO A CG     1 
ATOM   429  C CD     . PRO A 1 64  ? 13.609  -7.619  -6.529  1.00 37.44 ?  62  PRO A CD     1 
ATOM   430  N N      . ASN A 1 65  ? 11.761  -5.578  -8.934  1.00 37.82 ?  63  ASN A N      1 
ATOM   431  C CA     . ASN A 1 65  ? 10.858  -5.113  -9.984  1.00 35.72 ?  63  ASN A CA     1 
ATOM   432  C C      . ASN A 1 65  ? 9.787   -4.177  -9.422  1.00 37.18 ?  63  ASN A C      1 
ATOM   433  O O      . ASN A 1 65  ? 8.802   -3.862  -10.091 1.00 37.87 ?  63  ASN A O      1 
ATOM   434  C CB     . ASN A 1 65  ? 10.210  -6.297  -10.708 1.00 36.04 ?  63  ASN A CB     1 
ATOM   435  C CG     . ASN A 1 65  ? 9.362   -7.154  -9.789  1.00 35.33 ?  63  ASN A CG     1 
ATOM   436  O OD1    . ASN A 1 65  ? 9.647   -7.282  -8.595  1.00 38.16 ?  63  ASN A OD1    1 
ATOM   437  N ND2    . ASN A 1 65  ? 8.326   -7.776  -10.356 1.00 35.56 ?  63  ASN A ND2    1 
ATOM   438  N N      . LEU A 1 66  ? 9.988   -3.727  -8.193  1.00 34.78 ?  64  LEU A N      1 
ATOM   439  C CA     . LEU A 1 66  ? 9.046   -2.812  -7.581  1.00 36.49 ?  64  LEU A CA     1 
ATOM   440  C C      . LEU A 1 66  ? 9.603   -1.401  -7.595  1.00 37.72 ?  64  LEU A C      1 
ATOM   441  O O      . LEU A 1 66  ? 10.794  -1.170  -7.373  1.00 39.37 ?  64  LEU A O      1 
ATOM   442  C CB     . LEU A 1 66  ? 8.709   -3.260  -6.155  1.00 35.15 ?  64  LEU A CB     1 
ATOM   443  C CG     . LEU A 1 66  ? 7.627   -2.458  -5.432  1.00 37.32 ?  64  LEU A CG     1 
ATOM   444  C CD1    . LEU A 1 66  ? 6.924   -3.334  -4.376  1.00 34.97 ?  64  LEU A CD1    1 
ATOM   445  C CD2    . LEU A 1 66  ? 8.225   -1.206  -4.800  1.00 34.49 ?  64  LEU A CD2    1 
ATOM   446  N N      . ARG A 1 67  ? 8.710   -0.462  -7.853  1.00 34.32 ?  65  ARG A N      1 
ATOM   447  C CA     . ARG A 1 67  ? 9.044   0.928   -8.040  1.00 35.89 ?  65  ARG A CA     1 
ATOM   448  C C      . ARG A 1 67  ? 8.072   1.803   -7.261  1.00 39.71 ?  65  ARG A C      1 
ATOM   449  O O      . ARG A 1 67  ? 6.875   1.530   -7.234  1.00 38.19 ?  65  ARG A O      1 
ATOM   450  C CB     . ARG A 1 67  ? 9.012   1.243   -9.537  1.00 42.11 ?  65  ARG A CB     1 
ATOM   451  C CG     . ARG A 1 67  ? 8.889   2.684   -9.885  1.00 44.34 ?  65  ARG A CG     1 
ATOM   452  C CD     . ARG A 1 67  ? 9.209   2.889   -11.362 1.00 48.42 ?  65  ARG A CD     1 
ATOM   453  N NE     . ARG A 1 67  ? 8.026   2.882   -12.220 1.00 49.06 ?  65  ARG A NE     1 
ATOM   454  C CZ     . ARG A 1 67  ? 7.208   3.924   -12.362 1.00 51.05 ?  65  ARG A CZ     1 
ATOM   455  N NH1    . ARG A 1 67  ? 6.158   3.843   -13.171 1.00 49.73 ?  65  ARG A NH1    1 
ATOM   456  N NH2    . ARG A 1 67  ? 7.437   5.042   -11.685 1.00 49.70 ?  65  ARG A NH2    1 
ATOM   457  N N      . VAL A 1 68  ? 8.575   2.850   -6.616  1.00 37.36 ?  66  VAL A N      1 
ATOM   458  C CA     . VAL A 1 68  ? 7.719   3.711   -5.810  1.00 34.86 ?  66  VAL A CA     1 
ATOM   459  C C      . VAL A 1 68  ? 7.559   5.082   -6.453  1.00 42.79 ?  66  VAL A C      1 
ATOM   460  O O      . VAL A 1 68  ? 8.534   5.691   -6.895  1.00 43.72 ?  66  VAL A O      1 
ATOM   461  C CB     . VAL A 1 68  ? 8.265   3.835   -4.374  1.00 37.59 ?  66  VAL A CB     1 
ATOM   462  C CG1    . VAL A 1 68  ? 7.296   4.610   -3.503  1.00 38.66 ?  66  VAL A CG1    1 
ATOM   463  C CG2    . VAL A 1 68  ? 8.539   2.456   -3.814  1.00 37.06 ?  66  VAL A CG2    1 
ATOM   464  N N      . GLN A 1 69  ? 6.326   5.568   -6.511  1.00 38.76 ?  67  GLN A N      1 
ATOM   465  C CA     . GLN A 1 69  ? 6.032   6.822   -7.185  1.00 39.73 ?  67  GLN A CA     1 
ATOM   466  C C      . GLN A 1 69  ? 4.877   7.556   -6.516  1.00 43.18 ?  67  GLN A C      1 
ATOM   467  O O      . GLN A 1 69  ? 3.925   6.932   -6.045  1.00 43.41 ?  67  GLN A O      1 
ATOM   468  C CB     . GLN A 1 69  ? 5.700   6.563   -8.656  1.00 42.84 ?  67  GLN A CB     1 
ATOM   469  C CG     . GLN A 1 69  ? 6.241   7.607   -9.610  1.00 51.54 ?  67  GLN A CG     1 
ATOM   470  C CD     . GLN A 1 69  ? 5.368   7.780   -10.830 1.00 50.55 ?  67  GLN A CD     1 
ATOM   471  O OE1    . GLN A 1 69  ? 5.406   6.973   -11.762 1.00 54.49 ?  67  GLN A OE1    1 
ATOM   472  N NE2    . GLN A 1 69  ? 4.563   8.840   -10.833 1.00 51.07 ?  67  GLN A NE2    1 
ATOM   473  N N      . VAL A 1 70  ? 4.959   8.879   -6.463  1.00 40.09 ?  68  VAL A N      1 
ATOM   474  C CA     . VAL A 1 70  ? 3.839   9.673   -5.983  1.00 41.30 ?  68  VAL A CA     1 
ATOM   475  C C      . VAL A 1 70  ? 2.786   9.742   -7.086  1.00 43.99 ?  68  VAL A C      1 
ATOM   476  O O      . VAL A 1 70  ? 3.105   9.823   -8.271  1.00 42.87 ?  68  VAL A O      1 
ATOM   477  C CB     . VAL A 1 70  ? 4.268   11.082  -5.543  1.00 43.77 ?  68  VAL A CB     1 
ATOM   478  C CG1    . VAL A 1 70  ? 3.043   11.946  -5.282  1.00 44.61 ?  68  VAL A CG1    1 
ATOM   479  C CG2    . VAL A 1 70  ? 5.121   11.009  -4.289  1.00 45.69 ?  68  VAL A CG2    1 
ATOM   480  N N      . GLY A 1 71  ? 1.525   9.687   -6.686  1.00 44.65 ?  69  GLY A N      1 
ATOM   481  C CA     . GLY A 1 71  ? 0.429   9.784   -7.625  1.00 43.57 ?  69  GLY A CA     1 
ATOM   482  C C      . GLY A 1 71  ? -0.524  10.892  -7.239  1.00 45.71 ?  69  GLY A C      1 
ATOM   483  O O      . GLY A 1 71  ? -0.617  11.262  -6.065  1.00 44.20 ?  69  GLY A O      1 
ATOM   484  N N      . HIS A 1 72  ? -1.215  11.435  -8.235  1.00 38.94 ?  70  HIS A N      1 
ATOM   485  C CA     . HIS A 1 72  ? -2.202  12.481  -8.021  1.00 43.87 ?  70  HIS A CA     1 
ATOM   486  C C      . HIS A 1 72  ? -3.404  12.218  -8.906  1.00 39.12 ?  70  HIS A C      1 
ATOM   487  O O      . HIS A 1 72  ? -3.262  11.743  -10.034 1.00 40.56 ?  70  HIS A O      1 
ATOM   488  C CB     . HIS A 1 72  ? -1.622  13.867  -8.330  1.00 47.96 ?  70  HIS A CB     1 
ATOM   489  C CG     . HIS A 1 72  ? -0.215  14.054  -7.853  1.00 45.87 ?  70  HIS A CG     1 
ATOM   490  N ND1    . HIS A 1 72  ? 0.108   14.874  -6.794  1.00 52.34 ?  70  HIS A ND1    1 
ATOM   491  C CD2    . HIS A 1 72  ? 0.952   13.522  -8.289  1.00 45.81 ?  70  HIS A CD2    1 
ATOM   492  C CE1    . HIS A 1 72  ? 1.416   14.844  -6.600  1.00 46.85 ?  70  HIS A CE1    1 
ATOM   493  N NE2    . HIS A 1 72  ? 1.951   14.029  -7.492  1.00 45.71 ?  70  HIS A NE2    1 
ATOM   494  N N      . GLY A 1 73  ? -4.586  12.542  -8.405  1.00 39.72 ?  71  GLY A N      1 
ATOM   495  C CA     . GLY A 1 73  ? -5.793  12.365  -9.186  1.00 42.04 ?  71  GLY A CA     1 
ATOM   496  C C      . GLY A 1 73  ? -6.281  10.933  -9.158  1.00 38.65 ?  71  GLY A C      1 
ATOM   497  O O      . GLY A 1 73  ? -5.995  10.203  -8.212  1.00 42.32 ?  71  GLY A O      1 
ATOM   498  N N      . LEU A 1 74  ? -7.015  10.540  -10.195 1.00 37.98 ?  72  LEU A N      1 
ATOM   499  C CA     . LEU A 1 74  ? -7.582  9.196   -10.287 1.00 35.75 ?  72  LEU A CA     1 
ATOM   500  C C      . LEU A 1 74  ? -6.500  8.137   -10.417 1.00 35.56 ?  72  LEU A C      1 
ATOM   501  O O      . LEU A 1 74  ? -5.588  8.260   -11.239 1.00 32.06 ?  72  LEU A O      1 
ATOM   502  C CB     . LEU A 1 74  ? -8.537  9.084   -11.477 1.00 34.12 ?  72  LEU A CB     1 
ATOM   503  C CG     . LEU A 1 74  ? -9.798  9.949   -11.448 1.00 36.59 ?  72  LEU A CG     1 
ATOM   504  C CD1    . LEU A 1 74  ? -10.610 9.757   -12.726 1.00 40.02 ?  72  LEU A CD1    1 
ATOM   505  C CD2    . LEU A 1 74  ? -10.634 9.653   -10.213 1.00 35.56 ?  72  LEU A CD2    1 
ATOM   506  N N      . VAL A 1 75  ? -6.621  7.084   -9.612  1.00 31.31 ?  73  VAL A N      1 
ATOM   507  C CA     . VAL A 1 75  ? -5.758  5.918   -9.746  1.00 31.65 ?  73  VAL A CA     1 
ATOM   508  C C      . VAL A 1 75  ? -5.764  5.389   -11.174 1.00 30.47 ?  73  VAL A C      1 
ATOM   509  O O      . VAL A 1 75  ? -4.712  5.019   -11.703 1.00 32.30 ?  73  VAL A O      1 
ATOM   510  C CB     . VAL A 1 75  ? -6.177  4.805   -8.760  1.00 31.04 ?  73  VAL A CB     1 
ATOM   511  C CG1    . VAL A 1 75  ? -5.285  3.573   -8.960  1.00 33.06 ?  73  VAL A CG1    1 
ATOM   512  C CG2    . VAL A 1 75  ? -6.094  5.307   -7.341  1.00 36.30 ?  73  VAL A CG2    1 
ATOM   513  N N      . VAL A 1 76  ? -6.931  5.349   -11.822 1.00 27.48 ?  74  VAL A N      1 
ATOM   514  C CA     . VAL A 1 76  ? -6.978  4.762   -13.160 1.00 26.69 ?  74  VAL A CA     1 
ATOM   515  C C      . VAL A 1 76  ? -6.178  5.615   -14.142 1.00 28.99 ?  74  VAL A C      1 
ATOM   516  O O      . VAL A 1 76  ? -5.617  5.086   -15.096 1.00 31.66 ?  74  VAL A O      1 
ATOM   517  C CB     . VAL A 1 76  ? -8.416  4.559   -13.682 1.00 28.96 ?  74  VAL A CB     1 
ATOM   518  C CG1    . VAL A 1 76  ? -9.110  3.419   -12.915 1.00 28.91 ?  74  VAL A CG1    1 
ATOM   519  C CG2    . VAL A 1 76  ? -9.222  5.852   -13.625 1.00 29.15 ?  74  VAL A CG2    1 
ATOM   520  N N      . ASP A 1 77  ? -6.125  6.920   -13.904 1.00 29.88 ?  75  ASP A N      1 
ATOM   521  C CA     . ASP A 1 77  ? -5.306  7.788   -14.763 1.00 35.40 ?  75  ASP A CA     1 
ATOM   522  C C      . ASP A 1 77  ? -3.841  7.421   -14.594 1.00 35.69 ?  75  ASP A C      1 
ATOM   523  O O      . ASP A 1 77  ? -3.092  7.317   -15.565 1.00 36.74 ?  75  ASP A O      1 
ATOM   524  C CB     . ASP A 1 77  ? -5.509  9.270   -14.430 1.00 36.40 ?  75  ASP A CB     1 
ATOM   525  C CG     . ASP A 1 77  ? -6.823  9.825   -14.949 1.00 40.49 ?  75  ASP A CG     1 
ATOM   526  O OD1    . ASP A 1 77  ? -7.483  9.171   -15.785 1.00 40.90 ?  75  ASP A OD1    1 
ATOM   527  O OD2    . ASP A 1 77  ? -7.186  10.944  -14.522 1.00 46.57 ?  75  ASP A OD2    1 
ATOM   528  N N      . PHE A 1 78  ? -3.435  7.237   -13.345 1.00 32.29 ?  76  PHE A N      1 
ATOM   529  C CA     . PHE A 1 78  ? -2.062  6.865   -13.024 1.00 33.20 ?  76  PHE A CA     1 
ATOM   530  C C      . PHE A 1 78  ? -1.707  5.545   -13.704 1.00 37.51 ?  76  PHE A C      1 
ATOM   531  O O      . PHE A 1 78  ? -0.655  5.406   -14.333 1.00 34.74 ?  76  PHE A O      1 
ATOM   532  C CB     . PHE A 1 78  ? -1.899  6.760   -11.506 1.00 35.15 ?  76  PHE A CB     1 
ATOM   533  C CG     . PHE A 1 78  ? -0.493  6.515   -11.061 1.00 38.96 ?  76  PHE A CG     1 
ATOM   534  C CD1    . PHE A 1 78  ? 0.003   5.224   -10.961 1.00 37.17 ?  76  PHE A CD1    1 
ATOM   535  C CD2    . PHE A 1 78  ? 0.339   7.578   -10.742 1.00 39.27 ?  76  PHE A CD2    1 
ATOM   536  C CE1    . PHE A 1 78  ? 1.307   4.995   -10.552 1.00 41.75 ?  76  PHE A CE1    1 
ATOM   537  C CE2    . PHE A 1 78  ? 1.644   7.356   -10.327 1.00 42.79 ?  76  PHE A CE2    1 
ATOM   538  C CZ     . PHE A 1 78  ? 2.129   6.066   -10.235 1.00 41.19 ?  76  PHE A CZ     1 
ATOM   539  N N      . VAL A 1 79  ? -2.608  4.574   -13.577 1.00 31.73 ?  77  VAL A N      1 
ATOM   540  C CA     . VAL A 1 79  ? -2.411  3.258   -14.149 1.00 30.85 ?  77  VAL A CA     1 
ATOM   541  C C      . VAL A 1 79  ? -2.234  3.332   -15.654 1.00 35.99 ?  77  VAL A C      1 
ATOM   542  O O      . VAL A 1 79  ? -1.302  2.747   -16.204 1.00 39.05 ?  77  VAL A O      1 
ATOM   543  C CB     . VAL A 1 79  ? -3.592  2.325   -13.787 1.00 33.71 ?  77  VAL A CB     1 
ATOM   544  C CG1    . VAL A 1 79  ? -3.521  1.048   -14.590 1.00 34.96 ?  77  VAL A CG1    1 
ATOM   545  C CG2    . VAL A 1 79  ? -3.599  2.047   -12.300 1.00 32.95 ?  77  VAL A CG2    1 
ATOM   546  N N      . ARG A 1 80  ? -3.126  4.055   -16.325 1.00 33.21 ?  78  ARG A N      1 
ATOM   547  C CA     . ARG A 1 80  ? -3.095  4.109   -17.781 1.00 35.63 ?  78  ARG A CA     1 
ATOM   548  C C      . ARG A 1 80  ? -1.892  4.899   -18.303 1.00 37.41 ?  78  ARG A C      1 
ATOM   549  O O      . ARG A 1 80  ? -1.330  4.564   -19.346 1.00 41.38 ?  78  ARG A O      1 
ATOM   550  C CB     . ARG A 1 80  ? -4.386  4.715   -18.317 1.00 37.74 ?  78  ARG A CB     1 
ATOM   551  C CG     . ARG A 1 80  ? -5.622  3.992   -17.831 1.00 40.80 ?  78  ARG A CG     1 
ATOM   552  C CD     . ARG A 1 80  ? -6.659  3.905   -18.912 1.00 44.64 ?  78  ARG A CD     1 
ATOM   553  N NE     . ARG A 1 80  ? -6.247  2.983   -19.965 1.00 52.38 ?  78  ARG A NE     1 
ATOM   554  C CZ     . ARG A 1 80  ? -7.067  2.536   -20.910 1.00 55.79 ?  78  ARG A CZ     1 
ATOM   555  N NH1    . ARG A 1 80  ? -8.334  2.930   -20.917 1.00 49.48 ?  78  ARG A NH1    1 
ATOM   556  N NH2    . ARG A 1 80  ? -6.628  1.700   -21.841 1.00 59.23 ?  78  ARG A NH2    1 
ATOM   557  N N      . SER A 1 81  ? -1.500  5.942   -17.583 1.00 38.69 ?  79  SER A N      1 
ATOM   558  C CA     . SER A 1 81  ? -0.366  6.751   -18.020 1.00 40.88 ?  79  SER A CA     1 
ATOM   559  C C      . SER A 1 81  ? 0.923   5.954   -17.927 1.00 42.57 ?  79  SER A C      1 
ATOM   560  O O      . SER A 1 81  ? 1.803   6.099   -18.772 1.00 49.16 ?  79  SER A O      1 
ATOM   561  C CB     . SER A 1 81  ? -0.258  8.031   -17.190 1.00 36.46 ?  79  SER A CB     1 
ATOM   562  O OG     . SER A 1 81  ? -1.404  8.829   -17.396 1.00 44.74 ?  79  SER A OG     1 
ATOM   563  N N      . CYS A 1 82  ? 1.021   5.117   -16.899 1.00 43.34 ?  80  CYS A N      1 
ATOM   564  C CA     . CYS A 1 82  ? 2.207   4.303   -16.646 1.00 46.05 ?  80  CYS A CA     1 
ATOM   565  C C      . CYS A 1 82  ? 2.252   3.037   -17.499 1.00 46.26 ?  80  CYS A C      1 
ATOM   566  O O      . CYS A 1 82  ? 3.150   2.209   -17.350 1.00 49.50 ?  80  CYS A O      1 
ATOM   567  C CB     . CYS A 1 82  ? 2.272   3.920   -15.168 1.00 47.26 ?  80  CYS A CB     1 
ATOM   568  S SG     . CYS A 1 82  ? 2.520   5.332   -14.058 1.00 64.86 ?  80  CYS A SG     1 
ATOM   569  N N      . GLY A 1 83  ? 1.276   2.883   -18.384 1.00 40.89 ?  81  GLY A N      1 
ATOM   570  C CA     . GLY A 1 83  ? 1.216   1.721   -19.246 1.00 44.26 ?  81  GLY A CA     1 
ATOM   571  C C      . GLY A 1 83  ? 0.696   0.423   -18.655 1.00 46.48 ?  81  GLY A C      1 
ATOM   572  O O      . GLY A 1 83  ? 1.105   -0.652  -19.096 1.00 47.16 ?  81  GLY A O      1 
ATOM   573  N N      . MET A 1 84  ? -0.201  0.495   -17.672 1.00 41.47 ?  82  MET A N      1 
ATOM   574  C CA     . MET A 1 84  ? -0.818  -0.722  -17.144 1.00 36.46 ?  82  MET A CA     1 
ATOM   575  C C      . MET A 1 84  ? -2.334  -0.625  -17.120 1.00 40.55 ?  82  MET A C      1 
ATOM   576  O O      . MET A 1 84  ? -2.909  0.429   -17.400 1.00 43.47 ?  82  MET A O      1 
ATOM   577  C CB     . MET A 1 84  ? -0.312  -1.016  -15.739 1.00 42.17 ?  82  MET A CB     1 
ATOM   578  C CG     . MET A 1 84  ? 1.119   -0.587  -15.519 1.00 41.88 ?  82  MET A CG     1 
ATOM   579  S SD     . MET A 1 84  ? 1.731   -0.985  -13.871 1.00 49.29 ?  82  MET A SD     1 
ATOM   580  C CE     . MET A 1 84  ? 3.461   -0.570  -14.071 1.00 41.68 ?  82  MET A CE     1 
ATOM   581  N N      . THR A 1 85  ? -2.975  -1.737  -16.767 1.00 37.63 ?  83  THR A N      1 
ATOM   582  C CA     . THR A 1 85  ? -4.429  -1.777  -16.667 1.00 36.96 ?  83  THR A CA     1 
ATOM   583  C C      . THR A 1 85  ? -4.878  -2.629  -15.479 1.00 37.10 ?  83  THR A C      1 
ATOM   584  O O      . THR A 1 85  ? -6.045  -3.050  -15.414 1.00 34.67 ?  83  THR A O      1 
ATOM   585  C CB     . THR A 1 85  ? -5.080  -2.328  -17.960 1.00 40.88 ?  83  THR A CB     1 
ATOM   586  O OG1    . THR A 1 85  ? -4.616  -3.663  -18.210 1.00 39.79 ?  83  THR A OG1    1 
ATOM   587  C CG2    . THR A 1 85  ? -4.755  -1.420  -19.160 1.00 41.73 ?  83  THR A CG2    1 
ATOM   588  N N      . ALA A 1 86  ? -3.962  -2.878  -14.545 1.00 37.93 ?  84  ALA A N      1 
ATOM   589  C CA     . ALA A 1 86  ? -4.315  -3.626  -13.351 1.00 28.29 ?  84  ALA A CA     1 
ATOM   590  C C      . ALA A 1 86  ? -3.934  -2.886  -12.068 1.00 26.62 ?  84  ALA A C      1 
ATOM   591  O O      . ALA A 1 86  ? -2.834  -2.333  -11.925 1.00 26.64 ?  84  ALA A O      1 
ATOM   592  C CB     . ALA A 1 86  ? -3.677  -4.995  -13.376 1.00 28.78 ?  84  ALA A CB     1 
ATOM   593  N N      . ILE A 1 87  ? -4.881  -2.889  -11.135 1.00 22.10 ?  85  ILE A N      1 
ATOM   594  C CA     . ILE A 1 87  ? -4.687  -2.397  -9.788  1.00 23.95 ?  85  ILE A CA     1 
ATOM   595  C C      . ILE A 1 87  ? -4.677  -3.642  -8.915  1.00 23.66 ?  85  ILE A C      1 
ATOM   596  O O      . ILE A 1 87  ? -5.468  -4.561  -9.147  1.00 22.61 ?  85  ILE A O      1 
ATOM   597  C CB     . ILE A 1 87  ? -5.811  -1.424  -9.371  1.00 23.82 ?  85  ILE A CB     1 
ATOM   598  C CG1    . ILE A 1 87  ? -5.783  -0.149  -10.238 1.00 27.15 ?  85  ILE A CG1    1 
ATOM   599  C CG2    . ILE A 1 87  ? -5.750  -1.126  -7.870  1.00 25.88 ?  85  ILE A CG2    1 
ATOM   600  C CD1    . ILE A 1 87  ? -7.051  0.699   -10.108 1.00 28.84 ?  85  ILE A CD1    1 
ATOM   601  N N      . VAL A 1 88  ? -3.800  -3.688  -7.924  1.00 21.42 ?  86  VAL A N      1 
ATOM   602  C CA     . VAL A 1 88  ? -3.797  -4.781  -6.968  1.00 21.48 ?  86  VAL A CA     1 
ATOM   603  C C      . VAL A 1 88  ? -3.970  -4.204  -5.572  1.00 26.36 ?  86  VAL A C      1 
ATOM   604  O O      . VAL A 1 88  ? -3.233  -3.316  -5.178  1.00 25.05 ?  86  VAL A O      1 
ATOM   605  C CB     . VAL A 1 88  ? -2.515  -5.636  -7.053  1.00 23.85 ?  86  VAL A CB     1 
ATOM   606  C CG1    . VAL A 1 88  ? -2.474  -6.621  -5.865  1.00 22.85 ?  86  VAL A CG1    1 
ATOM   607  C CG2    . VAL A 1 88  ? -2.477  -6.404  -8.363  1.00 25.56 ?  86  VAL A CG2    1 
ATOM   608  N N      . LYS A 1 89  ? -4.974  -4.684  -4.837  1.00 23.15 ?  87  LYS A N      1 
ATOM   609  C CA     . LYS A 1 89  ? -5.242  -4.170  -3.496  1.00 27.51 ?  87  LYS A CA     1 
ATOM   610  C C      . LYS A 1 89  ? -5.396  -5.294  -2.509  1.00 23.61 ?  87  LYS A C      1 
ATOM   611  O O      . LYS A 1 89  ? -5.899  -6.356  -2.850  1.00 24.68 ?  87  LYS A O      1 
ATOM   612  C CB     . LYS A 1 89  ? -6.519  -3.328  -3.473  1.00 29.35 ?  87  LYS A CB     1 
ATOM   613  C CG     . LYS A 1 89  ? -6.440  -2.130  -4.402  1.00 34.47 ?  87  LYS A CG     1 
ATOM   614  C CD     . LYS A 1 89  ? -7.653  -1.244  -4.266  1.00 34.29 ?  87  LYS A CD     1 
ATOM   615  C CE     . LYS A 1 89  ? -7.447  -0.215  -3.171  1.00 41.23 ?  87  LYS A CE     1 
ATOM   616  N NZ     . LYS A 1 89  ? -8.458  0.870   -3.296  1.00 39.05 ?  87  LYS A NZ     1 
ATOM   617  N N      . GLY A 1 90  ? -4.982  -5.061  -1.273  1.00 22.15 ?  88  GLY A N      1 
ATOM   618  C CA     . GLY A 1 90  ? -5.126  -6.082  -0.263  1.00 20.84 ?  88  GLY A CA     1 
ATOM   619  C C      . GLY A 1 90  ? -6.427  -5.988  0.496   1.00 21.52 ?  88  GLY A C      1 
ATOM   620  O O      . GLY A 1 90  ? -7.086  -4.939  0.528   1.00 26.01 ?  88  GLY A O      1 
ATOM   621  N N      . LEU A 1 91  ? -6.792  -7.115  1.087   1.00 19.65 ?  89  LEU A N      1 
ATOM   622  C CA     . LEU A 1 91  ? -7.940  -7.221  1.974   1.00 19.63 ?  89  LEU A CA     1 
ATOM   623  C C      . LEU A 1 91  ? -7.465  -7.581  3.361   1.00 22.57 ?  89  LEU A C      1 
ATOM   624  O O      . LEU A 1 91  ? -6.616  -8.458  3.534   1.00 22.45 ?  89  LEU A O      1 
ATOM   625  C CB     . LEU A 1 91  ? -8.912  -8.293  1.489   1.00 21.74 ?  89  LEU A CB     1 
ATOM   626  C CG     . LEU A 1 91  ? -9.426  -8.152  0.068   1.00 24.12 ?  89  LEU A CG     1 
ATOM   627  C CD1    . LEU A 1 91  ? -10.275 -9.389  -0.241  1.00 26.46 ?  89  LEU A CD1    1 
ATOM   628  C CD2    . LEU A 1 91  ? -10.242 -6.862  -0.042  1.00 24.47 ?  89  LEU A CD2    1 
ATOM   629  N N      . ARG A 1 92  ? -8.038  -6.922  4.355   1.00 21.36 ?  90  ARG A N      1 
ATOM   630  C CA     . ARG A 1 92  ? -7.709  -7.250  5.733   1.00 20.42 ?  90  ARG A CA     1 
ATOM   631  C C      . ARG A 1 92  ? -8.954  -7.115  6.571   1.00 21.70 ?  90  ARG A C      1 
ATOM   632  O O      . ARG A 1 92  ? -10.005 -6.701  6.076   1.00 21.21 ?  90  ARG A O      1 
ATOM   633  C CB     . ARG A 1 92  ? -6.575  -6.354  6.252   1.00 22.89 ?  90  ARG A CB     1 
ATOM   634  C CG     . ARG A 1 92  ? -6.699  -4.895  5.868   1.00 30.98 ?  90  ARG A CG     1 
ATOM   635  C CD     . ARG A 1 92  ? -7.024  -4.049  7.074   1.00 31.23 ?  90  ARG A CD     1 
ATOM   636  N NE     . ARG A 1 92  ? -7.171  -2.634  6.720   1.00 32.48 ?  90  ARG A NE     1 
ATOM   637  C CZ     . ARG A 1 92  ? -8.027  -1.807  7.305   1.00 29.37 ?  90  ARG A CZ     1 
ATOM   638  N NH1    . ARG A 1 92  ? -8.805  -2.238  8.284   1.00 28.13 ?  90  ARG A NH1    1 
ATOM   639  N NH2    . ARG A 1 92  ? -8.099  -0.540  6.909   1.00 34.42 ?  90  ARG A NH2    1 
ATOM   640  N N      . THR A 1 93  ? -8.863  -7.510  7.832   1.00 20.97 ?  91  THR A N      1 
ATOM   641  C CA     . THR A 1 93  ? -10.006 -7.346  8.723   1.00 21.75 ?  91  THR A CA     1 
ATOM   642  C C      . THR A 1 93  ? -10.273 -5.864  8.930   1.00 24.14 ?  91  THR A C      1 
ATOM   643  O O      . THR A 1 93  ? -9.396  -5.136  9.398   1.00 26.52 ?  91  THR A O      1 
ATOM   644  C CB     . THR A 1 93  ? -9.728  -8.018  10.072  1.00 22.32 ?  91  THR A CB     1 
ATOM   645  O OG1    . THR A 1 93  ? -9.337  -9.380  9.857   1.00 23.78 ?  91  THR A OG1    1 
ATOM   646  C CG2    . THR A 1 93  ? -10.972 -7.961  10.961  1.00 22.88 ?  91  THR A CG2    1 
ATOM   647  N N      . GLY A 1 94  ? -11.483 -5.417  8.596   1.00 22.97 ?  92  GLY A N      1 
ATOM   648  C CA     . GLY A 1 94  ? -11.830 -4.014  8.678   1.00 24.91 ?  92  GLY A CA     1 
ATOM   649  C C      . GLY A 1 94  ? -11.803 -3.300  7.340   1.00 28.08 ?  92  GLY A C      1 
ATOM   650  O O      . GLY A 1 94  ? -12.159 -2.128  7.251   1.00 29.47 ?  92  GLY A O      1 
ATOM   651  N N      . THR A 1 95  ? -11.359 -3.990  6.293   1.00 25.02 ?  93  THR A N      1 
ATOM   652  C CA     . THR A 1 95  ? -11.442 -3.406  4.961   1.00 22.24 ?  93  THR A CA     1 
ATOM   653  C C      . THR A 1 95  ? -12.905 -3.100  4.667   1.00 23.45 ?  93  THR A C      1 
ATOM   654  O O      . THR A 1 95  ? -13.771 -3.927  4.936   1.00 23.95 ?  93  THR A O      1 
ATOM   655  C CB     . THR A 1 95  ? -10.912 -4.331  3.877   1.00 25.43 ?  93  THR A CB     1 
ATOM   656  O OG1    . THR A 1 95  ? -9.499  -4.491  4.017   1.00 25.15 ?  93  THR A OG1    1 
ATOM   657  C CG2    . THR A 1 95  ? -11.234 -3.749  2.476   1.00 28.32 ?  93  THR A CG2    1 
ATOM   658  N N      . ASP A 1 96  ? -13.175 -1.921  4.127   1.00 26.20 ?  94  ASP A N      1 
ATOM   659  C CA     . ASP A 1 96  ? -14.531 -1.655  3.659   1.00 25.70 ?  94  ASP A CA     1 
ATOM   660  C C      . ASP A 1 96  ? -14.648 -2.237  2.253   1.00 24.34 ?  94  ASP A C      1 
ATOM   661  O O      . ASP A 1 96  ? -14.443 -1.544  1.270   1.00 25.66 ?  94  ASP A O      1 
ATOM   662  C CB     . ASP A 1 96  ? -14.841 -0.156  3.687   1.00 28.06 ?  94  ASP A CB     1 
ATOM   663  C CG     . ASP A 1 96  ? -16.291 0.155   3.306   1.00 30.93 ?  94  ASP A CG     1 
ATOM   664  O OD1    . ASP A 1 96  ? -16.980 -0.713  2.725   1.00 28.69 ?  94  ASP A OD1    1 
ATOM   665  O OD2    . ASP A 1 96  ? -16.738 1.290   3.585   1.00 36.56 ?  94  ASP A OD2    1 
ATOM   666  N N      . PHE A 1 97  ? -14.983 -3.523  2.168   1.00 25.09 ?  95  PHE A N      1 
ATOM   667  C CA     . PHE A 1 97  ? -14.920 -4.221  0.888   1.00 24.59 ?  95  PHE A CA     1 
ATOM   668  C C      . PHE A 1 97  ? -16.020 -3.751  -0.052  1.00 25.08 ?  95  PHE A C      1 
ATOM   669  O O      . PHE A 1 97  ? -15.820 -3.706  -1.266  1.00 23.13 ?  95  PHE A O      1 
ATOM   670  C CB     . PHE A 1 97  ? -15.004 -5.731  1.082   1.00 24.52 ?  95  PHE A CB     1 
ATOM   671  C CG     . PHE A 1 97  ? -14.630 -6.517  -0.148  1.00 25.87 ?  95  PHE A CG     1 
ATOM   672  C CD1    . PHE A 1 97  ? -13.603 -6.087  -0.962  1.00 25.84 ?  95  PHE A CD1    1 
ATOM   673  C CD2    . PHE A 1 97  ? -15.299 -7.677  -0.480  1.00 36.45 ?  95  PHE A CD2    1 
ATOM   674  C CE1    . PHE A 1 97  ? -13.257 -6.783  -2.088  1.00 25.20 ?  95  PHE A CE1    1 
ATOM   675  C CE2    . PHE A 1 97  ? -14.950 -8.388  -1.614  1.00 32.86 ?  95  PHE A CE2    1 
ATOM   676  C CZ     . PHE A 1 97  ? -13.923 -7.939  -2.411  1.00 32.83 ?  95  PHE A CZ     1 
ATOM   677  N N      . GLU A 1 98  ? -17.178 -3.417  0.504   1.00 24.12 ?  96  GLU A N      1 
ATOM   678  C CA     . GLU A 1 98  ? -18.266 -2.930  -0.339  1.00 26.23 ?  96  GLU A CA     1 
ATOM   679  C C      . GLU A 1 98  ? -17.847 -1.649  -1.043  1.00 23.89 ?  96  GLU A C      1 
ATOM   680  O O      . GLU A 1 98  ? -18.090 -1.489  -2.231  1.00 24.19 ?  96  GLU A O      1 
ATOM   681  C CB     . GLU A 1 98  ? -19.532 -2.727  0.486   1.00 29.31 ?  96  GLU A CB     1 
ATOM   682  C CG     . GLU A 1 98  ? -20.120 -4.053  0.988   1.00 30.64 ?  96  GLU A CG     1 
ATOM   683  C CD     . GLU A 1 98  ? -19.464 -4.587  2.260   1.00 42.72 ?  96  GLU A CD     1 
ATOM   684  O OE1    . GLU A 1 98  ? -19.940 -5.635  2.764   1.00 47.48 ?  96  GLU A OE1    1 
ATOM   685  O OE2    . GLU A 1 98  ? -18.490 -3.968  2.765   1.00 37.80 ?  96  GLU A OE2    1 
ATOM   686  N N      . TYR A 1 99  ? -17.195 -0.743  -0.326  1.00 22.99 ?  97  TYR A N      1 
ATOM   687  C CA     . TYR A 1 99  ? -16.682 0.446   -0.986  1.00 25.93 ?  97  TYR A CA     1 
ATOM   688  C C      . TYR A 1 99  ? -15.566 0.127   -1.980  1.00 23.52 ?  97  TYR A C      1 
ATOM   689  O O      . TYR A 1 99  ? -15.525 0.736   -3.046  1.00 23.19 ?  97  TYR A O      1 
ATOM   690  C CB     . TYR A 1 99  ? -16.190 1.470   0.031   1.00 26.72 ?  97  TYR A CB     1 
ATOM   691  C CG     . TYR A 1 99  ? -15.852 2.773   -0.643  1.00 29.40 ?  97  TYR A CG     1 
ATOM   692  C CD1    . TYR A 1 99  ? -16.781 3.398   -1.469  1.00 34.15 ?  97  TYR A CD1    1 
ATOM   693  C CD2    . TYR A 1 99  ? -14.604 3.361   -0.495  1.00 33.38 ?  97  TYR A CD2    1 
ATOM   694  C CE1    . TYR A 1 99  ? -16.481 4.586   -2.115  1.00 35.55 ?  97  TYR A CE1    1 
ATOM   695  C CE2    . TYR A 1 99  ? -14.294 4.554   -1.134  1.00 36.43 ?  97  TYR A CE2    1 
ATOM   696  C CZ     . TYR A 1 99  ? -15.238 5.160   -1.942  1.00 38.94 ?  97  TYR A CZ     1 
ATOM   697  O OH     . TYR A 1 99  ? -14.944 6.351   -2.584  1.00 45.87 ?  97  TYR A OH     1 
ATOM   698  N N      . GLU A 1 100 ? -14.670 -0.803  -1.652  1.00 21.56 ?  98  GLU A N      1 
ATOM   699  C CA     . GLU A 1 100 ? -13.642 -1.217  -2.611  1.00 23.08 ?  98  GLU A CA     1 
ATOM   700  C C      . GLU A 1 100 ? -14.273 -1.785  -3.870  1.00 19.28 ?  98  GLU A C      1 
ATOM   701  O O      . GLU A 1 100 ? -13.791 -1.543  -4.985  1.00 21.21 ?  98  GLU A O      1 
ATOM   702  C CB     . GLU A 1 100 ? -12.698 -2.258  -2.013  1.00 25.47 ?  98  GLU A CB     1 
ATOM   703  C CG     . GLU A 1 100 ? -11.789 -1.729  -0.913  1.00 28.49 ?  98  GLU A CG     1 
ATOM   704  C CD     . GLU A 1 100 ? -10.765 -0.732  -1.427  1.00 35.67 ?  98  GLU A CD     1 
ATOM   705  O OE1    . GLU A 1 100 ? -10.247 0.060   -0.610  1.00 42.55 ?  98  GLU A OE1    1 
ATOM   706  O OE2    . GLU A 1 100 ? -10.459 -0.743  -2.636  1.00 33.77 ?  98  GLU A OE2    1 
ATOM   707  N N      . LEU A 1 101 ? -15.348 -2.561  -3.700  1.00 19.08 ?  99  LEU A N      1 
ATOM   708  C CA     . LEU A 1 101 ? -16.042 -3.113  -4.857  1.00 19.61 ?  99  LEU A CA     1 
ATOM   709  C C      . LEU A 1 101 ? -16.663 -2.008  -5.704  1.00 20.97 ?  99  LEU A C      1 
ATOM   710  O O      . LEU A 1 101 ? -16.625 -2.057  -6.943  1.00 20.33 ?  99  LEU A O      1 
ATOM   711  C CB     . LEU A 1 101 ? -17.144 -4.078  -4.405  1.00 23.75 ?  99  LEU A CB     1 
ATOM   712  C CG     . LEU A 1 101 ? -16.887 -5.591  -4.402  1.00 36.05 ?  99  LEU A CG     1 
ATOM   713  C CD1    . LEU A 1 101 ? -15.590 -6.031  -5.066  1.00 30.19 ?  99  LEU A CD1    1 
ATOM   714  C CD2    . LEU A 1 101 ? -17.045 -6.180  -3.018  1.00 35.50 ?  99  LEU A CD2    1 
ATOM   715  N N      . GLN A 1 102 ? -17.296 -1.052  -5.042  1.00 19.20 ?  100 GLN A N      1 
ATOM   716  C CA     . GLN A 1 102 ? -17.902 0.063   -5.748  1.00 20.08 ?  100 GLN A CA     1 
ATOM   717  C C      . GLN A 1 102 ? -16.829 0.774   -6.573  1.00 21.42 ?  100 GLN A C      1 
ATOM   718  O O      . GLN A 1 102 ? -17.018 1.018   -7.760  1.00 21.84 ?  100 GLN A O      1 
ATOM   719  C CB     . GLN A 1 102 ? -18.567 1.044   -4.775  1.00 21.56 ?  100 GLN A CB     1 
ATOM   720  C CG     . GLN A 1 102 ? -19.427 2.071   -5.509  1.00 22.03 ?  100 GLN A CG     1 
ATOM   721  C CD     . GLN A 1 102 ? -19.813 3.272   -4.674  1.00 24.13 ?  100 GLN A CD     1 
ATOM   722  O OE1    . GLN A 1 102 ? -19.479 3.374   -3.492  1.00 28.29 ?  100 GLN A OE1    1 
ATOM   723  N NE2    . GLN A 1 102 ? -20.534 4.202   -5.299  1.00 24.72 ?  100 GLN A NE2    1 
ATOM   724  N N      . MET A 1 103 ? -15.703 1.099   -5.945  1.00 21.23 ?  101 MET A N      1 
ATOM   725  C CA     . MET A 1 103 ? -14.620 1.763   -6.679  1.00 23.40 ?  101 MET A CA     1 
ATOM   726  C C      . MET A 1 103 ? -14.079 0.894   -7.813  1.00 21.64 ?  101 MET A C      1 
ATOM   727  O O      . MET A 1 103 ? -13.775 1.401   -8.896  1.00 23.09 ?  101 MET A O      1 
ATOM   728  C CB     . MET A 1 103 ? -13.489 2.149   -5.727  1.00 23.42 ?  101 MET A CB     1 
ATOM   729  C CG     . MET A 1 103 ? -13.868 3.253   -4.759  1.00 29.33 ?  101 MET A CG     1 
ATOM   730  S SD     . MET A 1 103 ? -12.361 3.962   -4.045  1.00 39.28 ?  101 MET A SD     1 
ATOM   731  C CE     . MET A 1 103 ? -11.786 2.563   -3.075  1.00 37.21 ?  101 MET A CE     1 
ATOM   732  N N      . ALA A 1 104 ? -13.953 -0.413  -7.582  1.00 20.18 ?  102 ALA A N      1 
ATOM   733  C CA     . ALA A 1 104 ? -13.450 -1.315  -8.616  1.00 20.63 ?  102 ALA A CA     1 
ATOM   734  C C      . ALA A 1 104 ? -14.361 -1.285  -9.843  1.00 21.25 ?  102 ALA A C      1 
ATOM   735  O O      . ALA A 1 104 ? -13.880 -1.278  -10.987 1.00 22.99 ?  102 ALA A O      1 
ATOM   736  C CB     . ALA A 1 104 ? -13.321 -2.752  -8.072  1.00 21.52 ?  102 ALA A CB     1 
ATOM   737  N N      . GLN A 1 105 ? -15.678 -1.284  -9.616  1.00 20.61 ?  103 GLN A N      1 
ATOM   738  C CA     . GLN A 1 105 ? -16.614 -1.281  -10.743 1.00 19.19 ?  103 GLN A CA     1 
ATOM   739  C C      . GLN A 1 105 ? -16.589 0.079   -11.455 1.00 21.46 ?  103 GLN A C      1 
ATOM   740  O O      . GLN A 1 105 ? -16.621 0.134   -12.694 1.00 23.61 ?  103 GLN A O      1 
ATOM   741  C CB     . GLN A 1 105 ? -18.046 -1.625  -10.294 1.00 19.72 ?  103 GLN A CB     1 
ATOM   742  C CG     . GLN A 1 105 ? -18.191 -3.040  -9.683  1.00 23.04 ?  103 GLN A CG     1 
ATOM   743  C CD     . GLN A 1 105 ? -17.875 -4.185  -10.650 1.00 27.01 ?  103 GLN A CD     1 
ATOM   744  O OE1    . GLN A 1 105 ? -16.849 -4.183  -11.329 1.00 33.71 ?  103 GLN A OE1    1 
ATOM   745  N NE2    . GLN A 1 105 ? -18.753 -5.188  -10.689 1.00 23.65 ?  103 GLN A NE2    1 
ATOM   746  N N      . MET A 1 106 ? -16.490 1.150   -10.675 1.00 21.21 ?  104 MET A N      1 
ATOM   747  C CA     . MET A 1 106 ? -16.403 2.503   -11.228 1.00 21.39 ?  104 MET A CA     1 
ATOM   748  C C      . MET A 1 106 ? -15.118 2.613   -12.047 1.00 23.43 ?  104 MET A C      1 
ATOM   749  O O      . MET A 1 106 ? -15.128 3.146   -13.152 1.00 25.39 ?  104 MET A O      1 
ATOM   750  C CB     . MET A 1 106 ? -16.430 3.568   -10.128 1.00 25.21 ?  104 MET A CB     1 
ATOM   751  C CG     . MET A 1 106 ? -16.274 5.021   -10.645 1.00 24.57 ?  104 MET A CG     1 
ATOM   752  S SD     . MET A 1 106 ? -17.677 5.517   -11.683 1.00 26.77 ?  104 MET A SD     1 
ATOM   753  C CE     . MET A 1 106 ? -18.868 5.943   -10.406 1.00 25.87 ?  104 MET A CE     1 
ATOM   754  N N      . ASN A 1 107 ? -14.016 2.085   -11.517 1.00 21.32 ?  105 ASN A N      1 
ATOM   755  C CA     . ASN A 1 107 ? -12.740 2.164   -12.233 1.00 25.04 ?  105 ASN A CA     1 
ATOM   756  C C      . ASN A 1 107 ? -12.734 1.358   -13.539 1.00 26.02 ?  105 ASN A C      1 
ATOM   757  O O      . ASN A 1 107 ? -12.154 1.795   -14.544 1.00 27.17 ?  105 ASN A O      1 
ATOM   758  C CB     . ASN A 1 107 ? -11.588 1.726   -11.314 1.00 25.09 ?  105 ASN A CB     1 
ATOM   759  C CG     . ASN A 1 107 ? -11.206 2.806   -10.318 1.00 24.50 ?  105 ASN A CG     1 
ATOM   760  O OD1    . ASN A 1 107 ? -11.511 3.998   -10.527 1.00 26.65 ?  105 ASN A OD1    1 
ATOM   761  N ND2    . ASN A 1 107 ? -10.508 2.412   -9.234  1.00 23.32 ?  105 ASN A ND2    1 
ATOM   762  N N      . LYS A 1 108 ? -13.381 0.196   -13.559 1.00 23.88 ?  106 LYS A N      1 
ATOM   763  C CA     . LYS A 1 108 ? -13.529 -0.554  -14.800 1.00 23.64 ?  106 LYS A CA     1 
ATOM   764  C C      . LYS A 1 108 ? -14.383 0.259   -15.786 1.00 28.18 ?  106 LYS A C      1 
ATOM   765  O O      . LYS A 1 108 ? -14.065 0.357   -16.976 1.00 26.09 ?  106 LYS A O      1 
ATOM   766  C CB     . LYS A 1 108 ? -14.145 -1.934  -14.525 1.00 24.43 ?  106 LYS A CB     1 
ATOM   767  C CG     . LYS A 1 108 ? -14.196 -2.837  -15.739 1.00 27.01 ?  106 LYS A CG     1 
ATOM   768  C CD     . LYS A 1 108 ? -12.797 -3.248  -16.205 1.00 27.32 ?  106 LYS A CD     1 
ATOM   769  C CE     . LYS A 1 108 ? -12.874 -4.114  -17.479 1.00 31.79 ?  106 LYS A CE     1 
ATOM   770  N NZ     . LYS A 1 108 ? -11.592 -4.827  -17.783 1.00 30.94 ?  106 LYS A NZ     1 
ATOM   771  N N      . HIS A 1 109 ? -15.453 0.864   -15.286 1.00 23.51 ?  107 HIS A N      1 
ATOM   772  C CA     . HIS A 1 109 ? -16.350 1.655   -16.133 1.00 23.40 ?  107 HIS A CA     1 
ATOM   773  C C      . HIS A 1 109 ? -15.646 2.809   -16.824 1.00 27.89 ?  107 HIS A C      1 
ATOM   774  O O      . HIS A 1 109 ? -15.773 2.979   -18.045 1.00 29.11 ?  107 HIS A O      1 
ATOM   775  C CB     . HIS A 1 109 ? -17.520 2.218   -15.320 1.00 25.27 ?  107 HIS A CB     1 
ATOM   776  C CG     . HIS A 1 109 ? -18.465 3.039   -16.144 1.00 26.57 ?  107 HIS A CG     1 
ATOM   777  N ND1    . HIS A 1 109 ? -18.499 4.416   -16.097 1.00 30.56 ?  107 HIS A ND1    1 
ATOM   778  C CD2    . HIS A 1 109 ? -19.389 2.668   -17.058 1.00 28.01 ?  107 HIS A CD2    1 
ATOM   779  C CE1    . HIS A 1 109 ? -19.419 4.861   -16.939 1.00 28.04 ?  107 HIS A CE1    1 
ATOM   780  N NE2    . HIS A 1 109 ? -19.970 3.821   -17.536 1.00 31.98 ?  107 HIS A NE2    1 
ATOM   781  N N      . ILE A 1 110 ? -14.914 3.608   -16.062 1.00 26.76 ?  108 ILE A N      1 
ATOM   782  C CA     . ILE A 1 110 ? -14.413 4.853   -16.638 1.00 28.24 ?  108 ILE A CA     1 
ATOM   783  C C      . ILE A 1 110 ? -13.144 4.633   -17.440 1.00 30.79 ?  108 ILE A C      1 
ATOM   784  O O      . ILE A 1 110 ? -12.877 5.397   -18.376 1.00 31.96 ?  108 ILE A O      1 
ATOM   785  C CB     . ILE A 1 110 ? -14.191 5.937   -15.570 1.00 28.76 ?  108 ILE A CB     1 
ATOM   786  C CG1    . ILE A 1 110 ? -13.160 5.499   -14.537 1.00 28.48 ?  108 ILE A CG1    1 
ATOM   787  C CG2    . ILE A 1 110 ? -15.521 6.323   -14.909 1.00 29.60 ?  108 ILE A CG2    1 
ATOM   788  C CD1    . ILE A 1 110 ? -12.902 6.562   -13.491 1.00 32.29 ?  108 ILE A CD1    1 
ATOM   789  N N      . ALA A 1 111 ? -12.376 3.592   -17.126 1.00 27.63 ?  109 ALA A N      1 
ATOM   790  C CA     . ALA A 1 111 ? -11.059 3.446   -17.757 1.00 28.55 ?  109 ALA A CA     1 
ATOM   791  C C      . ALA A 1 111 ? -10.676 2.027   -18.175 1.00 32.19 ?  109 ALA A C      1 
ATOM   792  O O      . ALA A 1 111 ? -9.572  1.813   -18.673 1.00 34.64 ?  109 ALA A O      1 
ATOM   793  C CB     . ALA A 1 111 ? -9.991  4.008   -16.826 1.00 31.46 ?  109 ALA A CB     1 
ATOM   794  N N      . GLY A 1 112 ? -11.568 1.058   -17.979 1.00 28.14 ?  110 GLY A N      1 
ATOM   795  C CA     . GLY A 1 112 ? -11.286 -0.316  -18.367 1.00 25.56 ?  110 GLY A CA     1 
ATOM   796  C C      . GLY A 1 112 ? -10.225 -1.016  -17.522 1.00 27.14 ?  110 GLY A C      1 
ATOM   797  O O      . GLY A 1 112 ? -9.722  -2.074  -17.901 1.00 30.81 ?  110 GLY A O      1 
ATOM   798  N N      . VAL A 1 113 ? -9.897  -0.443  -16.370 1.00 26.34 ?  111 VAL A N      1 
ATOM   799  C CA     . VAL A 1 113 ? -8.849  -1.000  -15.512 1.00 26.26 ?  111 VAL A CA     1 
ATOM   800  C C      . VAL A 1 113 ? -9.441  -2.058  -14.575 1.00 24.70 ?  111 VAL A C      1 
ATOM   801  O O      . VAL A 1 113 ? -10.490 -1.812  -13.970 1.00 25.74 ?  111 VAL A O      1 
ATOM   802  C CB     . VAL A 1 113 ? -8.152  0.109   -14.691 1.00 29.03 ?  111 VAL A CB     1 
ATOM   803  C CG1    . VAL A 1 113 ? -7.262  -0.491  -13.605 1.00 30.42 ?  111 VAL A CG1    1 
ATOM   804  C CG2    . VAL A 1 113 ? -7.335  1.016   -15.603 1.00 33.08 ?  111 VAL A CG2    1 
ATOM   805  N N      . ASP A 1 114 ? -8.787  -3.221  -14.481 1.00 24.17 ?  112 ASP A N      1 
ATOM   806  C CA     . ASP A 1 114 ? -9.220  -4.294  -13.565 1.00 23.96 ?  112 ASP A CA     1 
ATOM   807  C C      . ASP A 1 114 ? -8.588  -4.130  -12.200 1.00 26.69 ?  112 ASP A C      1 
ATOM   808  O O      . ASP A 1 114 ? -7.452  -3.665  -12.081 1.00 26.07 ?  112 ASP A O      1 
ATOM   809  C CB     . ASP A 1 114 ? -8.860  -5.675  -14.111 1.00 25.90 ?  112 ASP A CB     1 
ATOM   810  C CG     . ASP A 1 114 ? -9.493  -5.953  -15.461 1.00 32.63 ?  112 ASP A CG     1 
ATOM   811  O OD1    . ASP A 1 114 ? -10.709 -5.723  -15.594 1.00 32.30 ?  112 ASP A OD1    1 
ATOM   812  O OD2    . ASP A 1 114 ? -8.766  -6.395  -16.383 1.00 36.33 ?  112 ASP A OD2    1 
ATOM   813  N N      . THR A 1 115 ? -9.311  -4.548  -11.170 1.00 22.20 ?  113 THR A N      1 
ATOM   814  C CA     . THR A 1 115 ? -8.779  -4.534  -9.819  1.00 22.83 ?  113 THR A CA     1 
ATOM   815  C C      . THR A 1 115 ? -8.773  -5.953  -9.280  1.00 24.40 ?  113 THR A C      1 
ATOM   816  O O      . THR A 1 115 ? -9.799  -6.641  -9.281  1.00 25.54 ?  113 THR A O      1 
ATOM   817  C CB     . THR A 1 115 ? -9.593  -3.633  -8.866  1.00 23.29 ?  113 THR A CB     1 
ATOM   818  O OG1    . THR A 1 115 ? -9.612  -2.283  -9.363  1.00 23.71 ?  113 THR A OG1    1 
ATOM   819  C CG2    . THR A 1 115 ? -9.004  -3.676  -7.451  1.00 22.90 ?  113 THR A CG2    1 
ATOM   820  N N      . PHE A 1 116 ? -7.605  -6.389  -8.829  1.00 22.56 ?  114 PHE A N      1 
ATOM   821  C CA     . PHE A 1 116 ? -7.432  -7.717  -8.264  1.00 23.72 ?  114 PHE A CA     1 
ATOM   822  C C      . PHE A 1 116 ? -7.248  -7.583  -6.772  1.00 24.72 ?  114 PHE A C      1 
ATOM   823  O O      . PHE A 1 116 ? -6.411  -6.816  -6.334  1.00 25.79 ?  114 PHE A O      1 
ATOM   824  C CB     . PHE A 1 116 ? -6.214  -8.413  -8.875  1.00 23.52 ?  114 PHE A CB     1 
ATOM   825  C CG     . PHE A 1 116 ? -6.358  -8.704  -10.346 1.00 25.73 ?  114 PHE A CG     1 
ATOM   826  C CD1    . PHE A 1 116 ? -6.104  -7.725  -11.291 1.00 25.41 ?  114 PHE A CD1    1 
ATOM   827  C CD2    . PHE A 1 116 ? -6.752  -9.958  -10.782 1.00 29.41 ?  114 PHE A CD2    1 
ATOM   828  C CE1    . PHE A 1 116 ? -6.246  -7.992  -12.657 1.00 27.52 ?  114 PHE A CE1    1 
ATOM   829  C CE2    . PHE A 1 116 ? -6.896  -10.233 -12.150 1.00 30.16 ?  114 PHE A CE2    1 
ATOM   830  C CZ     . PHE A 1 116 ? -6.637  -9.251  -13.077 1.00 28.23 ?  114 PHE A CZ     1 
ATOM   831  N N      . PHE A 1 117 ? -8.043  -8.319  -6.000  1.00 20.32 ?  115 PHE A N      1 
ATOM   832  C CA     . PHE A 1 117 ? -7.976  -8.264  -4.546  1.00 21.85 ?  115 PHE A CA     1 
ATOM   833  C C      . PHE A 1 117 ? -7.290  -9.508  -4.031  1.00 19.96 ?  115 PHE A C      1 
ATOM   834  O O      . PHE A 1 117 ? -7.560  -10.620 -4.502  1.00 20.20 ?  115 PHE A O      1 
ATOM   835  C CB     . PHE A 1 117 ? -9.384  -8.153  -3.936  1.00 22.14 ?  115 PHE A CB     1 
ATOM   836  C CG     . PHE A 1 117 ? -10.104 -6.917  -4.330  1.00 21.70 ?  115 PHE A CG     1 
ATOM   837  C CD1    . PHE A 1 117 ? -9.852  -5.723  -3.664  1.00 23.36 ?  115 PHE A CD1    1 
ATOM   838  C CD2    . PHE A 1 117 ? -11.028 -6.930  -5.359  1.00 23.22 ?  115 PHE A CD2    1 
ATOM   839  C CE1    . PHE A 1 117 ? -10.514 -4.548  -4.011  1.00 24.31 ?  115 PHE A CE1    1 
ATOM   840  C CE2    . PHE A 1 117 ? -11.707 -5.746  -5.718  1.00 23.23 ?  115 PHE A CE2    1 
ATOM   841  C CZ     . PHE A 1 117 ? -11.429 -4.558  -5.048  1.00 21.80 ?  115 PHE A CZ     1 
ATOM   842  N N      . VAL A 1 118 ? -6.417  -9.338  -3.041  1.00 18.80 ?  116 VAL A N      1 
ATOM   843  C CA     . VAL A 1 118 ? -5.735  -10.477 -2.436  1.00 18.49 ?  116 VAL A CA     1 
ATOM   844  C C      . VAL A 1 118 ? -5.798  -10.316 -0.933  1.00 21.03 ?  116 VAL A C      1 
ATOM   845  O O      . VAL A 1 118 ? -5.564  -9.211  -0.435  1.00 22.40 ?  116 VAL A O      1 
ATOM   846  C CB     . VAL A 1 118 ? -4.272  -10.554 -2.882  1.00 26.58 ?  116 VAL A CB     1 
ATOM   847  C CG1    . VAL A 1 118 ? -3.604  -11.780 -2.289  1.00 26.09 ?  116 VAL A CG1    1 
ATOM   848  C CG2    . VAL A 1 118 ? -4.192  -10.571 -4.367  1.00 30.79 ?  116 VAL A CG2    1 
ATOM   849  N N      . ALA A 1 119 ? -6.109  -11.395 -0.217  1.00 20.57 ?  117 ALA A N      1 
ATOM   850  C CA     . ALA A 1 119 ? -6.117  -11.354 1.245   1.00 23.85 ?  117 ALA A CA     1 
ATOM   851  C C      . ALA A 1 119 ? -4.700  -11.293 1.823   1.00 25.37 ?  117 ALA A C      1 
ATOM   852  O O      . ALA A 1 119 ? -3.836  -12.070 1.454   1.00 23.54 ?  117 ALA A O      1 
ATOM   853  C CB     . ALA A 1 119 ? -6.840  -12.548 1.789   1.00 22.43 ?  117 ALA A CB     1 
ATOM   854  N N      . THR A 1 120 ? -4.470  -10.359 2.734   1.00 21.97 ?  118 THR A N      1 
ATOM   855  C CA     . THR A 1 120 ? -3.206  -10.355 3.469   1.00 22.51 ?  118 THR A CA     1 
ATOM   856  C C      . THR A 1 120 ? -3.077  -11.597 4.342   1.00 24.69 ?  118 THR A C      1 
ATOM   857  O O      . THR A 1 120 ? -4.071  -12.182 4.782   1.00 23.57 ?  118 THR A O      1 
ATOM   858  C CB     . THR A 1 120 ? -3.087  -9.101  4.353   1.00 28.51 ?  118 THR A CB     1 
ATOM   859  O OG1    . THR A 1 120 ? -4.014  -9.223  5.424   1.00 32.29 ?  118 THR A OG1    1 
ATOM   860  C CG2    . THR A 1 120 ? -3.474  -7.883  3.556   1.00 29.69 ?  118 THR A CG2    1 
ATOM   861  N N      . ALA A 1 121 ? -1.837  -11.997 4.623   1.00 23.03 ?  119 ALA A N      1 
ATOM   862  C CA     . ALA A 1 121 ? -1.601  -13.101 5.550   1.00 23.51 ?  119 ALA A CA     1 
ATOM   863  C C      . ALA A 1 121 ? -2.294  -12.880 6.882   1.00 23.81 ?  119 ALA A C      1 
ATOM   864  O O      . ALA A 1 121 ? -2.352  -11.764 7.359   1.00 22.81 ?  119 ALA A O      1 
ATOM   865  C CB     . ALA A 1 121 ? -0.112  -13.270 5.787   1.00 29.75 ?  119 ALA A CB     1 
ATOM   866  N N      . PRO A 1 122 ? -2.795  -13.960 7.490   1.00 24.90 ?  120 PRO A N      1 
ATOM   867  C CA     . PRO A 1 122 ? -3.511  -13.860 8.762   1.00 23.09 ?  120 PRO A CA     1 
ATOM   868  C C      . PRO A 1 122 ? -2.743  -13.074 9.815   1.00 23.90 ?  120 PRO A C      1 
ATOM   869  O O      . PRO A 1 122 ? -3.341  -12.236 10.491  1.00 24.49 ?  120 PRO A O      1 
ATOM   870  C CB     . PRO A 1 122 ? -3.686  -15.320 9.174   1.00 26.44 ?  120 PRO A CB     1 
ATOM   871  C CG     . PRO A 1 122 ? -3.790  -16.032 7.891   1.00 26.03 ?  120 PRO A CG     1 
ATOM   872  C CD     . PRO A 1 122 ? -2.863  -15.324 6.936   1.00 26.45 ?  120 PRO A CD     1 
ATOM   873  N N      . ARG A 1 123 ? -1.445  -13.315 9.942   1.00 27.95 ?  121 ARG A N      1 
ATOM   874  C CA     . ARG A 1 123 ? -0.681  -12.620 10.968  1.00 28.68 ?  121 ARG A CA     1 
ATOM   875  C C      . ARG A 1 123 ? -0.657  -11.088 10.789  1.00 26.18 ?  121 ARG A C      1 
ATOM   876  O O      . ARG A 1 123 ? -0.445  -10.364 11.756  1.00 27.02 ?  121 ARG A O      1 
ATOM   877  C CB     . ARG A 1 123 ? 0.750   -13.169 11.021  1.00 30.10 ?  121 ARG A CB     1 
ATOM   878  C CG     . ARG A 1 123 ? 1.630   -12.696 9.891   1.00 31.59 ?  121 ARG A CG     1 
ATOM   879  C CD     . ARG A 1 123 ? 2.979   -13.431 9.919   1.00 42.24 ?  121 ARG A CD     1 
ATOM   880  N NE     . ARG A 1 123 ? 2.871   -14.740 9.276   1.00 47.29 ?  121 ARG A NE     1 
ATOM   881  C CZ     . ARG A 1 123 ? 3.074   -14.952 7.978   1.00 50.94 ?  121 ARG A CZ     1 
ATOM   882  N NH1    . ARG A 1 123 ? 3.410   -13.944 7.180   1.00 51.36 ?  121 ARG A NH1    1 
ATOM   883  N NH2    . ARG A 1 123 ? 2.949   -16.173 7.471   1.00 55.05 ?  121 ARG A NH2    1 
ATOM   884  N N      . TYR A 1 124 ? -0.865  -10.595 9.563   1.00 23.10 ?  122 TYR A N      1 
ATOM   885  C CA     . TYR A 1 124 ? -0.886  -9.164  9.288   1.00 23.69 ?  122 TYR A CA     1 
ATOM   886  C C      . TYR A 1 124 ? -2.299  -8.658  8.928   1.00 22.79 ?  122 TYR A C      1 
ATOM   887  O O      . TYR A 1 124 ? -2.454  -7.543  8.428   1.00 25.97 ?  122 TYR A O      1 
ATOM   888  C CB     . TYR A 1 124 ? 0.095   -8.836  8.141   1.00 25.05 ?  122 TYR A CB     1 
ATOM   889  C CG     . TYR A 1 124 ? 1.506   -9.253  8.464   1.00 28.15 ?  122 TYR A CG     1 
ATOM   890  C CD1    . TYR A 1 124 ? 2.060   -8.958  9.706   1.00 29.67 ?  122 TYR A CD1    1 
ATOM   891  C CD2    . TYR A 1 124 ? 2.268   -9.976  7.551   1.00 31.98 ?  122 TYR A CD2    1 
ATOM   892  C CE1    . TYR A 1 124 ? 3.348   -9.352  10.022  1.00 33.24 ?  122 TYR A CE1    1 
ATOM   893  C CE2    . TYR A 1 124 ? 3.556   -10.372 7.859   1.00 33.38 ?  122 TYR A CE2    1 
ATOM   894  C CZ     . TYR A 1 124 ? 4.085   -10.060 9.090   1.00 37.97 ?  122 TYR A CZ     1 
ATOM   895  O OH     . TYR A 1 124 ? 5.365   -10.458 9.394   1.00 38.94 ?  122 TYR A OH     1 
ATOM   896  N N      . SER A 1 125 ? -3.314  -9.457  9.238   1.00 21.64 ?  123 SER A N      1 
ATOM   897  C CA     . SER A 1 125 ? -4.674  -9.187  8.772   1.00 23.63 ?  123 SER A CA     1 
ATOM   898  C C      . SER A 1 125 ? -5.414  -8.178  9.645   1.00 23.76 ?  123 SER A C      1 
ATOM   899  O O      . SER A 1 125 ? -6.505  -7.748  9.291   1.00 23.02 ?  123 SER A O      1 
ATOM   900  C CB     . SER A 1 125 ? -5.489  -10.495 8.713   1.00 22.69 ?  123 SER A CB     1 
ATOM   901  O OG     . SER A 1 125 ? -5.575  -11.101 9.991   1.00 27.79 ?  123 SER A OG     1 
ATOM   902  N N      . PHE A 1 126 ? -4.854  -7.810  10.799  1.00 22.13 ?  124 PHE A N      1 
ATOM   903  C CA     . PHE A 1 126 ? -5.554  -6.856  11.640  1.00 22.02 ?  124 PHE A CA     1 
ATOM   904  C C      . PHE A 1 126 ? -4.795  -5.547  11.826  1.00 23.35 ?  124 PHE A C      1 
ATOM   905  O O      . PHE A 1 126 ? -5.274  -4.660  12.539  1.00 24.02 ?  124 PHE A O      1 
ATOM   906  C CB     . PHE A 1 126 ? -5.888  -7.460  13.011  1.00 21.16 ?  124 PHE A CB     1 
ATOM   907  C CG     . PHE A 1 126 ? -4.692  -7.996  13.730  1.00 21.36 ?  124 PHE A CG     1 
ATOM   908  C CD1    . PHE A 1 126 ? -3.929  -7.164  14.525  1.00 23.74 ?  124 PHE A CD1    1 
ATOM   909  C CD2    . PHE A 1 126 ? -4.313  -9.321  13.574  1.00 22.36 ?  124 PHE A CD2    1 
ATOM   910  C CE1    . PHE A 1 126 ? -2.802  -7.655  15.166  1.00 23.44 ?  124 PHE A CE1    1 
ATOM   911  C CE2    . PHE A 1 126 ? -3.192  -9.818  14.209  1.00 26.60 ?  124 PHE A CE2    1 
ATOM   912  C CZ     . PHE A 1 126 ? -2.434  -8.969  15.006  1.00 24.21 ?  124 PHE A CZ     1 
ATOM   913  N N      . VAL A 1 127 ? -3.654  -5.390  11.158  1.00 23.75 ?  125 VAL A N      1 
ATOM   914  C CA     . VAL A 1 127 ? -2.985  -4.096  11.163  1.00 22.71 ?  125 VAL A CA     1 
ATOM   915  C C      . VAL A 1 127 ? -3.558  -3.217  10.057  1.00 23.83 ?  125 VAL A C      1 
ATOM   916  O O      . VAL A 1 127 ? -3.936  -3.704  8.986   1.00 26.57 ?  125 VAL A O      1 
ATOM   917  C CB     . VAL A 1 127 ? -1.428  -4.251  11.014  1.00 24.59 ?  125 VAL A CB     1 
ATOM   918  C CG1    . VAL A 1 127 ? -1.058  -4.703  9.603   1.00 26.99 ?  125 VAL A CG1    1 
ATOM   919  C CG2    . VAL A 1 127 ? -0.718  -2.939  11.374  1.00 28.18 ?  125 VAL A CG2    1 
ATOM   920  N N      . SER A 1 128 ? -3.674  -1.928  10.335  1.00 22.36 ?  126 SER A N      1 
ATOM   921  C CA     . SER A 1 128 ? -3.946  -0.924  9.318   1.00 25.87 ?  126 SER A CA     1 
ATOM   922  C C      . SER A 1 128 ? -3.115  0.291   9.690   1.00 25.67 ?  126 SER A C      1 
ATOM   923  O O      . SER A 1 128 ? -2.678  0.414   10.848  1.00 28.05 ?  126 SER A O      1 
ATOM   924  C CB     . SER A 1 128 ? -5.435  -0.572  9.241   1.00 27.23 ?  126 SER A CB     1 
ATOM   925  O OG     . SER A 1 128 ? -5.894  0.054   10.435  1.00 25.76 ?  126 SER A OG     1 
ATOM   926  N N      . SER A 1 129 ? -2.846  1.162   8.725   1.00 27.58 ?  127 SER A N      1 
ATOM   927  C CA     . SER A 1 129 ? -2.074  2.369   9.030   1.00 27.46 ?  127 SER A CA     1 
ATOM   928  C C      . SER A 1 129 ? -2.715  3.140   10.180  1.00 30.24 ?  127 SER A C      1 
ATOM   929  O O      . SER A 1 129 ? -2.048  3.504   11.146  1.00 30.66 ?  127 SER A O      1 
ATOM   930  C CB     . SER A 1 129 ? -1.952  3.253   7.795   1.00 28.57 ?  127 SER A CB     1 
ATOM   931  O OG     . SER A 1 129 ? -1.170  2.592   6.820   1.00 29.23 ?  127 SER A OG     1 
ATOM   932  N N      . SER A 1 130 ? -4.017  3.366   10.084  1.00 29.98 ?  128 SER A N      1 
ATOM   933  C CA     . SER A 1 130 ? -4.709  4.155   11.087  1.00 31.43 ?  128 SER A CA     1 
ATOM   934  C C      . SER A 1 130 ? -4.638  3.522   12.468  1.00 33.08 ?  128 SER A C      1 
ATOM   935  O O      . SER A 1 130 ? -4.326  4.204   13.454  1.00 33.69 ?  128 SER A O      1 
ATOM   936  C CB     . SER A 1 130 ? -6.167  4.364   10.689  1.00 34.60 ?  128 SER A CB     1 
ATOM   937  O OG     . SER A 1 130 ? -6.232  5.122   9.501   1.00 42.18 ?  128 SER A OG     1 
ATOM   938  N N      . LEU A 1 131 ? -4.922  2.226   12.552  1.00 27.23 ?  129 LEU A N      1 
ATOM   939  C CA     . LEU A 1 131 ? -4.977  1.592   13.864  1.00 29.75 ?  129 LEU A CA     1 
ATOM   940  C C      . LEU A 1 131 ? -3.576  1.491   14.461  1.00 29.93 ?  129 LEU A C      1 
ATOM   941  O O      . LEU A 1 131 ? -3.400  1.651   15.674  1.00 32.25 ?  129 LEU A O      1 
ATOM   942  C CB     . LEU A 1 131 ? -5.644  0.207   13.796  1.00 27.46 ?  129 LEU A CB     1 
ATOM   943  C CG     . LEU A 1 131 ? -5.894  -0.462  15.155  1.00 27.49 ?  129 LEU A CG     1 
ATOM   944  C CD1    . LEU A 1 131 ? -6.772  0.415   16.035  1.00 27.02 ?  129 LEU A CD1    1 
ATOM   945  C CD2    . LEU A 1 131 ? -6.538  -1.835  14.992  1.00 25.57 ?  129 LEU A CD2    1 
ATOM   946  N N      . ALA A 1 132 ? -2.577  1.256   13.614  1.00 27.32 ?  130 ALA A N      1 
ATOM   947  C CA     . ALA A 1 132 ? -1.202  1.173   14.089  1.00 29.61 ?  130 ALA A CA     1 
ATOM   948  C C      . ALA A 1 132 ? -0.790  2.504   14.715  1.00 32.82 ?  130 ALA A C      1 
ATOM   949  O O      . ALA A 1 132 ? -0.200  2.531   15.801  1.00 33.92 ?  130 ALA A O      1 
ATOM   950  C CB     . ALA A 1 132 ? -0.268  0.797   12.960  1.00 30.45 ?  130 ALA A CB     1 
ATOM   951  N N      . LYS A 1 133 ? -1.104  3.601   14.035  1.00 28.96 ?  131 LYS A N      1 
ATOM   952  C CA     . LYS A 1 133 ? -0.782  4.936   14.547  1.00 31.84 ?  131 LYS A CA     1 
ATOM   953  C C      . LYS A 1 133 ? -1.471  5.190   15.874  1.00 34.84 ?  131 LYS A C      1 
ATOM   954  O O      . LYS A 1 133 ? -0.845  5.627   16.848  1.00 36.59 ?  131 LYS A O      1 
ATOM   955  C CB     . LYS A 1 133 ? -1.178  6.018   13.540  1.00 34.34 ?  131 LYS A CB     1 
ATOM   956  C CG     . LYS A 1 133 ? -0.189  6.163   12.392  1.00 31.89 ?  131 LYS A CG     1 
ATOM   957  C CD     . LYS A 1 133 ? -0.587  7.285   11.450  1.00 32.07 ?  131 LYS A CD     1 
ATOM   958  C CE     . LYS A 1 133 ? -1.868  6.955   10.709  1.00 35.28 ?  131 LYS A CE     1 
ATOM   959  N NZ     . LYS A 1 133 ? -2.127  7.929   9.621   1.00 38.45 ?  131 LYS A NZ     1 
ATOM   960  N N      . GLU A 1 134 ? -2.764  4.904   15.923  1.00 35.22 ?  132 GLU A N      1 
ATOM   961  C CA     . GLU A 1 134 ? -3.537  5.194   17.118  1.00 33.92 ?  132 GLU A CA     1 
ATOM   962  C C      . GLU A 1 134 ? -3.035  4.370   18.282  1.00 37.00 ?  132 GLU A C      1 
ATOM   963  O O      . GLU A 1 134 ? -2.874  4.881   19.391  1.00 37.91 ?  132 GLU A O      1 
ATOM   964  C CB     . GLU A 1 134 ? -5.024  4.956   16.870  1.00 36.73 ?  132 GLU A CB     1 
ATOM   965  C CG     . GLU A 1 134 ? -5.698  6.173   16.252  1.00 44.58 ?  132 GLU A CG     1 
ATOM   966  C CD     . GLU A 1 134 ? -6.849  5.819   15.334  1.00 51.58 ?  132 GLU A CD     1 
ATOM   967  O OE1    . GLU A 1 134 ? -7.105  4.608   15.127  1.00 49.25 ?  132 GLU A OE1    1 
ATOM   968  O OE2    . GLU A 1 134 ? -7.498  6.759   14.813  1.00 56.63 ?  132 GLU A OE2    1 
ATOM   969  N N      . VAL A 1 135 ? -2.767  3.098   18.045  1.00 29.88 ?  133 VAL A N      1 
ATOM   970  C CA     . VAL A 1 135 ? -2.240  2.261   19.109  1.00 30.41 ?  133 VAL A CA     1 
ATOM   971  C C      . VAL A 1 135 ? -0.834  2.720   19.516  1.00 36.18 ?  133 VAL A C      1 
ATOM   972  O O      . VAL A 1 135 ? -0.510  2.754   20.707  1.00 39.24 ?  133 VAL A O      1 
ATOM   973  C CB     . VAL A 1 135 ? -2.254  0.783   18.700  1.00 32.83 ?  133 VAL A CB     1 
ATOM   974  C CG1    . VAL A 1 135 ? -1.480  -0.060  19.706  1.00 32.60 ?  133 VAL A CG1    1 
ATOM   975  C CG2    . VAL A 1 135 ? -3.683  0.307   18.618  1.00 28.47 ?  133 VAL A CG2    1 
ATOM   976  N N      . ALA A 1 136 ? -0.010  3.084   18.537  1.00 34.11 ?  134 ALA A N      1 
ATOM   977  C CA     . ALA A 1 136 ? 1.354   3.525   18.832  1.00 38.31 ?  134 ALA A CA     1 
ATOM   978  C C      . ALA A 1 136 ? 1.358   4.826   19.634  1.00 39.26 ?  134 ALA A C      1 
ATOM   979  O O      . ALA A 1 136 ? 2.197   5.010   20.512  1.00 43.97 ?  134 ALA A O      1 
ATOM   980  C CB     . ALA A 1 136 ? 2.154   3.692   17.542  1.00 38.52 ?  134 ALA A CB     1 
ATOM   981  N N      . MET A 1 137 ? 0.423   5.722   19.341  0.90 38.27 ?  135 MET A N      1 
ATOM   982  C CA     . MET A 1 137 ? 0.352   6.994   20.059  0.90 43.38 ?  135 MET A CA     1 
ATOM   983  C C      . MET A 1 137 ? -0.050  6.812   21.523  0.90 46.22 ?  135 MET A C      1 
ATOM   984  O O      . MET A 1 137 ? 0.358   7.595   22.383  0.90 45.41 ?  135 MET A O      1 
ATOM   985  C CB     . MET A 1 137 ? -0.625  7.940   19.365  0.90 41.93 ?  135 MET A CB     1 
ATOM   986  C CG     . MET A 1 137 ? -0.029  8.663   18.165  0.90 44.70 ?  135 MET A CG     1 
ATOM   987  S SD     . MET A 1 137 ? -1.309  9.345   17.092  0.90 61.06 ?  135 MET A SD     1 
ATOM   988  C CE     . MET A 1 137 ? -2.642  9.567   18.274  0.90 50.55 ?  135 MET A CE     1 
ATOM   989  N N      . LEU A 1 138 ? -0.841  5.782   21.802  1.00 43.76 ?  136 LEU A N      1 
ATOM   990  C CA     . LEU A 1 138 ? -1.342  5.540   23.149  1.00 42.88 ?  136 LEU A CA     1 
ATOM   991  C C      . LEU A 1 138 ? -0.458  4.571   23.913  1.00 43.86 ?  136 LEU A C      1 
ATOM   992  O O      . LEU A 1 138 ? -0.849  4.064   24.966  1.00 48.55 ?  136 LEU A O      1 
ATOM   993  C CB     . LEU A 1 138 ? -2.772  5.002   23.106  1.00 43.22 ?  136 LEU A CB     1 
ATOM   994  C CG     . LEU A 1 138 ? -3.818  5.981   22.577  1.00 45.73 ?  136 LEU A CG     1 
ATOM   995  C CD1    . LEU A 1 138 ? -5.196  5.360   22.600  1.00 45.75 ?  136 LEU A CD1    1 
ATOM   996  C CD2    . LEU A 1 138 ? -3.783  7.273   23.383  1.00 49.62 ?  136 LEU A CD2    1 
ATOM   997  N N      . GLY A 1 139 ? 0.725   4.298   23.373  1.00 40.83 ?  137 GLY A N      1 
ATOM   998  C CA     . GLY A 1 139 ? 1.712   3.509   24.081  1.00 41.88 ?  137 GLY A CA     1 
ATOM   999  C C      . GLY A 1 139 ? 1.898   2.056   23.692  1.00 43.55 ?  137 GLY A C      1 
ATOM   1000 O O      . GLY A 1 139 ? 2.831   1.409   24.165  1.00 46.51 ?  137 GLY A O      1 
ATOM   1001 N N      . GLY A 1 140 ? 1.028   1.531   22.830  1.00 38.82 ?  138 GLY A N      1 
ATOM   1002 C CA     . GLY A 1 140 ? 1.063   0.115   22.507  1.00 35.39 ?  138 GLY A CA     1 
ATOM   1003 C C      . GLY A 1 140 ? 2.138   -0.302  21.523  1.00 36.94 ?  138 GLY A C      1 
ATOM   1004 O O      . GLY A 1 140 ? 2.539   0.478   20.661  1.00 39.23 ?  138 GLY A O      1 
ATOM   1005 N N      . ASP A 1 141 ? 2.600   -1.544  21.650  1.00 36.19 ?  139 ASP A N      1 
ATOM   1006 C CA     . ASP A 1 141 ? 3.687   -2.053  20.824  1.00 39.02 ?  139 ASP A CA     1 
ATOM   1007 C C      . ASP A 1 141 ? 3.174   -2.776  19.580  1.00 37.93 ?  139 ASP A C      1 
ATOM   1008 O O      . ASP A 1 141 ? 2.706   -3.912  19.648  1.00 34.18 ?  139 ASP A O      1 
ATOM   1009 C CB     . ASP A 1 141 ? 4.586   -2.986  21.642  1.00 40.14 ?  139 ASP A CB     1 
ATOM   1010 C CG     . ASP A 1 141 ? 5.721   -3.588  20.821  1.00 44.48 ?  139 ASP A CG     1 
ATOM   1011 O OD1    . ASP A 1 141 ? 6.006   -3.080  19.716  1.00 42.41 ?  139 ASP A OD1    1 
ATOM   1012 O OD2    . ASP A 1 141 ? 6.335   -4.579  21.288  1.00 49.76 ?  139 ASP A OD2    1 
ATOM   1013 N N      . VAL A 1 142 ? 3.303   -2.110  18.439  1.00 36.75 ?  140 VAL A N      1 
ATOM   1014 C CA     . VAL A 1 142 ? 2.895   -2.691  17.170  1.00 32.38 ?  140 VAL A CA     1 
ATOM   1015 C C      . VAL A 1 142 ? 4.103   -3.032  16.308  1.00 32.95 ?  140 VAL A C      1 
ATOM   1016 O O      . VAL A 1 142 ? 3.973   -3.177  15.110  1.00 29.61 ?  140 VAL A O      1 
ATOM   1017 C CB     . VAL A 1 142 ? 1.951   -1.743  16.407  1.00 32.95 ?  140 VAL A CB     1 
ATOM   1018 C CG1    . VAL A 1 142 ? 0.623   -1.612  17.138  1.00 35.58 ?  140 VAL A CG1    1 
ATOM   1019 C CG2    . VAL A 1 142 ? 2.598   -0.372  16.207  1.00 33.17 ?  140 VAL A CG2    1 
ATOM   1020 N N      . SER A 1 143 ? 5.285   -3.165  16.907  1.00 32.16 ?  141 SER A N      1 
ATOM   1021 C CA     . SER A 1 143 ? 6.489   -3.278  16.093  1.00 30.36 ?  141 SER A CA     1 
ATOM   1022 C C      . SER A 1 143 ? 6.553   -4.559  15.261  1.00 29.97 ?  141 SER A C      1 
ATOM   1023 O O      . SER A 1 143 ? 7.248   -4.602  14.249  1.00 32.91 ?  141 SER A O      1 
ATOM   1024 C CB     . SER A 1 143 ? 7.736   -3.185  16.986  1.00 33.36 ?  141 SER A CB     1 
ATOM   1025 O OG     . SER A 1 143 ? 7.733   -4.230  17.935  1.00 38.23 ?  141 SER A OG     1 
ATOM   1026 N N      . GLU A 1 144 ? 5.841   -5.602  15.680  1.00 29.65 ?  142 GLU A N      1 
ATOM   1027 C CA     . GLU A 1 144 ? 5.838   -6.860  14.939  1.00 30.55 ?  142 GLU A CA     1 
ATOM   1028 C C      . GLU A 1 144 ? 4.950   -6.779  13.692  1.00 27.11 ?  142 GLU A C      1 
ATOM   1029 O O      . GLU A 1 144 ? 4.894   -7.724  12.905  1.00 30.71 ?  142 GLU A O      1 
ATOM   1030 C CB     . GLU A 1 144 ? 5.352   -8.008  15.823  1.00 34.25 ?  142 GLU A CB     1 
ATOM   1031 C CG     . GLU A 1 144 ? 6.098   -8.175  17.138  1.00 41.97 ?  142 GLU A CG     1 
ATOM   1032 C CD     . GLU A 1 144 ? 5.419   -9.178  18.064  1.00 47.35 ?  142 GLU A CD     1 
ATOM   1033 O OE1    . GLU A 1 144 ? 5.398   -10.384 17.738  1.00 53.90 ?  142 GLU A OE1    1 
ATOM   1034 O OE2    . GLU A 1 144 ? 4.898   -8.759  19.116  1.00 53.80 ?  142 GLU A OE2    1 
ATOM   1035 N N      . LEU A 1 145 ? 4.262   -5.657  13.538  1.00 28.03 ?  143 LEU A N      1 
ATOM   1036 C CA     . LEU A 1 145 ? 3.281   -5.505  12.456  1.00 27.16 ?  143 LEU A CA     1 
ATOM   1037 C C      . LEU A 1 145 ? 3.734   -4.494  11.408  1.00 28.94 ?  143 LEU A C      1 
ATOM   1038 O O      . LEU A 1 145 ? 3.039   -4.251  10.428  1.00 24.55 ?  143 LEU A O      1 
ATOM   1039 C CB     . LEU A 1 145 ? 1.935   -5.071  13.038  1.00 25.50 ?  143 LEU A CB     1 
ATOM   1040 C CG     . LEU A 1 145 ? 1.416   -5.906  14.214  1.00 24.81 ?  143 LEU A CG     1 
ATOM   1041 C CD1    . LEU A 1 145 ? 0.138   -5.317  14.829  1.00 29.29 ?  143 LEU A CD1    1 
ATOM   1042 C CD2    . LEU A 1 145 ? 1.221   -7.329  13.783  1.00 26.91 ?  143 LEU A CD2    1 
ATOM   1043 N N      . LEU A 1 146 ? 4.906   -3.896  11.618  1.00 28.17 ?  144 LEU A N      1 
ATOM   1044 C CA     . LEU A 1 146 ? 5.413   -2.841  10.755  1.00 28.37 ?  144 LEU A CA     1 
ATOM   1045 C C      . LEU A 1 146 ? 6.845   -3.158  10.354  1.00 29.43 ?  144 LEU A C      1 
ATOM   1046 O O      . LEU A 1 146 ? 7.535   -3.867  11.084  1.00 30.28 ?  144 LEU A O      1 
ATOM   1047 C CB     . LEU A 1 146 ? 5.371   -1.482  11.461  1.00 28.08 ?  144 LEU A CB     1 
ATOM   1048 C CG     . LEU A 1 146 ? 4.064   -1.021  12.094  1.00 29.52 ?  144 LEU A CG     1 
ATOM   1049 C CD1    . LEU A 1 146 ? 4.307   0.271   12.841  1.00 31.72 ?  144 LEU A CD1    1 
ATOM   1050 C CD2    . LEU A 1 146 ? 3.017   -0.828  11.009  1.00 25.87 ?  144 LEU A CD2    1 
ATOM   1051 N N      . PRO A 1 147 ? 7.276   -2.665  9.181   1.00 28.20 ?  145 PRO A N      1 
ATOM   1052 C CA     . PRO A 1 147 ? 8.681   -2.860  8.801   1.00 32.40 ?  145 PRO A CA     1 
ATOM   1053 C C      . PRO A 1 147 ? 9.592   -2.125  9.780   1.00 31.62 ?  145 PRO A C      1 
ATOM   1054 O O      . PRO A 1 147 ? 9.151   -1.159  10.408  1.00 29.84 ?  145 PRO A O      1 
ATOM   1055 C CB     . PRO A 1 147 ? 8.761   -2.250  7.398   1.00 32.48 ?  145 PRO A CB     1 
ATOM   1056 C CG     . PRO A 1 147 ? 7.331   -2.208  6.911   1.00 31.55 ?  145 PRO A CG     1 
ATOM   1057 C CD     . PRO A 1 147 ? 6.509   -1.970  8.130   1.00 27.90 ?  145 PRO A CD     1 
ATOM   1058 N N      . GLU A 1 148 ? 10.841  -2.561  9.897   1.00 36.61 ?  146 GLU A N      1 
ATOM   1059 C CA     . GLU A 1 148 ? 11.769  -1.898  10.811  1.00 37.08 ?  146 GLU A CA     1 
ATOM   1060 C C      . GLU A 1 148 ? 12.019  -0.427  10.441  1.00 39.26 ?  146 GLU A C      1 
ATOM   1061 O O      . GLU A 1 148 ? 12.124  0.423   11.324  1.00 39.67 ?  146 GLU A O      1 
ATOM   1062 C CB     . GLU A 1 148 ? 13.092  -2.657  10.877  1.00 41.56 ?  146 GLU A CB     1 
ATOM   1063 C CG     . GLU A 1 148 ? 13.926  -2.266  12.087  1.00 44.47 ?  146 GLU A CG     1 
ATOM   1064 C CD     . GLU A 1 148 ? 13.121  -2.277  13.383  1.00 47.19 ?  146 GLU A CD     1 
ATOM   1065 O OE1    . GLU A 1 148 ? 12.176  -3.096  13.510  1.00 47.28 ?  146 GLU A OE1    1 
ATOM   1066 O OE2    . GLU A 1 148 ? 13.428  -1.462  14.281  1.00 50.52 ?  146 GLU A OE2    1 
ATOM   1067 N N      . PRO A 1 149 ? 12.106  -0.114  9.136   1.00 36.19 ?  147 PRO A N      1 
ATOM   1068 C CA     . PRO A 1 149 ? 12.194  1.291   8.725   1.00 36.44 ?  147 PRO A CA     1 
ATOM   1069 C C      . PRO A 1 149 ? 11.057  2.161   9.254   1.00 38.52 ?  147 PRO A C      1 
ATOM   1070 O O      . PRO A 1 149 ? 11.253  3.347   9.526   1.00 37.17 ?  147 PRO A O      1 
ATOM   1071 C CB     . PRO A 1 149 ? 12.157  1.207   7.189   1.00 36.58 ?  147 PRO A CB     1 
ATOM   1072 C CG     . PRO A 1 149 ? 12.779  -0.109  6.892   1.00 38.06 ?  147 PRO A CG     1 
ATOM   1073 C CD     . PRO A 1 149 ? 12.362  -1.035  8.016   1.00 37.69 ?  147 PRO A CD     1 
ATOM   1074 N N      . VAL A 1 150 ? 9.866   1.586   9.395   1.00 31.99 ?  148 VAL A N      1 
ATOM   1075 C CA     . VAL A 1 150 ? 8.755   2.325   9.958   1.00 31.35 ?  148 VAL A CA     1 
ATOM   1076 C C      . VAL A 1 150 ? 8.867   2.416   11.482  1.00 31.90 ?  148 VAL A C      1 
ATOM   1077 O O      . VAL A 1 150 ? 8.596   3.462   12.068  1.00 34.37 ?  148 VAL A O      1 
ATOM   1078 C CB     . VAL A 1 150 ? 7.423   1.687   9.552   1.00 31.20 ?  148 VAL A CB     1 
ATOM   1079 C CG1    . VAL A 1 150 ? 6.278   2.426   10.214  1.00 29.94 ?  148 VAL A CG1    1 
ATOM   1080 C CG2    . VAL A 1 150 ? 7.305   1.718   8.032   1.00 34.00 ?  148 VAL A CG2    1 
ATOM   1081 N N      . ASN A 1 151 ? 9.247   1.312   12.113  1.00 32.60 ?  149 ASN A N      1 
ATOM   1082 C CA     . ASN A 1 151 ? 9.394   1.295   13.569  1.00 32.96 ?  149 ASN A CA     1 
ATOM   1083 C C      . ASN A 1 151 ? 10.385  2.380   13.997  1.00 39.10 ?  149 ASN A C      1 
ATOM   1084 O O      . ASN A 1 151 ? 10.106  3.168   14.896  1.00 39.21 ?  149 ASN A O      1 
ATOM   1085 C CB     . ASN A 1 151 ? 9.848   -0.078  14.055  1.00 33.53 ?  149 ASN A CB     1 
ATOM   1086 C CG     . ASN A 1 151 ? 8.761   -1.128  13.918  1.00 34.52 ?  149 ASN A CG     1 
ATOM   1087 O OD1    . ASN A 1 151 ? 7.579   -0.819  14.044  1.00 33.42 ?  149 ASN A OD1    1 
ATOM   1088 N ND2    . ASN A 1 151 ? 9.154   -2.365  13.662  1.00 33.47 ?  149 ASN A ND2    1 
ATOM   1089 N N      . ARG A 1 152 ? 11.527  2.435   13.319  1.00 40.43 ?  150 ARG A N      1 
ATOM   1090 C CA     . ARG A 1 152 ? 12.546  3.445   13.618  1.00 41.04 ?  150 ARG A CA     1 
ATOM   1091 C C      . ARG A 1 152 ? 11.985  4.863   13.614  1.00 42.03 ?  150 ARG A C      1 
ATOM   1092 O O      . ARG A 1 152 ? 12.233  5.638   14.538  1.00 43.12 ?  150 ARG A O      1 
ATOM   1093 C CB     . ARG A 1 152 ? 13.703  3.348   12.623  1.00 42.18 ?  150 ARG A CB     1 
ATOM   1094 C CG     . ARG A 1 152 ? 14.442  2.030   12.680  1.00 47.17 ?  150 ARG A CG     1 
ATOM   1095 C CD     . ARG A 1 152 ? 15.814  2.121   12.022  1.00 52.93 ?  150 ARG A CD     1 
ATOM   1096 N NE     . ARG A 1 152 ? 16.072  0.975   11.151  1.00 53.83 ?  150 ARG A NE     1 
ATOM   1097 C CZ     . ARG A 1 152 ? 16.069  1.034   9.821   1.00 54.62 ?  150 ARG A CZ     1 
ATOM   1098 N NH1    . ARG A 1 152 ? 16.304  -0.061  9.103   1.00 52.58 ?  150 ARG A NH1    1 
ATOM   1099 N NH2    . ARG A 1 152 ? 15.838  2.192   9.206   1.00 50.11 ?  150 ARG A NH2    1 
ATOM   1100 N N      . ARG A 1 153 ? 11.227  5.203   12.574  1.00 37.17 ?  151 ARG A N      1 
ATOM   1101 C CA     . ARG A 1 153 ? 10.660  6.542   12.432  1.00 39.79 ?  151 ARG A CA     1 
ATOM   1102 C C      . ARG A 1 153 ? 9.526   6.775   13.410  1.00 40.73 ?  151 ARG A C      1 
ATOM   1103 O O      . ARG A 1 153 ? 9.303   7.893   13.886  1.00 43.62 ?  151 ARG A O      1 
ATOM   1104 C CB     . ARG A 1 153 ? 10.165  6.759   10.997  1.00 37.94 ?  151 ARG A CB     1 
ATOM   1105 C CG     . ARG A 1 153 ? 11.286  6.779   9.974   1.00 43.15 ?  151 ARG A CG     1 
ATOM   1106 C CD     . ARG A 1 153 ? 10.768  7.113   8.595   1.00 43.60 ?  151 ARG A CD     1 
ATOM   1107 N NE     . ARG A 1 153 ? 11.851  7.422   7.667   1.00 42.92 ?  151 ARG A NE     1 
ATOM   1108 C CZ     . ARG A 1 153 ? 12.705  6.524   7.186   1.00 44.61 ?  151 ARG A CZ     1 
ATOM   1109 N NH1    . ARG A 1 153 ? 12.616  5.253   7.552   1.00 42.37 ?  151 ARG A NH1    1 
ATOM   1110 N NH2    . ARG A 1 153 ? 13.659  6.900   6.340   1.00 44.30 ?  151 ARG A NH2    1 
ATOM   1111 N N      . LEU A 1 154 ? 8.797   5.708   13.699  1.00 38.35 ?  152 LEU A N      1 
ATOM   1112 C CA     . LEU A 1 154 ? 7.705   5.776   14.646  1.00 39.86 ?  152 LEU A CA     1 
ATOM   1113 C C      . LEU A 1 154 ? 8.269   6.053   16.040  1.00 44.66 ?  152 LEU A C      1 
ATOM   1114 O O      . LEU A 1 154 ? 7.754   6.898   16.776  1.00 46.90 ?  152 LEU A O      1 
ATOM   1115 C CB     . LEU A 1 154 ? 6.911   4.475   14.619  1.00 44.03 ?  152 LEU A CB     1 
ATOM   1116 C CG     . LEU A 1 154 ? 5.429   4.539   14.954  1.00 44.66 ?  152 LEU A CG     1 
ATOM   1117 C CD1    . LEU A 1 154 ? 4.760   5.713   14.269  1.00 40.29 ?  152 LEU A CD1    1 
ATOM   1118 C CD2    . LEU A 1 154 ? 4.796   3.227   14.537  1.00 41.48 ?  152 LEU A CD2    1 
ATOM   1119 N N      . ARG A 1 155 ? 9.334   5.342   16.385  1.00 43.48 ?  153 ARG A N      1 
ATOM   1120 C CA     . ARG A 1 155 ? 10.003  5.534   17.669  1.00 48.07 ?  153 ARG A CA     1 
ATOM   1121 C C      . ARG A 1 155 ? 10.500  6.964   17.838  1.00 51.72 ?  153 ARG A C      1 
ATOM   1122 O O      . ARG A 1 155 ? 10.333  7.564   18.898  1.00 54.69 ?  153 ARG A O      1 
ATOM   1123 C CB     . ARG A 1 155 ? 11.169  4.557   17.822  1.00 46.99 ?  153 ARG A CB     1 
ATOM   1124 C CG     . ARG A 1 155 ? 10.724  3.127   18.017  1.00 47.81 ?  153 ARG A CG     1 
ATOM   1125 C CD     . ARG A 1 155 ? 11.879  2.143   18.044  1.00 47.16 ?  153 ARG A CD     1 
ATOM   1126 N NE     . ARG A 1 155 ? 11.367  0.780   18.114  1.00 47.11 ?  153 ARG A NE     1 
ATOM   1127 C CZ     . ARG A 1 155 ? 11.696  -0.192  17.270  1.00 46.83 ?  153 ARG A CZ     1 
ATOM   1128 N NH1    . ARG A 1 155 ? 11.165  -1.399  17.416  1.00 44.94 ?  153 ARG A NH1    1 
ATOM   1129 N NH2    . ARG A 1 155 ? 12.561  0.039   16.287  1.00 44.92 ?  153 ARG A NH2    1 
ATOM   1130 N N      . ASP A 1 156 ? 11.115  7.507   16.794  1.00 48.46 ?  154 ASP A N      1 
ATOM   1131 C CA     . ASP A 1 156 ? 11.671  8.851   16.873  1.00 53.23 ?  154 ASP A CA     1 
ATOM   1132 C C      . ASP A 1 156 ? 10.612  9.880   17.243  1.00 56.67 ?  154 ASP A C      1 
ATOM   1133 O O      . ASP A 1 156 ? 10.835  10.726  18.105  1.00 58.46 ?  154 ASP A O      1 
ATOM   1134 C CB     . ASP A 1 156 ? 12.332  9.238   15.551  1.00 53.14 ?  154 ASP A CB     1 
ATOM   1135 C CG     . ASP A 1 156 ? 13.585  8.429   15.269  1.00 57.60 ?  154 ASP A CG     1 
ATOM   1136 O OD1    . ASP A 1 156 ? 14.013  7.656   16.158  1.00 60.23 ?  154 ASP A OD1    1 
ATOM   1137 O OD2    . ASP A 1 156 ? 14.147  8.574   14.160  1.00 63.77 ?  154 ASP A OD2    1 
ATOM   1138 N N      . ARG A 1 157 ? 9.456   9.808   16.599  1.00 55.46 ?  155 ARG A N      1 
ATOM   1139 C CA     . ARG A 1 157 ? 8.402   10.778  16.861  1.00 57.70 ?  155 ARG A CA     1 
ATOM   1140 C C      . ARG A 1 157 ? 7.833   10.648  18.271  1.00 63.39 ?  155 ARG A C      1 
ATOM   1141 O O      . ARG A 1 157 ? 7.551   11.651  18.925  1.00 65.76 ?  155 ARG A O      1 
ATOM   1142 C CB     . ARG A 1 157 ? 7.290   10.640  15.829  1.00 57.26 ?  155 ARG A CB     1 
ATOM   1143 C CG     . ARG A 1 157 ? 7.540   11.444  14.570  1.00 57.18 ?  155 ARG A CG     1 
ATOM   1144 C CD     . ARG A 1 157 ? 6.568   11.048  13.487  1.00 55.97 ?  155 ARG A CD     1 
ATOM   1145 N NE     . ARG A 1 157 ? 6.100   12.194  12.714  1.00 58.03 ?  155 ARG A NE     1 
ATOM   1146 C CZ     . ARG A 1 157 ? 5.035   12.921  13.035  1.00 54.62 ?  155 ARG A CZ     1 
ATOM   1147 N NH1    . ARG A 1 157 ? 4.331   12.627  14.120  1.00 56.61 ?  155 ARG A NH1    1 
ATOM   1148 N NH2    . ARG A 1 157 ? 4.673   13.943  12.273  1.00 57.06 ?  155 ARG A NH2    1 
ATOM   1149 N N      . LEU A 1 158 ? 7.670   9.418   18.744  1.00 63.15 ?  156 LEU A N      1 
ATOM   1150 C CA     . LEU A 1 158 ? 7.122   9.194   20.077  1.00 63.93 ?  156 LEU A CA     1 
ATOM   1151 C C      . LEU A 1 158 ? 8.082   9.729   21.139  1.00 65.84 ?  156 LEU A C      1 
ATOM   1152 O O      . LEU A 1 158 ? 7.668   10.081  22.244  1.00 68.33 ?  156 LEU A O      1 
ATOM   1153 C CB     . LEU A 1 158 ? 6.834   7.704   20.302  1.00 64.43 ?  156 LEU A CB     1 
ATOM   1154 C CG     . LEU A 1 158 ? 6.012   7.290   21.533  1.00 67.24 ?  156 LEU A CG     1 
ATOM   1155 C CD1    . LEU A 1 158 ? 6.829   7.374   22.825  1.00 67.67 ?  156 LEU A CD1    1 
ATOM   1156 C CD2    . LEU A 1 158 ? 4.738   8.123   21.643  1.00 64.93 ?  156 LEU A CD2    1 
ATOM   1157 N N      . ASN A 1 159 ? 9.364   9.792   20.798  1.00 63.88 ?  157 ASN A N      1 
ATOM   1158 C CA     . ASN A 1 159 ? 10.366  10.306  21.723  1.00 64.56 ?  157 ASN A CA     1 
ATOM   1159 C C      . ASN A 1 159 ? 10.550  11.814  21.547  1.00 66.19 ?  157 ASN A C      1 
ATOM   1160 O O      . ASN A 1 159 ? 11.404  12.430  22.185  1.00 66.58 ?  157 ASN A O      1 
ATOM   1161 C CB     . ASN A 1 159 ? 11.699  9.578   21.532  1.00 60.33 ?  157 ASN A CB     1 
ATOM   1162 C CG     . ASN A 1 159 ? 11.634  8.113   21.946  1.00 61.92 ?  157 ASN A CG     1 
ATOM   1163 O OD1    . ASN A 1 159 ? 10.746  7.707   22.694  1.00 63.60 ?  157 ASN A OD1    1 
ATOM   1164 N ND2    . ASN A 1 159 ? 12.582  7.315   21.461  1.00 52.37 ?  157 ASN A ND2    1 
HETATM 1165 C "C1'"  . IOP B 2 .   ? -4.635  -2.277  4.460   1.00 36.68 ?  201 IOP A "C1'"  1 
HETATM 1166 O O1     . IOP B 2 .   ? -5.881  -2.191  4.273   1.00 37.42 ?  201 IOP A O1     1 
HETATM 1167 O O2     . IOP B 2 .   ? -4.062  -1.414  5.194   1.00 39.14 -1 201 IOP A O2     1 
HETATM 1168 C "C2'"  . IOP B 2 .   ? -3.798  -3.367  3.852   1.00 40.85 ?  201 IOP A "C2'"  1 
HETATM 1169 C "C3'"  . IOP B 2 .   ? -4.270  -3.813  2.495   1.00 36.26 ?  201 IOP A "C3'"  1 
HETATM 1170 N N1     . IOP B 2 .   ? -4.732  -1.072  0.050   1.00 42.10 ?  201 IOP A N1     1 
HETATM 1171 C C2     . IOP B 2 .   ? -5.110  -1.729  1.160   1.00 39.97 ?  201 IOP A C2     1 
HETATM 1172 C C3     . IOP B 2 .   ? -4.221  -2.777  1.380   1.00 38.24 ?  201 IOP A C3     1 
HETATM 1173 C C3A    . IOP B 2 .   ? -3.289  -2.734  0.324   1.00 34.01 ?  201 IOP A C3A    1 
HETATM 1174 C C4     . IOP B 2 .   ? -2.188  -3.499  0.015   1.00 31.33 ?  201 IOP A C4     1 
HETATM 1175 C C5     . IOP B 2 .   ? -1.430  -3.186  -1.105  1.00 35.14 ?  201 IOP A C5     1 
HETATM 1176 C C6     . IOP B 2 .   ? -1.781  -2.113  -1.914  1.00 35.25 ?  201 IOP A C6     1 
HETATM 1177 C C7     . IOP B 2 .   ? -2.876  -1.341  -1.604  1.00 35.76 ?  201 IOP A C7     1 
HETATM 1178 C C7A    . IOP B 2 .   ? -3.631  -1.652  -0.476  1.00 34.65 ?  201 IOP A C7A    1 
HETATM 1179 H "H2'1" . IOP B 2 .   ? -2.888  -3.054  3.770   1.00 49.02 ?  201 IOP A "H2'1" 1 
HETATM 1180 H "H2'2" . IOP B 2 .   ? -3.816  -4.138  4.464   1.00 49.02 ?  201 IOP A "H2'2" 1 
HETATM 1181 H "H3'1" . IOP B 2 .   ? -3.717  -4.554  2.224   1.00 43.51 ?  201 IOP A "H3'1" 1 
HETATM 1182 H "H3'2" . IOP B 2 .   ? -5.205  -4.141  2.580   1.00 43.51 ?  201 IOP A "H3'2" 1 
HETATM 1183 H HN1    . IOP B 2 .   ? -5.152  -0.347  -0.292  1.00 50.52 ?  201 IOP A HN1    1 
HETATM 1184 H H2     . IOP B 2 .   ? -5.868  -1.511  1.708   1.00 47.97 ?  201 IOP A H2     1 
HETATM 1185 H H4     . IOP B 2 .   ? -1.945  -4.260  0.575   1.00 37.59 ?  201 IOP A H4     1 
HETATM 1186 H H5     . IOP B 2 .   ? -0.672  -3.723  -1.330  1.00 42.17 ?  201 IOP A H5     1 
HETATM 1187 H H6     . IOP B 2 .   ? -1.246  -1.901  -2.692  1.00 42.30 ?  201 IOP A H6     1 
HETATM 1188 H H7     . IOP B 2 .   ? -3.115  -0.582  -2.164  1.00 42.91 ?  201 IOP A H7     1 
HETATM 1189 O O      . HOH C 3 .   ? -3.691  15.346  -1.152  1.00 65.89 ?  301 HOH A O      1 
HETATM 1190 O O      . HOH C 3 .   ? -4.065  0.552   6.033   1.00 26.57 ?  302 HOH A O      1 
HETATM 1191 O O      . HOH C 3 .   ? -8.741  -6.518  -18.675 1.00 43.42 ?  303 HOH A O      1 
HETATM 1192 O O      . HOH C 3 .   ? -3.972  13.517  9.109   1.00 59.93 ?  304 HOH A O      1 
HETATM 1193 O O      . HOH C 3 .   ? -6.863  12.160  -12.467 1.00 42.06 ?  305 HOH A O      1 
HETATM 1194 O O      . HOH C 3 .   ? -8.193  -2.740  2.991   1.00 36.24 ?  306 HOH A O      1 
HETATM 1195 O O      . HOH C 3 .   ? 8.790   -4.682  20.954  1.00 52.19 ?  307 HOH A O      1 
HETATM 1196 O O      . HOH C 3 .   ? -8.263  0.780   10.764  1.00 40.62 ?  308 HOH A O      1 
HETATM 1197 O O      . HOH C 3 .   ? -3.899  -14.925 1.162   1.00 37.68 ?  309 HOH A O      1 
HETATM 1198 O O      . HOH C 3 .   ? -7.761  -10.288 11.625  1.00 27.09 ?  310 HOH A O      1 
HETATM 1199 O O      . HOH C 3 .   ? 8.299   12.114  11.436  1.00 56.06 ?  311 HOH A O      1 
HETATM 1200 O O      . HOH C 3 .   ? 7.690   -11.429 -4.121  1.00 42.94 ?  312 HOH A O      1 
HETATM 1201 O O      . HOH C 3 .   ? 9.150   -5.717  11.885  1.00 40.88 ?  313 HOH A O      1 
HETATM 1202 O O      . HOH C 3 .   ? 13.839  -4.795  2.264   1.00 41.91 ?  314 HOH A O      1 
HETATM 1203 O O      . HOH C 3 .   ? -3.763  9.968   -11.936 1.00 43.92 ?  315 HOH A O      1 
HETATM 1204 O O      . HOH C 3 .   ? 4.302   -12.217 0.895   1.00 37.83 ?  316 HOH A O      1 
HETATM 1205 O O      . HOH C 3 .   ? 6.431   -9.631  11.939  1.00 43.29 ?  317 HOH A O      1 
HETATM 1206 O O      . HOH C 3 .   ? -2.167  -2.690  6.562   1.00 29.56 ?  318 HOH A O      1 
HETATM 1207 O O      . HOH C 3 .   ? -9.552  5.763   -10.396 1.00 29.10 ?  319 HOH A O      1 
HETATM 1208 O O      . HOH C 3 .   ? -11.391 -2.067  -11.439 1.00 24.24 ?  320 HOH A O      1 
HETATM 1209 O O      . HOH C 3 .   ? -16.578 -4.677  -13.930 1.00 33.07 ?  321 HOH A O      1 
HETATM 1210 O O      . HOH C 3 .   ? -20.329 4.441   -1.202  1.00 39.24 ?  322 HOH A O      1 
HETATM 1211 O O      . HOH C 3 .   ? 1.621   -11.197 -15.144 0.50 44.23 ?  323 HOH A O      1 
HETATM 1212 O O      . HOH C 3 .   ? -2.270  5.232   5.345   1.00 37.21 ?  324 HOH A O      1 
HETATM 1213 O O      . HOH C 3 .   ? 11.859  -0.385  -3.655  1.00 44.05 ?  325 HOH A O      1 
HETATM 1214 O O      . HOH C 3 .   ? -4.357  11.677  1.154   1.00 58.18 ?  326 HOH A O      1 
HETATM 1215 O O      . HOH C 3 .   ? -3.276  -5.419  7.009   1.00 28.92 ?  327 HOH A O      1 
HETATM 1216 O O      . HOH C 3 .   ? 0.368   -11.120 14.204  1.00 40.34 ?  328 HOH A O      1 
HETATM 1217 O O      . HOH C 3 .   ? -7.870  -2.368  0.230   1.00 40.41 ?  329 HOH A O      1 
HETATM 1218 O O      . HOH C 3 .   ? -12.512 -6.352  -9.097  1.00 25.25 ?  330 HOH A O      1 
HETATM 1219 O O      . HOH C 3 .   ? 5.137   4.708   4.132   1.00 30.06 ?  331 HOH A O      1 
HETATM 1220 O O      . HOH C 3 .   ? 11.958  -3.862  16.445  1.00 46.09 ?  332 HOH A O      1 
HETATM 1221 O O      . HOH C 3 .   ? 7.213   -11.291 -11.974 1.00 48.41 ?  333 HOH A O      1 
HETATM 1222 O O      . HOH C 3 .   ? -11.138 -0.812  -5.325  1.00 25.54 ?  334 HOH A O      1 
HETATM 1223 O O      . HOH C 3 .   ? -3.033  9.719   6.421   1.00 48.60 ?  335 HOH A O      1 
HETATM 1224 O O      . HOH C 3 .   ? -11.091 -0.172  3.462   1.00 39.31 ?  336 HOH A O      1 
HETATM 1225 O O      . HOH C 3 .   ? -13.489 -6.296  6.834   1.00 38.16 ?  337 HOH A O      1 
HETATM 1226 O O      . HOH C 3 .   ? -17.925 -1.894  -14.156 1.00 30.62 ?  338 HOH A O      1 
HETATM 1227 O O      . HOH C 3 .   ? -1.577  -4.333  -16.488 1.00 37.41 ?  339 HOH A O      1 
HETATM 1228 O O      . HOH C 3 .   ? -10.019 0.017   -7.751  1.00 24.83 ?  340 HOH A O      1 
HETATM 1229 O O      . HOH C 3 .   ? -16.517 -5.343  4.291   1.00 37.60 ?  341 HOH A O      1 
HETATM 1230 O O      . HOH C 3 .   ? -4.043  -15.740 -1.313  1.00 27.46 ?  342 HOH A O      1 
HETATM 1231 O O      . HOH C 3 .   ? -2.217  2.835   2.302   1.00 39.84 ?  343 HOH A O      1 
HETATM 1232 O O      . HOH C 3 .   ? -11.536 0.466   6.181   1.00 44.61 ?  344 HOH A O      1 
HETATM 1233 O O      . HOH C 3 .   ? -8.352  2.669   13.408  1.00 43.40 ?  345 HOH A O      1 
HETATM 1234 O O      . HOH C 3 .   ? 11.801  -5.008  8.658   1.00 39.57 ?  346 HOH A O      1 
HETATM 1235 O O      . HOH C 3 .   ? 1.915   -3.150  23.974  1.00 38.63 ?  347 HOH A O      1 
HETATM 1236 O O      . HOH C 3 .   ? -0.030  14.369  5.543   1.00 55.66 ?  348 HOH A O      1 
HETATM 1237 O O      . HOH C 3 .   ? -7.716  6.765   -17.414 1.00 43.41 ?  349 HOH A O      1 
HETATM 1238 O O      . HOH C 3 .   ? 14.151  -0.431  -2.502  1.00 45.81 ?  350 HOH A O      1 
HETATM 1239 O O      . HOH C 3 .   ? -6.633  -10.941 5.481   1.00 31.48 ?  351 HOH A O      1 
HETATM 1240 O O      . HOH C 3 .   ? 4.353   16.155  2.466   1.00 53.73 ?  352 HOH A O      1 
HETATM 1241 O O      . HOH C 3 .   ? -12.522 -0.385  9.604   1.00 42.31 ?  353 HOH A O      1 
HETATM 1242 O O      . HOH C 3 .   ? -1.971  -7.838  11.836  1.00 25.79 ?  354 HOH A O      1 
HETATM 1243 O O      . HOH C 3 .   ? -5.639  2.761   7.669   1.00 33.74 ?  355 HOH A O      1 
HETATM 1244 O O      . HOH C 3 .   ? -6.764  -4.748  -19.969 1.00 47.51 ?  356 HOH A O      1 
HETATM 1245 O O      . HOH C 3 .   ? -5.257  7.253   12.885  1.00 45.61 ?  357 HOH A O      1 
HETATM 1246 O O      . HOH C 3 .   ? 9.662   -4.865  4.935   1.00 44.00 ?  358 HOH A O      1 
HETATM 1247 O O      . HOH C 3 .   ? -9.754  4.284   -6.994  1.00 35.81 ?  359 HOH A O      1 
HETATM 1248 O O      . HOH C 3 .   ? -6.838  -13.837 10.191  0.50 37.99 ?  360 HOH A O      1 
HETATM 1249 O O      . HOH C 3 .   ? -0.013  -15.776 8.895   1.00 31.88 ?  361 HOH A O      1 
HETATM 1250 O O      . HOH C 3 .   ? -21.532 -5.522  -9.515  1.00 33.61 ?  362 HOH A O      1 
HETATM 1251 O O      . HOH C 3 .   ? -3.005  2.937   4.382   1.00 43.04 ?  363 HOH A O      1 
HETATM 1252 O O      . HOH C 3 .   ? -2.514  10.541  11.375  1.00 49.24 ?  364 HOH A O      1 
HETATM 1253 O O      . HOH C 3 .   ? -4.892  4.021   1.791   1.00 48.19 ?  365 HOH A O      1 
HETATM 1254 O O      . HOH C 3 .   ? 14.225  4.374   16.732  1.00 50.80 ?  366 HOH A O      1 
HETATM 1255 O O      . HOH C 3 .   ? -8.130  2.930   8.062   1.00 46.53 ?  367 HOH A O      1 
HETATM 1256 O O      . HOH C 3 .   ? -8.286  1.605   -6.462  1.00 31.86 ?  368 HOH A O      1 
HETATM 1257 O O      . HOH C 3 .   ? -9.269  7.000   -7.615  1.00 29.55 ?  369 HOH A O      1 
HETATM 1258 O O      . HOH C 3 .   ? -9.970  -10.260 5.499   1.00 45.13 ?  370 HOH A O      1 
HETATM 1259 O O      . HOH C 3 .   ? 3.176   -11.532 15.092  1.00 48.86 ?  371 HOH A O      1 
HETATM 1260 O O      . HOH C 3 .   ? -8.600  -11.543 6.787   1.00 39.05 ?  372 HOH A O      1 
HETATM 1261 O O      . HOH C 3 .   ? 11.604  -4.124  6.225   1.00 46.30 ?  373 HOH A O      1 
# 
